data_2QKL
# 
_entry.id   2QKL 
# 
_audit_conform.dict_name       mmcif_pdbx.dic 
_audit_conform.dict_version    5.387 
_audit_conform.dict_location   http://mmcif.pdb.org/dictionaries/ascii/mmcif_pdbx.dic 
# 
loop_
_database_2.database_id 
_database_2.database_code 
_database_2.pdbx_database_accession 
_database_2.pdbx_DOI 
PDB   2QKL         pdb_00002qkl 10.2210/pdb2qkl/pdb 
RCSB  RCSB043715   ?            ?                   
WWPDB D_1000043715 ?            ?                   
# 
loop_
_pdbx_audit_revision_history.ordinal 
_pdbx_audit_revision_history.data_content_type 
_pdbx_audit_revision_history.major_revision 
_pdbx_audit_revision_history.minor_revision 
_pdbx_audit_revision_history.revision_date 
1 'Structure model' 1 0 2008-03-25 
2 'Structure model' 1 1 2011-07-13 
3 'Structure model' 1 2 2024-02-21 
# 
_pdbx_audit_revision_details.ordinal             1 
_pdbx_audit_revision_details.revision_ordinal    1 
_pdbx_audit_revision_details.data_content_type   'Structure model' 
_pdbx_audit_revision_details.provider            repository 
_pdbx_audit_revision_details.type                'Initial release' 
_pdbx_audit_revision_details.description         ? 
_pdbx_audit_revision_details.details             ? 
# 
loop_
_pdbx_audit_revision_group.ordinal 
_pdbx_audit_revision_group.revision_ordinal 
_pdbx_audit_revision_group.data_content_type 
_pdbx_audit_revision_group.group 
1 2 'Structure model' Advisory                    
2 2 'Structure model' 'Version format compliance' 
3 3 'Structure model' 'Data collection'           
4 3 'Structure model' 'Database references'       
# 
loop_
_pdbx_audit_revision_category.ordinal 
_pdbx_audit_revision_category.revision_ordinal 
_pdbx_audit_revision_category.data_content_type 
_pdbx_audit_revision_category.category 
1 3 'Structure model' chem_comp_atom 
2 3 'Structure model' chem_comp_bond 
3 3 'Structure model' database_2     
# 
loop_
_pdbx_audit_revision_item.ordinal 
_pdbx_audit_revision_item.revision_ordinal 
_pdbx_audit_revision_item.data_content_type 
_pdbx_audit_revision_item.item 
1 3 'Structure model' '_database_2.pdbx_DOI'                
2 3 'Structure model' '_database_2.pdbx_database_accession' 
# 
_pdbx_database_status.entry_id                        2QKL 
_pdbx_database_status.deposit_site                    RCSB 
_pdbx_database_status.process_site                    RCSB 
_pdbx_database_status.recvd_initial_deposition_date   2007-07-11 
_pdbx_database_status.status_code                     REL 
_pdbx_database_status.status_code_sf                  REL 
_pdbx_database_status.status_code_mr                  ? 
_pdbx_database_status.SG_entry                        ? 
_pdbx_database_status.pdb_format_compatible           Y 
_pdbx_database_status.status_code_cs                  ? 
_pdbx_database_status.status_code_nmr_data            ? 
_pdbx_database_status.methods_development_category    ? 
# 
loop_
_audit_author.name 
_audit_author.pdbx_ordinal 
'She, M.'  1 
'Chen, N.' 2 
'Song, H.' 3 
# 
_citation.id                        primary 
_citation.title                     'Structural basis of dcp2 recognition and activation by dcp1.' 
_citation.journal_abbrev            Mol.Cell 
_citation.journal_volume            29 
_citation.page_first                337 
_citation.page_last                 349 
_citation.year                      2008 
_citation.journal_id_ASTM           MOCEFL 
_citation.country                   US 
_citation.journal_id_ISSN           1097-2765 
_citation.journal_id_CSD            2168 
_citation.book_publisher            ? 
_citation.pdbx_database_id_PubMed   18280239 
_citation.pdbx_database_id_DOI      10.1016/j.molcel.2008.01.002 
# 
loop_
_citation_author.citation_id 
_citation_author.name 
_citation_author.ordinal 
_citation_author.identifier_ORCID 
primary 'She, M.'       1 ? 
primary 'Decker, C.J.'  2 ? 
primary 'Svergun, D.I.' 3 ? 
primary 'Round, A.'     4 ? 
primary 'Chen, N.'      5 ? 
primary 'Muhlrad, D.'   6 ? 
primary 'Parker, R.'    7 ? 
primary 'Song, H.'      8 ? 
# 
loop_
_entity.id 
_entity.type 
_entity.src_method 
_entity.pdbx_description 
_entity.formula_weight 
_entity.pdbx_number_of_molecules 
_entity.pdbx_ec 
_entity.pdbx_mutation 
_entity.pdbx_fragment 
_entity.details 
1 polymer     man 'SPBC3B9.21 protein'  15002.142 1  ?        ? ?               ? 
2 polymer     man 'SPAC19A8.12 protein' 11302.781 1  3.6.1.30 ? 'Residues 1-95' ? 
3 non-polymer syn 'LEAD (II) ION'       207.200   1  ?        ? ?               ? 
4 water       nat water                 18.015    42 ?        ? ?               ? 
# 
_entity_name_com.entity_id   1 
_entity_name_com.name        'Dcp1 protein' 
# 
loop_
_entity_poly.entity_id 
_entity_poly.type 
_entity_poly.nstd_linkage 
_entity_poly.nstd_monomer 
_entity_poly.pdbx_seq_one_letter_code 
_entity_poly.pdbx_seq_one_letter_code_can 
_entity_poly.pdbx_strand_id 
_entity_poly.pdbx_target_identifier 
1 'polypeptide(L)' no no 
;MEDENILRNAVNLQVLKFHYPEIESIIDIASHVAVYQFDVGSQKWLKTSIEGTFFLVKDQRARVGYVILNRNSPENLYLF
INHPSNVHLVDRYLIHRTENQHVVGLWMFDPNDMSRIFNIVKESLLR
;
;MEDENILRNAVNLQVLKFHYPEIESIIDIASHVAVYQFDVGSQKWLKTSIEGTFFLVKDQRARVGYVILNRNSPENLYLF
INHPSNVHLVDRYLIHRTENQHVVGLWMFDPNDMSRIFNIVKESLLR
;
A ? 
2 'polypeptide(L)' no no 
;MSFTNATFSQVLDDLSARFILNLPAEEQSSVERLCFQIEQAHWFYEDFIRAQNDQLPSLGLRVFSAKLFAHCPLLWKWSK
VHEEAFDDFLRYKTR
;
;MSFTNATFSQVLDDLSARFILNLPAEEQSSVERLCFQIEQAHWFYEDFIRAQNDQLPSLGLRVFSAKLFAHCPLLWKWSK
VHEEAFDDFLRYKTR
;
B ? 
# 
loop_
_pdbx_entity_nonpoly.entity_id 
_pdbx_entity_nonpoly.name 
_pdbx_entity_nonpoly.comp_id 
3 'LEAD (II) ION' PB  
4 water           HOH 
# 
loop_
_entity_poly_seq.entity_id 
_entity_poly_seq.num 
_entity_poly_seq.mon_id 
_entity_poly_seq.hetero 
1 1   MET n 
1 2   GLU n 
1 3   ASP n 
1 4   GLU n 
1 5   ASN n 
1 6   ILE n 
1 7   LEU n 
1 8   ARG n 
1 9   ASN n 
1 10  ALA n 
1 11  VAL n 
1 12  ASN n 
1 13  LEU n 
1 14  GLN n 
1 15  VAL n 
1 16  LEU n 
1 17  LYS n 
1 18  PHE n 
1 19  HIS n 
1 20  TYR n 
1 21  PRO n 
1 22  GLU n 
1 23  ILE n 
1 24  GLU n 
1 25  SER n 
1 26  ILE n 
1 27  ILE n 
1 28  ASP n 
1 29  ILE n 
1 30  ALA n 
1 31  SER n 
1 32  HIS n 
1 33  VAL n 
1 34  ALA n 
1 35  VAL n 
1 36  TYR n 
1 37  GLN n 
1 38  PHE n 
1 39  ASP n 
1 40  VAL n 
1 41  GLY n 
1 42  SER n 
1 43  GLN n 
1 44  LYS n 
1 45  TRP n 
1 46  LEU n 
1 47  LYS n 
1 48  THR n 
1 49  SER n 
1 50  ILE n 
1 51  GLU n 
1 52  GLY n 
1 53  THR n 
1 54  PHE n 
1 55  PHE n 
1 56  LEU n 
1 57  VAL n 
1 58  LYS n 
1 59  ASP n 
1 60  GLN n 
1 61  ARG n 
1 62  ALA n 
1 63  ARG n 
1 64  VAL n 
1 65  GLY n 
1 66  TYR n 
1 67  VAL n 
1 68  ILE n 
1 69  LEU n 
1 70  ASN n 
1 71  ARG n 
1 72  ASN n 
1 73  SER n 
1 74  PRO n 
1 75  GLU n 
1 76  ASN n 
1 77  LEU n 
1 78  TYR n 
1 79  LEU n 
1 80  PHE n 
1 81  ILE n 
1 82  ASN n 
1 83  HIS n 
1 84  PRO n 
1 85  SER n 
1 86  ASN n 
1 87  VAL n 
1 88  HIS n 
1 89  LEU n 
1 90  VAL n 
1 91  ASP n 
1 92  ARG n 
1 93  TYR n 
1 94  LEU n 
1 95  ILE n 
1 96  HIS n 
1 97  ARG n 
1 98  THR n 
1 99  GLU n 
1 100 ASN n 
1 101 GLN n 
1 102 HIS n 
1 103 VAL n 
1 104 VAL n 
1 105 GLY n 
1 106 LEU n 
1 107 TRP n 
1 108 MET n 
1 109 PHE n 
1 110 ASP n 
1 111 PRO n 
1 112 ASN n 
1 113 ASP n 
1 114 MET n 
1 115 SER n 
1 116 ARG n 
1 117 ILE n 
1 118 PHE n 
1 119 ASN n 
1 120 ILE n 
1 121 VAL n 
1 122 LYS n 
1 123 GLU n 
1 124 SER n 
1 125 LEU n 
1 126 LEU n 
1 127 ARG n 
2 1   MET n 
2 2   SER n 
2 3   PHE n 
2 4   THR n 
2 5   ASN n 
2 6   ALA n 
2 7   THR n 
2 8   PHE n 
2 9   SER n 
2 10  GLN n 
2 11  VAL n 
2 12  LEU n 
2 13  ASP n 
2 14  ASP n 
2 15  LEU n 
2 16  SER n 
2 17  ALA n 
2 18  ARG n 
2 19  PHE n 
2 20  ILE n 
2 21  LEU n 
2 22  ASN n 
2 23  LEU n 
2 24  PRO n 
2 25  ALA n 
2 26  GLU n 
2 27  GLU n 
2 28  GLN n 
2 29  SER n 
2 30  SER n 
2 31  VAL n 
2 32  GLU n 
2 33  ARG n 
2 34  LEU n 
2 35  CYS n 
2 36  PHE n 
2 37  GLN n 
2 38  ILE n 
2 39  GLU n 
2 40  GLN n 
2 41  ALA n 
2 42  HIS n 
2 43  TRP n 
2 44  PHE n 
2 45  TYR n 
2 46  GLU n 
2 47  ASP n 
2 48  PHE n 
2 49  ILE n 
2 50  ARG n 
2 51  ALA n 
2 52  GLN n 
2 53  ASN n 
2 54  ASP n 
2 55  GLN n 
2 56  LEU n 
2 57  PRO n 
2 58  SER n 
2 59  LEU n 
2 60  GLY n 
2 61  LEU n 
2 62  ARG n 
2 63  VAL n 
2 64  PHE n 
2 65  SER n 
2 66  ALA n 
2 67  LYS n 
2 68  LEU n 
2 69  PHE n 
2 70  ALA n 
2 71  HIS n 
2 72  CYS n 
2 73  PRO n 
2 74  LEU n 
2 75  LEU n 
2 76  TRP n 
2 77  LYS n 
2 78  TRP n 
2 79  SER n 
2 80  LYS n 
2 81  VAL n 
2 82  HIS n 
2 83  GLU n 
2 84  GLU n 
2 85  ALA n 
2 86  PHE n 
2 87  ASP n 
2 88  ASP n 
2 89  PHE n 
2 90  LEU n 
2 91  ARG n 
2 92  TYR n 
2 93  LYS n 
2 94  THR n 
2 95  ARG n 
# 
loop_
_entity_src_gen.entity_id 
_entity_src_gen.pdbx_src_id 
_entity_src_gen.pdbx_alt_source_flag 
_entity_src_gen.pdbx_seq_type 
_entity_src_gen.pdbx_beg_seq_num 
_entity_src_gen.pdbx_end_seq_num 
_entity_src_gen.gene_src_common_name 
_entity_src_gen.gene_src_genus 
_entity_src_gen.pdbx_gene_src_gene 
_entity_src_gen.gene_src_species 
_entity_src_gen.gene_src_strain 
_entity_src_gen.gene_src_tissue 
_entity_src_gen.gene_src_tissue_fraction 
_entity_src_gen.gene_src_details 
_entity_src_gen.pdbx_gene_src_fragment 
_entity_src_gen.pdbx_gene_src_scientific_name 
_entity_src_gen.pdbx_gene_src_ncbi_taxonomy_id 
_entity_src_gen.pdbx_gene_src_variant 
_entity_src_gen.pdbx_gene_src_cell_line 
_entity_src_gen.pdbx_gene_src_atcc 
_entity_src_gen.pdbx_gene_src_organ 
_entity_src_gen.pdbx_gene_src_organelle 
_entity_src_gen.pdbx_gene_src_cell 
_entity_src_gen.pdbx_gene_src_cellular_location 
_entity_src_gen.host_org_common_name 
_entity_src_gen.pdbx_host_org_scientific_name 
_entity_src_gen.pdbx_host_org_ncbi_taxonomy_id 
_entity_src_gen.host_org_genus 
_entity_src_gen.pdbx_host_org_gene 
_entity_src_gen.pdbx_host_org_organ 
_entity_src_gen.host_org_species 
_entity_src_gen.pdbx_host_org_tissue 
_entity_src_gen.pdbx_host_org_tissue_fraction 
_entity_src_gen.pdbx_host_org_strain 
_entity_src_gen.pdbx_host_org_variant 
_entity_src_gen.pdbx_host_org_cell_line 
_entity_src_gen.pdbx_host_org_atcc 
_entity_src_gen.pdbx_host_org_culture_collection 
_entity_src_gen.pdbx_host_org_cell 
_entity_src_gen.pdbx_host_org_organelle 
_entity_src_gen.pdbx_host_org_cellular_location 
_entity_src_gen.pdbx_host_org_vector_type 
_entity_src_gen.pdbx_host_org_vector 
_entity_src_gen.host_org_details 
_entity_src_gen.expression_system_id 
_entity_src_gen.plasmid_name 
_entity_src_gen.plasmid_details 
_entity_src_gen.pdbx_description 
1 1 sample ? ? ? 'fission yeast' Schizosaccharomyces dcp1        ? ? ? ? ? ? 'Schizosaccharomyces pombe' 4896 ? ? ? ? ? ? ? ? 
'Escherichia coli' 562 Escherichia ? ? ? ? ? 'BL21 star' ? ? ? ? ? ? ? ? ? ? ? pGEX-6p-1 ? ? 
2 1 sample ? ? ? 'fission yeast' Schizosaccharomyces SPAC19A8.12 ? ? ? ? ? ? 'Schizosaccharomyces pombe' 4896 ? ? ? ? ? ? ? ? 
'Escherichia coli' 562 Escherichia ? ? ? ? ? 'BL21 star' ? ? ? ? ? ? ? ? ? ? ? pGEX-6p-1 ? ? 
# 
loop_
_chem_comp.id 
_chem_comp.type 
_chem_comp.mon_nstd_flag 
_chem_comp.name 
_chem_comp.pdbx_synonyms 
_chem_comp.formula 
_chem_comp.formula_weight 
ALA 'L-peptide linking' y ALANINE         ? 'C3 H7 N O2'     89.093  
ARG 'L-peptide linking' y ARGININE        ? 'C6 H15 N4 O2 1' 175.209 
ASN 'L-peptide linking' y ASPARAGINE      ? 'C4 H8 N2 O3'    132.118 
ASP 'L-peptide linking' y 'ASPARTIC ACID' ? 'C4 H7 N O4'     133.103 
CYS 'L-peptide linking' y CYSTEINE        ? 'C3 H7 N O2 S'   121.158 
GLN 'L-peptide linking' y GLUTAMINE       ? 'C5 H10 N2 O3'   146.144 
GLU 'L-peptide linking' y 'GLUTAMIC ACID' ? 'C5 H9 N O4'     147.129 
GLY 'peptide linking'   y GLYCINE         ? 'C2 H5 N O2'     75.067  
HIS 'L-peptide linking' y HISTIDINE       ? 'C6 H10 N3 O2 1' 156.162 
HOH non-polymer         . WATER           ? 'H2 O'           18.015  
ILE 'L-peptide linking' y ISOLEUCINE      ? 'C6 H13 N O2'    131.173 
LEU 'L-peptide linking' y LEUCINE         ? 'C6 H13 N O2'    131.173 
LYS 'L-peptide linking' y LYSINE          ? 'C6 H15 N2 O2 1' 147.195 
MET 'L-peptide linking' y METHIONINE      ? 'C5 H11 N O2 S'  149.211 
PB  non-polymer         . 'LEAD (II) ION' ? 'Pb 2'           207.200 
PHE 'L-peptide linking' y PHENYLALANINE   ? 'C9 H11 N O2'    165.189 
PRO 'L-peptide linking' y PROLINE         ? 'C5 H9 N O2'     115.130 
SER 'L-peptide linking' y SERINE          ? 'C3 H7 N O3'     105.093 
THR 'L-peptide linking' y THREONINE       ? 'C4 H9 N O3'     119.119 
TRP 'L-peptide linking' y TRYPTOPHAN      ? 'C11 H12 N2 O2'  204.225 
TYR 'L-peptide linking' y TYROSINE        ? 'C9 H11 N O3'    181.189 
VAL 'L-peptide linking' y VALINE          ? 'C5 H11 N O2'    117.146 
# 
loop_
_pdbx_poly_seq_scheme.asym_id 
_pdbx_poly_seq_scheme.entity_id 
_pdbx_poly_seq_scheme.seq_id 
_pdbx_poly_seq_scheme.mon_id 
_pdbx_poly_seq_scheme.ndb_seq_num 
_pdbx_poly_seq_scheme.pdb_seq_num 
_pdbx_poly_seq_scheme.auth_seq_num 
_pdbx_poly_seq_scheme.pdb_mon_id 
_pdbx_poly_seq_scheme.auth_mon_id 
_pdbx_poly_seq_scheme.pdb_strand_id 
_pdbx_poly_seq_scheme.pdb_ins_code 
_pdbx_poly_seq_scheme.hetero 
A 1 1   MET 1   1   1   MET MET A . n 
A 1 2   GLU 2   2   2   GLU GLU A . n 
A 1 3   ASP 3   3   3   ASP ASP A . n 
A 1 4   GLU 4   4   4   GLU GLU A . n 
A 1 5   ASN 5   5   5   ASN ASN A . n 
A 1 6   ILE 6   6   6   ILE ILE A . n 
A 1 7   LEU 7   7   7   LEU LEU A . n 
A 1 8   ARG 8   8   8   ARG ARG A . n 
A 1 9   ASN 9   9   9   ASN ASN A . n 
A 1 10  ALA 10  10  10  ALA ALA A . n 
A 1 11  VAL 11  11  11  VAL VAL A . n 
A 1 12  ASN 12  12  12  ASN ASN A . n 
A 1 13  LEU 13  13  13  LEU LEU A . n 
A 1 14  GLN 14  14  14  GLN GLN A . n 
A 1 15  VAL 15  15  15  VAL VAL A . n 
A 1 16  LEU 16  16  16  LEU LEU A . n 
A 1 17  LYS 17  17  17  LYS LYS A . n 
A 1 18  PHE 18  18  18  PHE PHE A . n 
A 1 19  HIS 19  19  19  HIS HIS A . n 
A 1 20  TYR 20  20  20  TYR TYR A . n 
A 1 21  PRO 21  21  21  PRO PRO A . n 
A 1 22  GLU 22  22  22  GLU GLU A . n 
A 1 23  ILE 23  23  23  ILE ILE A . n 
A 1 24  GLU 24  24  24  GLU GLU A . n 
A 1 25  SER 25  25  25  SER SER A . n 
A 1 26  ILE 26  26  26  ILE ILE A . n 
A 1 27  ILE 27  27  27  ILE ILE A . n 
A 1 28  ASP 28  28  28  ASP ASP A . n 
A 1 29  ILE 29  29  29  ILE ILE A . n 
A 1 30  ALA 30  30  30  ALA ALA A . n 
A 1 31  SER 31  31  31  SER SER A . n 
A 1 32  HIS 32  32  32  HIS HIS A . n 
A 1 33  VAL 33  33  33  VAL VAL A . n 
A 1 34  ALA 34  34  34  ALA ALA A . n 
A 1 35  VAL 35  35  35  VAL VAL A . n 
A 1 36  TYR 36  36  36  TYR TYR A . n 
A 1 37  GLN 37  37  37  GLN GLN A . n 
A 1 38  PHE 38  38  38  PHE PHE A . n 
A 1 39  ASP 39  39  ?   ?   ?   A . n 
A 1 40  VAL 40  40  ?   ?   ?   A . n 
A 1 41  GLY 41  41  ?   ?   ?   A . n 
A 1 42  SER 42  42  ?   ?   ?   A . n 
A 1 43  GLN 43  43  ?   ?   ?   A . n 
A 1 44  LYS 44  44  ?   ?   ?   A . n 
A 1 45  TRP 45  45  45  TRP TRP A . n 
A 1 46  LEU 46  46  46  LEU LEU A . n 
A 1 47  LYS 47  47  47  LYS LYS A . n 
A 1 48  THR 48  48  48  THR THR A . n 
A 1 49  SER 49  49  49  SER SER A . n 
A 1 50  ILE 50  50  50  ILE ILE A . n 
A 1 51  GLU 51  51  51  GLU GLU A . n 
A 1 52  GLY 52  52  52  GLY GLY A . n 
A 1 53  THR 53  53  53  THR THR A . n 
A 1 54  PHE 54  54  54  PHE PHE A . n 
A 1 55  PHE 55  55  55  PHE PHE A . n 
A 1 56  LEU 56  56  56  LEU LEU A . n 
A 1 57  VAL 57  57  57  VAL VAL A . n 
A 1 58  LYS 58  58  58  LYS LYS A . n 
A 1 59  ASP 59  59  59  ASP ASP A . n 
A 1 60  GLN 60  60  60  GLN GLN A . n 
A 1 61  ARG 61  61  61  ARG ARG A . n 
A 1 62  ALA 62  62  62  ALA ALA A . n 
A 1 63  ARG 63  63  63  ARG ARG A . n 
A 1 64  VAL 64  64  64  VAL VAL A . n 
A 1 65  GLY 65  65  65  GLY GLY A . n 
A 1 66  TYR 66  66  66  TYR TYR A . n 
A 1 67  VAL 67  67  67  VAL VAL A . n 
A 1 68  ILE 68  68  68  ILE ILE A . n 
A 1 69  LEU 69  69  69  LEU LEU A . n 
A 1 70  ASN 70  70  70  ASN ASN A . n 
A 1 71  ARG 71  71  71  ARG ARG A . n 
A 1 72  ASN 72  72  72  ASN ASN A . n 
A 1 73  SER 73  73  73  SER SER A . n 
A 1 74  PRO 74  74  74  PRO PRO A . n 
A 1 75  GLU 75  75  75  GLU GLU A . n 
A 1 76  ASN 76  76  76  ASN ASN A . n 
A 1 77  LEU 77  77  77  LEU LEU A . n 
A 1 78  TYR 78  78  78  TYR TYR A . n 
A 1 79  LEU 79  79  79  LEU LEU A . n 
A 1 80  PHE 80  80  80  PHE PHE A . n 
A 1 81  ILE 81  81  81  ILE ILE A . n 
A 1 82  ASN 82  82  82  ASN ASN A . n 
A 1 83  HIS 83  83  83  HIS HIS A . n 
A 1 84  PRO 84  84  84  PRO PRO A . n 
A 1 85  SER 85  85  85  SER SER A . n 
A 1 86  ASN 86  86  86  ASN ASN A . n 
A 1 87  VAL 87  87  87  VAL VAL A . n 
A 1 88  HIS 88  88  88  HIS HIS A . n 
A 1 89  LEU 89  89  89  LEU LEU A . n 
A 1 90  VAL 90  90  90  VAL VAL A . n 
A 1 91  ASP 91  91  91  ASP ASP A . n 
A 1 92  ARG 92  92  92  ARG ARG A . n 
A 1 93  TYR 93  93  93  TYR TYR A . n 
A 1 94  LEU 94  94  94  LEU LEU A . n 
A 1 95  ILE 95  95  95  ILE ILE A . n 
A 1 96  HIS 96  96  96  HIS HIS A . n 
A 1 97  ARG 97  97  97  ARG ARG A . n 
A 1 98  THR 98  98  98  THR THR A . n 
A 1 99  GLU 99  99  99  GLU GLU A . n 
A 1 100 ASN 100 100 100 ASN ASN A . n 
A 1 101 GLN 101 101 101 GLN GLN A . n 
A 1 102 HIS 102 102 102 HIS HIS A . n 
A 1 103 VAL 103 103 103 VAL VAL A . n 
A 1 104 VAL 104 104 104 VAL VAL A . n 
A 1 105 GLY 105 105 105 GLY GLY A . n 
A 1 106 LEU 106 106 106 LEU LEU A . n 
A 1 107 TRP 107 107 107 TRP TRP A . n 
A 1 108 MET 108 108 108 MET MET A . n 
A 1 109 PHE 109 109 109 PHE PHE A . n 
A 1 110 ASP 110 110 110 ASP ASP A . n 
A 1 111 PRO 111 111 111 PRO PRO A . n 
A 1 112 ASN 112 112 112 ASN ASN A . n 
A 1 113 ASP 113 113 113 ASP ASP A . n 
A 1 114 MET 114 114 114 MET MET A . n 
A 1 115 SER 115 115 115 SER SER A . n 
A 1 116 ARG 116 116 116 ARG ARG A . n 
A 1 117 ILE 117 117 117 ILE ILE A . n 
A 1 118 PHE 118 118 118 PHE PHE A . n 
A 1 119 ASN 119 119 119 ASN ASN A . n 
A 1 120 ILE 120 120 120 ILE ILE A . n 
A 1 121 VAL 121 121 121 VAL VAL A . n 
A 1 122 LYS 122 122 122 LYS LYS A . n 
A 1 123 GLU 123 123 123 GLU GLU A . n 
A 1 124 SER 124 124 124 SER SER A . n 
A 1 125 LEU 125 125 125 LEU LEU A . n 
A 1 126 LEU 126 126 126 LEU LEU A . n 
A 1 127 ARG 127 127 127 ARG ARG A . n 
B 2 1   MET 1   1   ?   ?   ?   B . n 
B 2 2   SER 2   2   2   SER SER B . n 
B 2 3   PHE 3   3   3   PHE PHE B . n 
B 2 4   THR 4   4   4   THR THR B . n 
B 2 5   ASN 5   5   5   ASN ASN B . n 
B 2 6   ALA 6   6   6   ALA ALA B . n 
B 2 7   THR 7   7   7   THR THR B . n 
B 2 8   PHE 8   8   8   PHE PHE B . n 
B 2 9   SER 9   9   9   SER SER B . n 
B 2 10  GLN 10  10  10  GLN GLN B . n 
B 2 11  VAL 11  11  11  VAL VAL B . n 
B 2 12  LEU 12  12  12  LEU LEU B . n 
B 2 13  ASP 13  13  13  ASP ASP B . n 
B 2 14  ASP 14  14  14  ASP ASP B . n 
B 2 15  LEU 15  15  15  LEU LEU B . n 
B 2 16  SER 16  16  16  SER SER B . n 
B 2 17  ALA 17  17  17  ALA ALA B . n 
B 2 18  ARG 18  18  18  ARG ARG B . n 
B 2 19  PHE 19  19  19  PHE PHE B . n 
B 2 20  ILE 20  20  20  ILE ILE B . n 
B 2 21  LEU 21  21  21  LEU LEU B . n 
B 2 22  ASN 22  22  22  ASN ASN B . n 
B 2 23  LEU 23  23  23  LEU LEU B . n 
B 2 24  PRO 24  24  24  PRO PRO B . n 
B 2 25  ALA 25  25  25  ALA ALA B . n 
B 2 26  GLU 26  26  26  GLU GLU B . n 
B 2 27  GLU 27  27  27  GLU GLU B . n 
B 2 28  GLN 28  28  28  GLN GLN B . n 
B 2 29  SER 29  29  29  SER SER B . n 
B 2 30  SER 30  30  30  SER SER B . n 
B 2 31  VAL 31  31  31  VAL VAL B . n 
B 2 32  GLU 32  32  32  GLU GLU B . n 
B 2 33  ARG 33  33  33  ARG ARG B . n 
B 2 34  LEU 34  34  34  LEU LEU B . n 
B 2 35  CYS 35  35  35  CYS CYS B . n 
B 2 36  PHE 36  36  36  PHE PHE B . n 
B 2 37  GLN 37  37  37  GLN GLN B . n 
B 2 38  ILE 38  38  38  ILE ILE B . n 
B 2 39  GLU 39  39  39  GLU GLU B . n 
B 2 40  GLN 40  40  40  GLN GLN B . n 
B 2 41  ALA 41  41  41  ALA ALA B . n 
B 2 42  HIS 42  42  42  HIS HIS B . n 
B 2 43  TRP 43  43  43  TRP TRP B . n 
B 2 44  PHE 44  44  44  PHE PHE B . n 
B 2 45  TYR 45  45  45  TYR TYR B . n 
B 2 46  GLU 46  46  46  GLU GLU B . n 
B 2 47  ASP 47  47  47  ASP ASP B . n 
B 2 48  PHE 48  48  48  PHE PHE B . n 
B 2 49  ILE 49  49  49  ILE ILE B . n 
B 2 50  ARG 50  50  50  ARG ARG B . n 
B 2 51  ALA 51  51  51  ALA ALA B . n 
B 2 52  GLN 52  52  52  GLN GLN B . n 
B 2 53  ASN 53  53  53  ASN ASN B . n 
B 2 54  ASP 54  54  54  ASP ASP B . n 
B 2 55  GLN 55  55  55  GLN GLN B . n 
B 2 56  LEU 56  56  56  LEU LEU B . n 
B 2 57  PRO 57  57  57  PRO PRO B . n 
B 2 58  SER 58  58  58  SER SER B . n 
B 2 59  LEU 59  59  59  LEU LEU B . n 
B 2 60  GLY 60  60  60  GLY GLY B . n 
B 2 61  LEU 61  61  61  LEU LEU B . n 
B 2 62  ARG 62  62  62  ARG ARG B . n 
B 2 63  VAL 63  63  63  VAL VAL B . n 
B 2 64  PHE 64  64  64  PHE PHE B . n 
B 2 65  SER 65  65  65  SER SER B . n 
B 2 66  ALA 66  66  66  ALA ALA B . n 
B 2 67  LYS 67  67  67  LYS LYS B . n 
B 2 68  LEU 68  68  68  LEU LEU B . n 
B 2 69  PHE 69  69  69  PHE PHE B . n 
B 2 70  ALA 70  70  70  ALA ALA B . n 
B 2 71  HIS 71  71  71  HIS HIS B . n 
B 2 72  CYS 72  72  72  CYS CYS B . n 
B 2 73  PRO 73  73  73  PRO PRO B . n 
B 2 74  LEU 74  74  74  LEU LEU B . n 
B 2 75  LEU 75  75  75  LEU LEU B . n 
B 2 76  TRP 76  76  76  TRP TRP B . n 
B 2 77  LYS 77  77  77  LYS LYS B . n 
B 2 78  TRP 78  78  78  TRP TRP B . n 
B 2 79  SER 79  79  79  SER SER B . n 
B 2 80  LYS 80  80  80  LYS LYS B . n 
B 2 81  VAL 81  81  81  VAL VAL B . n 
B 2 82  HIS 82  82  82  HIS HIS B . n 
B 2 83  GLU 83  83  83  GLU GLU B . n 
B 2 84  GLU 84  84  84  GLU GLU B . n 
B 2 85  ALA 85  85  85  ALA ALA B . n 
B 2 86  PHE 86  86  86  PHE PHE B . n 
B 2 87  ASP 87  87  87  ASP ASP B . n 
B 2 88  ASP 88  88  88  ASP ASP B . n 
B 2 89  PHE 89  89  89  PHE PHE B . n 
B 2 90  LEU 90  90  90  LEU LEU B . n 
B 2 91  ARG 91  91  91  ARG ARG B . n 
B 2 92  TYR 92  92  ?   ?   ?   B . n 
B 2 93  LYS 93  93  ?   ?   ?   B . n 
B 2 94  THR 94  94  ?   ?   ?   B . n 
B 2 95  ARG 95  95  ?   ?   ?   B . n 
# 
loop_
_pdbx_nonpoly_scheme.asym_id 
_pdbx_nonpoly_scheme.entity_id 
_pdbx_nonpoly_scheme.mon_id 
_pdbx_nonpoly_scheme.ndb_seq_num 
_pdbx_nonpoly_scheme.pdb_seq_num 
_pdbx_nonpoly_scheme.auth_seq_num 
_pdbx_nonpoly_scheme.pdb_mon_id 
_pdbx_nonpoly_scheme.auth_mon_id 
_pdbx_nonpoly_scheme.pdb_strand_id 
_pdbx_nonpoly_scheme.pdb_ins_code 
C 3 PB  1  96  1  PB  PB  B . 
D 4 HOH 1  128 7  HOH HOH A . 
D 4 HOH 2  129 9  HOH HOH A . 
D 4 HOH 3  130 10 HOH HOH A . 
D 4 HOH 4  131 12 HOH HOH A . 
D 4 HOH 5  132 13 HOH HOH A . 
D 4 HOH 6  133 16 HOH HOH A . 
D 4 HOH 7  134 18 HOH HOH A . 
D 4 HOH 8  135 20 HOH HOH A . 
D 4 HOH 9  136 21 HOH HOH A . 
D 4 HOH 10 137 22 HOH HOH A . 
D 4 HOH 11 138 24 HOH HOH A . 
D 4 HOH 12 139 26 HOH HOH A . 
D 4 HOH 13 140 27 HOH HOH A . 
D 4 HOH 14 141 30 HOH HOH A . 
D 4 HOH 15 142 33 HOH HOH A . 
D 4 HOH 16 143 34 HOH HOH A . 
D 4 HOH 17 144 35 HOH HOH A . 
D 4 HOH 18 145 36 HOH HOH A . 
D 4 HOH 19 146 37 HOH HOH A . 
D 4 HOH 20 147 38 HOH HOH A . 
D 4 HOH 21 148 42 HOH HOH A . 
D 4 HOH 22 149 44 HOH HOH A . 
D 4 HOH 23 150 46 HOH HOH A . 
E 4 HOH 1  97  6  HOH HOH B . 
E 4 HOH 2  98  8  HOH HOH B . 
E 4 HOH 3  99  11 HOH HOH B . 
E 4 HOH 4  100 14 HOH HOH B . 
E 4 HOH 5  101 15 HOH HOH B . 
E 4 HOH 6  102 17 HOH HOH B . 
E 4 HOH 7  103 19 HOH HOH B . 
E 4 HOH 8  104 23 HOH HOH B . 
E 4 HOH 9  105 25 HOH HOH B . 
E 4 HOH 10 106 28 HOH HOH B . 
E 4 HOH 11 107 29 HOH HOH B . 
E 4 HOH 12 108 31 HOH HOH B . 
E 4 HOH 13 109 32 HOH HOH B . 
E 4 HOH 14 110 39 HOH HOH B . 
E 4 HOH 15 111 40 HOH HOH B . 
E 4 HOH 16 112 41 HOH HOH B . 
E 4 HOH 17 113 43 HOH HOH B . 
E 4 HOH 18 114 45 HOH HOH B . 
E 4 HOH 19 115 47 HOH HOH B . 
# 
loop_
_software.name 
_software.version 
_software.date 
_software.type 
_software.contact_author 
_software.contact_author_email 
_software.classification 
_software.location 
_software.language 
_software.citation_id 
_software.pdbx_ordinal 
REFMAC      5.2.0005 ?                program 'Murshudov, G.N.' ccp4@dl.ac.uk            refinement        
http://www.ccp4.ac.uk/main.html  Fortran_77 ? 1 
PDB_EXTRACT 2.000    'April. 3, 2006' package PDB               sw-help@rcsb.rutgers.edu 'data extraction' 
http://pdb.rutgers.edu/software/ C++        ? 2 
d*TREK      .        ?                ?       ?                 ?                        'data reduction'  ? ?          ? 3 
d*TREK      .        ?                ?       ?                 ?                        'data scaling'    ? ?          ? 4 
SOLVE       .        ?                ?       ?                 ?                        phasing           ? ?          ? 5 
# 
_cell.entry_id           2QKL 
_cell.length_a           42.723 
_cell.length_b           49.665 
_cell.length_c           115.052 
_cell.angle_alpha        90.00 
_cell.angle_beta         90.00 
_cell.angle_gamma        90.00 
_cell.Z_PDB              4 
_cell.pdbx_unique_axis   ? 
_cell.length_a_esd       ? 
_cell.length_b_esd       ? 
_cell.length_c_esd       ? 
_cell.angle_alpha_esd    ? 
_cell.angle_beta_esd     ? 
_cell.angle_gamma_esd    ? 
# 
_symmetry.entry_id                         2QKL 
_symmetry.space_group_name_H-M             'P 21 21 21' 
_symmetry.pdbx_full_space_group_name_H-M   ? 
_symmetry.cell_setting                     ? 
_symmetry.Int_Tables_number                19 
_symmetry.space_group_name_Hall            ? 
# 
_exptl.crystals_number   1 
_exptl.entry_id          2QKL 
_exptl.method            'X-RAY DIFFRACTION' 
# 
_exptl_crystal.id                    1 
_exptl_crystal.density_Matthews      2.32 
_exptl_crystal.density_meas          ? 
_exptl_crystal.density_percent_sol   46.97 
_exptl_crystal.description           ? 
_exptl_crystal.F_000                 ? 
_exptl_crystal.preparation           ? 
# 
_exptl_crystal_grow.crystal_id      1 
_exptl_crystal_grow.method          'VAPOR DIFFUSION, HANGING DROP' 
_exptl_crystal_grow.pH              7.0 
_exptl_crystal_grow.temp            293 
_exptl_crystal_grow.temp_details    ? 
_exptl_crystal_grow.pdbx_details    
'0.1 M Ammonium Acetate and 5% PEG3350, pH 7.0, VAPOR DIFFUSION, HANGING DROP, temperature 293K' 
_exptl_crystal_grow.pdbx_pH_range   . 
# 
_diffrn.id                     1 
_diffrn.ambient_temp           100 
_diffrn.ambient_temp_details   ? 
_diffrn.crystal_id             1 
# 
_diffrn_detector.diffrn_id              1 
_diffrn_detector.detector               ? 
_diffrn_detector.type                   ? 
_diffrn_detector.pdbx_collection_date   2005-10-03 
_diffrn_detector.details                ? 
# 
_diffrn_radiation.diffrn_id                        1 
_diffrn_radiation.wavelength_id                    1 
_diffrn_radiation.pdbx_diffrn_protocol             'SINGLE WAVELENGTH' 
_diffrn_radiation.monochromator                    ? 
_diffrn_radiation.pdbx_monochromatic_or_laue_m_l   M 
_diffrn_radiation.pdbx_scattering_type             x-ray 
# 
_diffrn_radiation_wavelength.id           1 
_diffrn_radiation_wavelength.wavelength   1.5418 
_diffrn_radiation_wavelength.wt           1.0 
# 
_diffrn_source.diffrn_id                   1 
_diffrn_source.source                      'ROTATING ANODE' 
_diffrn_source.type                        'RIGAKU FR-E+ SUPERBRIGHT' 
_diffrn_source.pdbx_wavelength             ? 
_diffrn_source.pdbx_wavelength_list        1.5418 
_diffrn_source.pdbx_synchrotron_site       ? 
_diffrn_source.pdbx_synchrotron_beamline   ? 
# 
_reflns.entry_id                     2QKL 
_reflns.observed_criterion_sigma_F   2 
_reflns.observed_criterion_sigma_I   2 
_reflns.d_resolution_high            2.33 
_reflns.d_resolution_low             20.0 
_reflns.number_all                   12284 
_reflns.number_obs                   11066 
_reflns.percent_possible_obs         99.9 
_reflns.pdbx_Rmerge_I_obs            0.081 
_reflns.pdbx_Rsym_value              ? 
_reflns.pdbx_netI_over_sigmaI        7.6 
_reflns.B_iso_Wilson_estimate        ? 
_reflns.pdbx_redundancy              9.9 
_reflns.R_free_details               ? 
_reflns.limit_h_max                  ? 
_reflns.limit_h_min                  ? 
_reflns.limit_k_max                  ? 
_reflns.limit_k_min                  ? 
_reflns.limit_l_max                  ? 
_reflns.limit_l_min                  ? 
_reflns.observed_criterion_F_max     ? 
_reflns.observed_criterion_F_min     ? 
_reflns.pdbx_chi_squared             ? 
_reflns.pdbx_scaling_rejects         ? 
_reflns.pdbx_ordinal                 1 
_reflns.pdbx_diffrn_id               1 
# 
_reflns_shell.d_res_high             2.33 
_reflns_shell.d_res_low              2.39 
_reflns_shell.percent_possible_obs   ? 
_reflns_shell.percent_possible_all   99.5 
_reflns_shell.Rmerge_I_obs           0.345 
_reflns_shell.meanI_over_sigI_obs    2.2 
_reflns_shell.pdbx_Rsym_value        ? 
_reflns_shell.pdbx_redundancy        9.5 
_reflns_shell.number_unique_all      ? 
_reflns_shell.number_measured_all    ? 
_reflns_shell.number_measured_obs    ? 
_reflns_shell.number_unique_obs      ? 
_reflns_shell.pdbx_chi_squared       ? 
_reflns_shell.pdbx_ordinal           1 
_reflns_shell.pdbx_diffrn_id         1 
# 
_refine.entry_id                                 2QKL 
_refine.ls_d_res_high                            2.330 
_refine.ls_d_res_low                             20.000 
_refine.pdbx_ls_sigma_F                          0.00 
_refine.ls_percent_reflns_obs                    99.970 
_refine.ls_number_reflns_obs                     10983 
_refine.pdbx_ls_cross_valid_method               THROUGHOUT 
_refine.pdbx_R_Free_selection_details            RANDOM 
_refine.details                                  'HYDROGENS HAVE BEEN ADDED IN THE RIDING POSITIONS' 
_refine.ls_R_factor_obs                          0.229 
_refine.ls_R_factor_R_work                       0.227 
_refine.ls_R_factor_R_free                       0.259 
_refine.ls_percent_reflns_R_free                 5.100 
_refine.ls_number_reflns_R_free                  563 
_refine.B_iso_mean                               48.623 
_refine.aniso_B[1][1]                            -0.340 
_refine.aniso_B[2][2]                            -0.070 
_refine.aniso_B[3][3]                            0.410 
_refine.aniso_B[1][2]                            0.000 
_refine.aniso_B[1][3]                            0.000 
_refine.aniso_B[2][3]                            0.000 
_refine.correlation_coeff_Fo_to_Fc               0.940 
_refine.correlation_coeff_Fo_to_Fc_free          0.934 
_refine.pdbx_overall_ESU_R                       0.411 
_refine.pdbx_overall_ESU_R_Free                  0.257 
_refine.overall_SU_ML                            0.187 
_refine.overall_SU_B                             14.972 
_refine.solvent_model_details                    MASK 
_refine.pdbx_solvent_vdw_probe_radii             1.200 
_refine.pdbx_solvent_ion_probe_radii             0.800 
_refine.pdbx_solvent_shrinkage_radii             0.800 
_refine.pdbx_stereochemistry_target_values       'MAXIMUM LIKELIHOOD' 
_refine.pdbx_ls_sigma_I                          ? 
_refine.ls_number_reflns_all                     12284 
_refine.ls_R_factor_all                          ? 
_refine.ls_redundancy_reflns_obs                 ? 
_refine.pdbx_data_cutoff_high_absF               ? 
_refine.pdbx_data_cutoff_low_absF                ? 
_refine.ls_number_parameters                     ? 
_refine.ls_number_restraints                     ? 
_refine.ls_R_factor_R_free_error                 ? 
_refine.ls_R_factor_R_free_error_details         ? 
_refine.pdbx_method_to_determine_struct          SAD 
_refine.pdbx_starting_model                      ? 
_refine.pdbx_stereochem_target_val_spec_case     ? 
_refine.solvent_model_param_bsol                 ? 
_refine.solvent_model_param_ksol                 ? 
_refine.occupancy_max                            ? 
_refine.occupancy_min                            ? 
_refine.pdbx_isotropic_thermal_model             ? 
_refine.B_iso_min                                ? 
_refine.B_iso_max                                ? 
_refine.overall_SU_R_Cruickshank_DPI             ? 
_refine.overall_SU_R_free                        ? 
_refine.pdbx_data_cutoff_high_rms_absF           ? 
_refine.ls_wR_factor_R_free                      ? 
_refine.ls_wR_factor_R_work                      ? 
_refine.overall_FOM_free_R_set                   ? 
_refine.overall_FOM_work_R_set                   ? 
_refine.pdbx_overall_phase_error                 ? 
_refine.pdbx_refine_id                           'X-RAY DIFFRACTION' 
_refine.pdbx_TLS_residual_ADP_flag               'LIKELY RESIDUAL' 
_refine.pdbx_diffrn_id                           1 
_refine.pdbx_overall_SU_R_free_Cruickshank_DPI   ? 
_refine.pdbx_overall_SU_R_Blow_DPI               ? 
_refine.pdbx_overall_SU_R_free_Blow_DPI          ? 
# 
_refine_hist.pdbx_refine_id                   'X-RAY DIFFRACTION' 
_refine_hist.cycle_id                         LAST 
_refine_hist.pdbx_number_atoms_protein        1769 
_refine_hist.pdbx_number_atoms_nucleic_acid   0 
_refine_hist.pdbx_number_atoms_ligand         1 
_refine_hist.number_atoms_solvent             42 
_refine_hist.number_atoms_total               1812 
_refine_hist.d_res_high                       2.330 
_refine_hist.d_res_low                        20.000 
# 
loop_
_refine_ls_restr.type 
_refine_ls_restr.number 
_refine_ls_restr.dev_ideal 
_refine_ls_restr.dev_ideal_target 
_refine_ls_restr.weight 
_refine_ls_restr.pdbx_refine_id 
_refine_ls_restr.pdbx_restraint_function 
r_bond_refined_d         1822 0.010  0.022  ? 'X-RAY DIFFRACTION' ? 
r_angle_refined_deg      2470 1.258  1.929  ? 'X-RAY DIFFRACTION' ? 
r_dihedral_angle_1_deg   208  6.086  5.000  ? 'X-RAY DIFFRACTION' ? 
r_dihedral_angle_2_deg   101  36.396 23.762 ? 'X-RAY DIFFRACTION' ? 
r_dihedral_angle_3_deg   306  15.885 15.000 ? 'X-RAY DIFFRACTION' ? 
r_dihedral_angle_4_deg   13   19.968 15.000 ? 'X-RAY DIFFRACTION' ? 
r_chiral_restr           268  0.085  0.200  ? 'X-RAY DIFFRACTION' ? 
r_gen_planes_refined     1412 0.004  0.020  ? 'X-RAY DIFFRACTION' ? 
r_nbd_refined            692  0.199  0.200  ? 'X-RAY DIFFRACTION' ? 
r_nbtor_refined          1210 0.304  0.200  ? 'X-RAY DIFFRACTION' ? 
r_xyhbond_nbd_refined    55   0.155  0.200  ? 'X-RAY DIFFRACTION' ? 
r_symmetry_vdw_refined   48   0.222  0.200  ? 'X-RAY DIFFRACTION' ? 
r_symmetry_hbond_refined 5    0.101  0.200  ? 'X-RAY DIFFRACTION' ? 
r_mcbond_it              1064 0.426  1.500  ? 'X-RAY DIFFRACTION' ? 
r_mcangle_it             1722 0.836  2.000  ? 'X-RAY DIFFRACTION' ? 
r_scbond_it              832  1.322  3.000  ? 'X-RAY DIFFRACTION' ? 
r_scangle_it             748  2.111  4.500  ? 'X-RAY DIFFRACTION' ? 
# 
_refine_ls_shell.d_res_high                       2.330 
_refine_ls_shell.d_res_low                        2.390 
_refine_ls_shell.pdbx_total_number_of_bins_used   20 
_refine_ls_shell.percent_reflns_obs               99.750 
_refine_ls_shell.number_reflns_R_work             741 
_refine_ls_shell.R_factor_all                     ? 
_refine_ls_shell.R_factor_R_work                  0.289 
_refine_ls_shell.R_factor_R_free                  0.390 
_refine_ls_shell.percent_reflns_R_free            ? 
_refine_ls_shell.number_reflns_R_free             49 
_refine_ls_shell.R_factor_R_free_error            ? 
_refine_ls_shell.number_reflns_all                ? 
_refine_ls_shell.number_reflns_obs                790 
_refine_ls_shell.redundancy_reflns_obs            ? 
_refine_ls_shell.pdbx_refine_id                   'X-RAY DIFFRACTION' 
# 
_struct.entry_id                  2QKL 
_struct.title                     'The crystal structure of fission yeast mRNA decapping enzyme Dcp1-Dcp2 complex' 
_struct.pdbx_model_details        ? 
_struct.pdbx_CASP_flag            ? 
_struct.pdbx_model_type_details   ? 
# 
_struct_keywords.entry_id        2QKL 
_struct_keywords.pdbx_keywords   HYDROLASE 
_struct_keywords.text            'protein-protein complex, HYDROLASE' 
# 
loop_
_struct_asym.id 
_struct_asym.pdbx_blank_PDB_chainid_flag 
_struct_asym.pdbx_modified 
_struct_asym.entity_id 
_struct_asym.details 
A N N 1 ? 
B N N 2 ? 
C N N 3 ? 
D N N 4 ? 
E N N 4 ? 
# 
loop_
_struct_ref.id 
_struct_ref.db_name 
_struct_ref.db_code 
_struct_ref.pdbx_db_accession 
_struct_ref.entity_id 
_struct_ref.pdbx_seq_one_letter_code 
_struct_ref.pdbx_align_begin 
_struct_ref.pdbx_db_isoform 
1 UNP Q9P805_SCHPO Q9P805 1 
;MEDENILRNAVNLQVLKFHYPEIESIIDIASHVAVYQFDVGSQKWLKTSIEGTFFLVKDQRARVGYVILNRNSPENLYLF
INHPSNVHLVDRYLIHRTENQHVVGLWMFDPNDMSRIFNIVKESLLR
;
1 ? 
2 UNP O13828_SCHPO O13828 2 
;MSFTNATFSQVLDDLSARFILNLPAEEQSSVERLCFQIEQAHWFYEDFIRAQNDQLPSLGLRVFSAKLFAHCPLLWKWSK
VHEEAFDDFLRYKTR
;
1 ? 
# 
loop_
_struct_ref_seq.align_id 
_struct_ref_seq.ref_id 
_struct_ref_seq.pdbx_PDB_id_code 
_struct_ref_seq.pdbx_strand_id 
_struct_ref_seq.seq_align_beg 
_struct_ref_seq.pdbx_seq_align_beg_ins_code 
_struct_ref_seq.seq_align_end 
_struct_ref_seq.pdbx_seq_align_end_ins_code 
_struct_ref_seq.pdbx_db_accession 
_struct_ref_seq.db_align_beg 
_struct_ref_seq.pdbx_db_align_beg_ins_code 
_struct_ref_seq.db_align_end 
_struct_ref_seq.pdbx_db_align_end_ins_code 
_struct_ref_seq.pdbx_auth_seq_align_beg 
_struct_ref_seq.pdbx_auth_seq_align_end 
1 1 2QKL A 1 ? 127 ? Q9P805 1 ? 127 ? 1 127 
2 2 2QKL B 1 ? 95  ? O13828 1 ? 95  ? 1 95  
# 
_pdbx_struct_assembly.id                   1 
_pdbx_struct_assembly.details              author_defined_assembly 
_pdbx_struct_assembly.method_details       ? 
_pdbx_struct_assembly.oligomeric_details   dimeric 
_pdbx_struct_assembly.oligomeric_count     2 
# 
_pdbx_struct_assembly_gen.assembly_id       1 
_pdbx_struct_assembly_gen.oper_expression   1 
_pdbx_struct_assembly_gen.asym_id_list      A,B,C,D,E 
# 
_pdbx_struct_oper_list.id                   1 
_pdbx_struct_oper_list.type                 'identity operation' 
_pdbx_struct_oper_list.name                 1_555 
_pdbx_struct_oper_list.symmetry_operation   x,y,z 
_pdbx_struct_oper_list.matrix[1][1]         1.0000000000 
_pdbx_struct_oper_list.matrix[1][2]         0.0000000000 
_pdbx_struct_oper_list.matrix[1][3]         0.0000000000 
_pdbx_struct_oper_list.vector[1]            0.0000000000 
_pdbx_struct_oper_list.matrix[2][1]         0.0000000000 
_pdbx_struct_oper_list.matrix[2][2]         1.0000000000 
_pdbx_struct_oper_list.matrix[2][3]         0.0000000000 
_pdbx_struct_oper_list.vector[2]            0.0000000000 
_pdbx_struct_oper_list.matrix[3][1]         0.0000000000 
_pdbx_struct_oper_list.matrix[3][2]         0.0000000000 
_pdbx_struct_oper_list.matrix[3][3]         1.0000000000 
_pdbx_struct_oper_list.vector[3]            0.0000000000 
# 
_struct_biol.id        1 
_struct_biol.details   'The asymmetric unit contains one biological unit of Dcp1-Dcp2 complex' 
# 
loop_
_struct_conf.conf_type_id 
_struct_conf.id 
_struct_conf.pdbx_PDB_helix_id 
_struct_conf.beg_label_comp_id 
_struct_conf.beg_label_asym_id 
_struct_conf.beg_label_seq_id 
_struct_conf.pdbx_beg_PDB_ins_code 
_struct_conf.end_label_comp_id 
_struct_conf.end_label_asym_id 
_struct_conf.end_label_seq_id 
_struct_conf.pdbx_end_PDB_ins_code 
_struct_conf.beg_auth_comp_id 
_struct_conf.beg_auth_asym_id 
_struct_conf.beg_auth_seq_id 
_struct_conf.end_auth_comp_id 
_struct_conf.end_auth_asym_id 
_struct_conf.end_auth_seq_id 
_struct_conf.pdbx_PDB_helix_class 
_struct_conf.details 
_struct_conf.pdbx_PDB_helix_length 
HELX_P HELX_P1 1 GLU A 2   ? TYR A 20  ? GLU A 2   TYR A 20  1 ? 19 
HELX_P HELX_P2 2 HIS A 83  ? SER A 85  ? HIS A 83  SER A 85  5 ? 3  
HELX_P HELX_P3 3 PRO A 111 ? LEU A 125 ? PRO A 111 LEU A 125 1 ? 15 
HELX_P HELX_P4 4 THR B 7   ? ILE B 20  ? THR B 7   ILE B 20  1 ? 14 
HELX_P HELX_P5 5 PRO B 24  ? GLN B 28  ? PRO B 24  GLN B 28  5 ? 5  
HELX_P HELX_P6 6 SER B 30  ? PHE B 48  ? SER B 30  PHE B 48  1 ? 19 
HELX_P HELX_P7 7 GLY B 60  ? CYS B 72  ? GLY B 60  CYS B 72  1 ? 13 
HELX_P HELX_P8 8 PRO B 73  ? LYS B 80  ? PRO B 73  LYS B 80  1 ? 8  
HELX_P HELX_P9 9 HIS B 82  ? ARG B 91  ? HIS B 82  ARG B 91  1 ? 10 
# 
_struct_conf_type.id          HELX_P 
_struct_conf_type.criteria    ? 
_struct_conf_type.reference   ? 
# 
_struct_sheet.id               A 
_struct_sheet.type             ? 
_struct_sheet.number_strands   7 
_struct_sheet.details          ? 
# 
loop_
_struct_sheet_order.sheet_id 
_struct_sheet_order.range_id_1 
_struct_sheet_order.range_id_2 
_struct_sheet_order.offset 
_struct_sheet_order.sense 
A 1 2 ? anti-parallel 
A 2 3 ? anti-parallel 
A 3 4 ? anti-parallel 
A 4 5 ? anti-parallel 
A 5 6 ? anti-parallel 
A 6 7 ? anti-parallel 
# 
loop_
_struct_sheet_range.sheet_id 
_struct_sheet_range.id 
_struct_sheet_range.beg_label_comp_id 
_struct_sheet_range.beg_label_asym_id 
_struct_sheet_range.beg_label_seq_id 
_struct_sheet_range.pdbx_beg_PDB_ins_code 
_struct_sheet_range.end_label_comp_id 
_struct_sheet_range.end_label_asym_id 
_struct_sheet_range.end_label_seq_id 
_struct_sheet_range.pdbx_end_PDB_ins_code 
_struct_sheet_range.beg_auth_comp_id 
_struct_sheet_range.beg_auth_asym_id 
_struct_sheet_range.beg_auth_seq_id 
_struct_sheet_range.end_auth_comp_id 
_struct_sheet_range.end_auth_asym_id 
_struct_sheet_range.end_auth_seq_id 
A 1 LEU A 77  ? ILE A 81  ? LEU A 77  ILE A 81  
A 2 VAL A 64  ? ASN A 70  ? VAL A 64  ASN A 70  
A 3 LYS A 47  ? ASP A 59  ? LYS A 47  ASP A 59  
A 4 ILE A 23  ? TYR A 36  ? ILE A 23  TYR A 36  
A 5 HIS A 102 ? MET A 108 ? HIS A 102 MET A 108 
A 6 TYR A 93  ? THR A 98  ? TYR A 93  THR A 98  
A 7 VAL A 87  ? VAL A 90  ? VAL A 87  VAL A 90  
# 
loop_
_pdbx_struct_sheet_hbond.sheet_id 
_pdbx_struct_sheet_hbond.range_id_1 
_pdbx_struct_sheet_hbond.range_id_2 
_pdbx_struct_sheet_hbond.range_1_label_atom_id 
_pdbx_struct_sheet_hbond.range_1_label_comp_id 
_pdbx_struct_sheet_hbond.range_1_label_asym_id 
_pdbx_struct_sheet_hbond.range_1_label_seq_id 
_pdbx_struct_sheet_hbond.range_1_PDB_ins_code 
_pdbx_struct_sheet_hbond.range_1_auth_atom_id 
_pdbx_struct_sheet_hbond.range_1_auth_comp_id 
_pdbx_struct_sheet_hbond.range_1_auth_asym_id 
_pdbx_struct_sheet_hbond.range_1_auth_seq_id 
_pdbx_struct_sheet_hbond.range_2_label_atom_id 
_pdbx_struct_sheet_hbond.range_2_label_comp_id 
_pdbx_struct_sheet_hbond.range_2_label_asym_id 
_pdbx_struct_sheet_hbond.range_2_label_seq_id 
_pdbx_struct_sheet_hbond.range_2_PDB_ins_code 
_pdbx_struct_sheet_hbond.range_2_auth_atom_id 
_pdbx_struct_sheet_hbond.range_2_auth_comp_id 
_pdbx_struct_sheet_hbond.range_2_auth_asym_id 
_pdbx_struct_sheet_hbond.range_2_auth_seq_id 
A 1 2 O ILE A 81  ? O ILE A 81  N VAL A 64  ? N VAL A 64  
A 2 3 O VAL A 67  ? O VAL A 67  N PHE A 55  ? N PHE A 55  
A 3 4 O LEU A 56  ? O LEU A 56  N ILE A 27  ? N ILE A 27  
A 4 5 N TYR A 36  ? N TYR A 36  O GLY A 105 ? O GLY A 105 
A 5 6 O VAL A 104 ? O VAL A 104 N HIS A 96  ? N HIS A 96  
A 6 7 O ILE A 95  ? O ILE A 95  N HIS A 88  ? N HIS A 88  
# 
loop_
_pdbx_validate_torsion.id 
_pdbx_validate_torsion.PDB_model_num 
_pdbx_validate_torsion.auth_comp_id 
_pdbx_validate_torsion.auth_asym_id 
_pdbx_validate_torsion.auth_seq_id 
_pdbx_validate_torsion.PDB_ins_code 
_pdbx_validate_torsion.label_alt_id 
_pdbx_validate_torsion.phi 
_pdbx_validate_torsion.psi 
1 1 GLN A 37  ? ? -125.35 -60.16  
2 1 ASP A 91  ? ? 59.88   -119.85 
3 1 GLU A 99  ? ? 23.30   -101.30 
4 1 ASP A 110 ? ? 77.61   97.50   
5 1 ASN B 5   ? ? 70.25   -1.73   
# 
loop_
_pdbx_refine_tls.id 
_pdbx_refine_tls.details 
_pdbx_refine_tls.method 
_pdbx_refine_tls.origin_x 
_pdbx_refine_tls.origin_y 
_pdbx_refine_tls.origin_z 
_pdbx_refine_tls.T[1][1] 
_pdbx_refine_tls.T[2][2] 
_pdbx_refine_tls.T[3][3] 
_pdbx_refine_tls.T[1][2] 
_pdbx_refine_tls.T[1][3] 
_pdbx_refine_tls.T[2][3] 
_pdbx_refine_tls.L[1][1] 
_pdbx_refine_tls.L[2][2] 
_pdbx_refine_tls.L[3][3] 
_pdbx_refine_tls.L[1][2] 
_pdbx_refine_tls.L[1][3] 
_pdbx_refine_tls.L[2][3] 
_pdbx_refine_tls.S[1][1] 
_pdbx_refine_tls.S[2][2] 
_pdbx_refine_tls.S[3][3] 
_pdbx_refine_tls.S[1][2] 
_pdbx_refine_tls.S[1][3] 
_pdbx_refine_tls.S[2][3] 
_pdbx_refine_tls.S[2][1] 
_pdbx_refine_tls.S[3][1] 
_pdbx_refine_tls.S[3][2] 
_pdbx_refine_tls.pdbx_refine_id 
1 ? refined 0.1960  -9.0793 3.9306  -0.2133 -0.1838 -0.1640 -0.0108 -0.0012 -0.0039 2.2533 3.0608 2.9524 0.5252  0.3562 -0.8667 0.0815 -0.0572 -0.0243 -0.1736 -0.0415 -0.0315 0.1013  0.0804  -0.0839 'X-RAY DIFFRACTION' 
2 ? refined -0.4314 12.1336 -4.6074 -0.1281 -0.1460 -0.1056 0.0097  0.0365  0.0096  2.7626 3.5258 3.7353 -0.6415 0.1777 0.2815  0.0896 -0.0232 -0.0664 0.1743  0.2124  -0.1724 -0.0985 -0.2739 -0.0400 'X-RAY DIFFRACTION' 
# 
loop_
_pdbx_refine_tls_group.id 
_pdbx_refine_tls_group.refine_tls_id 
_pdbx_refine_tls_group.beg_label_asym_id 
_pdbx_refine_tls_group.beg_label_seq_id 
_pdbx_refine_tls_group.end_label_asym_id 
_pdbx_refine_tls_group.end_label_seq_id 
_pdbx_refine_tls_group.selection 
_pdbx_refine_tls_group.beg_auth_asym_id 
_pdbx_refine_tls_group.beg_auth_seq_id 
_pdbx_refine_tls_group.end_auth_asym_id 
_pdbx_refine_tls_group.end_auth_seq_id 
_pdbx_refine_tls_group.pdbx_refine_id 
_pdbx_refine_tls_group.selection_details 
1 1 A 1 A 127 ? A 1 A 127 'X-RAY DIFFRACTION' ? 
2 2 B 2 B 91  ? B 2 B 91  'X-RAY DIFFRACTION' ? 
# 
loop_
_pdbx_unobs_or_zero_occ_residues.id 
_pdbx_unobs_or_zero_occ_residues.PDB_model_num 
_pdbx_unobs_or_zero_occ_residues.polymer_flag 
_pdbx_unobs_or_zero_occ_residues.occupancy_flag 
_pdbx_unobs_or_zero_occ_residues.auth_asym_id 
_pdbx_unobs_or_zero_occ_residues.auth_comp_id 
_pdbx_unobs_or_zero_occ_residues.auth_seq_id 
_pdbx_unobs_or_zero_occ_residues.PDB_ins_code 
_pdbx_unobs_or_zero_occ_residues.label_asym_id 
_pdbx_unobs_or_zero_occ_residues.label_comp_id 
_pdbx_unobs_or_zero_occ_residues.label_seq_id 
1  1 Y 1 A ASP 39 ? A ASP 39 
2  1 Y 1 A VAL 40 ? A VAL 40 
3  1 Y 1 A GLY 41 ? A GLY 41 
4  1 Y 1 A SER 42 ? A SER 42 
5  1 Y 1 A GLN 43 ? A GLN 43 
6  1 Y 1 A LYS 44 ? A LYS 44 
7  1 Y 1 B MET 1  ? B MET 1  
8  1 Y 1 B TYR 92 ? B TYR 92 
9  1 Y 1 B LYS 93 ? B LYS 93 
10 1 Y 1 B THR 94 ? B THR 94 
11 1 Y 1 B ARG 95 ? B ARG 95 
# 
loop_
_chem_comp_atom.comp_id 
_chem_comp_atom.atom_id 
_chem_comp_atom.type_symbol 
_chem_comp_atom.pdbx_aromatic_flag 
_chem_comp_atom.pdbx_stereo_config 
_chem_comp_atom.pdbx_ordinal 
ALA N    N  N N 1   
ALA CA   C  N S 2   
ALA C    C  N N 3   
ALA O    O  N N 4   
ALA CB   C  N N 5   
ALA OXT  O  N N 6   
ALA H    H  N N 7   
ALA H2   H  N N 8   
ALA HA   H  N N 9   
ALA HB1  H  N N 10  
ALA HB2  H  N N 11  
ALA HB3  H  N N 12  
ALA HXT  H  N N 13  
ARG N    N  N N 14  
ARG CA   C  N S 15  
ARG C    C  N N 16  
ARG O    O  N N 17  
ARG CB   C  N N 18  
ARG CG   C  N N 19  
ARG CD   C  N N 20  
ARG NE   N  N N 21  
ARG CZ   C  N N 22  
ARG NH1  N  N N 23  
ARG NH2  N  N N 24  
ARG OXT  O  N N 25  
ARG H    H  N N 26  
ARG H2   H  N N 27  
ARG HA   H  N N 28  
ARG HB2  H  N N 29  
ARG HB3  H  N N 30  
ARG HG2  H  N N 31  
ARG HG3  H  N N 32  
ARG HD2  H  N N 33  
ARG HD3  H  N N 34  
ARG HE   H  N N 35  
ARG HH11 H  N N 36  
ARG HH12 H  N N 37  
ARG HH21 H  N N 38  
ARG HH22 H  N N 39  
ARG HXT  H  N N 40  
ASN N    N  N N 41  
ASN CA   C  N S 42  
ASN C    C  N N 43  
ASN O    O  N N 44  
ASN CB   C  N N 45  
ASN CG   C  N N 46  
ASN OD1  O  N N 47  
ASN ND2  N  N N 48  
ASN OXT  O  N N 49  
ASN H    H  N N 50  
ASN H2   H  N N 51  
ASN HA   H  N N 52  
ASN HB2  H  N N 53  
ASN HB3  H  N N 54  
ASN HD21 H  N N 55  
ASN HD22 H  N N 56  
ASN HXT  H  N N 57  
ASP N    N  N N 58  
ASP CA   C  N S 59  
ASP C    C  N N 60  
ASP O    O  N N 61  
ASP CB   C  N N 62  
ASP CG   C  N N 63  
ASP OD1  O  N N 64  
ASP OD2  O  N N 65  
ASP OXT  O  N N 66  
ASP H    H  N N 67  
ASP H2   H  N N 68  
ASP HA   H  N N 69  
ASP HB2  H  N N 70  
ASP HB3  H  N N 71  
ASP HD2  H  N N 72  
ASP HXT  H  N N 73  
CYS N    N  N N 74  
CYS CA   C  N R 75  
CYS C    C  N N 76  
CYS O    O  N N 77  
CYS CB   C  N N 78  
CYS SG   S  N N 79  
CYS OXT  O  N N 80  
CYS H    H  N N 81  
CYS H2   H  N N 82  
CYS HA   H  N N 83  
CYS HB2  H  N N 84  
CYS HB3  H  N N 85  
CYS HG   H  N N 86  
CYS HXT  H  N N 87  
GLN N    N  N N 88  
GLN CA   C  N S 89  
GLN C    C  N N 90  
GLN O    O  N N 91  
GLN CB   C  N N 92  
GLN CG   C  N N 93  
GLN CD   C  N N 94  
GLN OE1  O  N N 95  
GLN NE2  N  N N 96  
GLN OXT  O  N N 97  
GLN H    H  N N 98  
GLN H2   H  N N 99  
GLN HA   H  N N 100 
GLN HB2  H  N N 101 
GLN HB3  H  N N 102 
GLN HG2  H  N N 103 
GLN HG3  H  N N 104 
GLN HE21 H  N N 105 
GLN HE22 H  N N 106 
GLN HXT  H  N N 107 
GLU N    N  N N 108 
GLU CA   C  N S 109 
GLU C    C  N N 110 
GLU O    O  N N 111 
GLU CB   C  N N 112 
GLU CG   C  N N 113 
GLU CD   C  N N 114 
GLU OE1  O  N N 115 
GLU OE2  O  N N 116 
GLU OXT  O  N N 117 
GLU H    H  N N 118 
GLU H2   H  N N 119 
GLU HA   H  N N 120 
GLU HB2  H  N N 121 
GLU HB3  H  N N 122 
GLU HG2  H  N N 123 
GLU HG3  H  N N 124 
GLU HE2  H  N N 125 
GLU HXT  H  N N 126 
GLY N    N  N N 127 
GLY CA   C  N N 128 
GLY C    C  N N 129 
GLY O    O  N N 130 
GLY OXT  O  N N 131 
GLY H    H  N N 132 
GLY H2   H  N N 133 
GLY HA2  H  N N 134 
GLY HA3  H  N N 135 
GLY HXT  H  N N 136 
HIS N    N  N N 137 
HIS CA   C  N S 138 
HIS C    C  N N 139 
HIS O    O  N N 140 
HIS CB   C  N N 141 
HIS CG   C  Y N 142 
HIS ND1  N  Y N 143 
HIS CD2  C  Y N 144 
HIS CE1  C  Y N 145 
HIS NE2  N  Y N 146 
HIS OXT  O  N N 147 
HIS H    H  N N 148 
HIS H2   H  N N 149 
HIS HA   H  N N 150 
HIS HB2  H  N N 151 
HIS HB3  H  N N 152 
HIS HD1  H  N N 153 
HIS HD2  H  N N 154 
HIS HE1  H  N N 155 
HIS HE2  H  N N 156 
HIS HXT  H  N N 157 
HOH O    O  N N 158 
HOH H1   H  N N 159 
HOH H2   H  N N 160 
ILE N    N  N N 161 
ILE CA   C  N S 162 
ILE C    C  N N 163 
ILE O    O  N N 164 
ILE CB   C  N S 165 
ILE CG1  C  N N 166 
ILE CG2  C  N N 167 
ILE CD1  C  N N 168 
ILE OXT  O  N N 169 
ILE H    H  N N 170 
ILE H2   H  N N 171 
ILE HA   H  N N 172 
ILE HB   H  N N 173 
ILE HG12 H  N N 174 
ILE HG13 H  N N 175 
ILE HG21 H  N N 176 
ILE HG22 H  N N 177 
ILE HG23 H  N N 178 
ILE HD11 H  N N 179 
ILE HD12 H  N N 180 
ILE HD13 H  N N 181 
ILE HXT  H  N N 182 
LEU N    N  N N 183 
LEU CA   C  N S 184 
LEU C    C  N N 185 
LEU O    O  N N 186 
LEU CB   C  N N 187 
LEU CG   C  N N 188 
LEU CD1  C  N N 189 
LEU CD2  C  N N 190 
LEU OXT  O  N N 191 
LEU H    H  N N 192 
LEU H2   H  N N 193 
LEU HA   H  N N 194 
LEU HB2  H  N N 195 
LEU HB3  H  N N 196 
LEU HG   H  N N 197 
LEU HD11 H  N N 198 
LEU HD12 H  N N 199 
LEU HD13 H  N N 200 
LEU HD21 H  N N 201 
LEU HD22 H  N N 202 
LEU HD23 H  N N 203 
LEU HXT  H  N N 204 
LYS N    N  N N 205 
LYS CA   C  N S 206 
LYS C    C  N N 207 
LYS O    O  N N 208 
LYS CB   C  N N 209 
LYS CG   C  N N 210 
LYS CD   C  N N 211 
LYS CE   C  N N 212 
LYS NZ   N  N N 213 
LYS OXT  O  N N 214 
LYS H    H  N N 215 
LYS H2   H  N N 216 
LYS HA   H  N N 217 
LYS HB2  H  N N 218 
LYS HB3  H  N N 219 
LYS HG2  H  N N 220 
LYS HG3  H  N N 221 
LYS HD2  H  N N 222 
LYS HD3  H  N N 223 
LYS HE2  H  N N 224 
LYS HE3  H  N N 225 
LYS HZ1  H  N N 226 
LYS HZ2  H  N N 227 
LYS HZ3  H  N N 228 
LYS HXT  H  N N 229 
MET N    N  N N 230 
MET CA   C  N S 231 
MET C    C  N N 232 
MET O    O  N N 233 
MET CB   C  N N 234 
MET CG   C  N N 235 
MET SD   S  N N 236 
MET CE   C  N N 237 
MET OXT  O  N N 238 
MET H    H  N N 239 
MET H2   H  N N 240 
MET HA   H  N N 241 
MET HB2  H  N N 242 
MET HB3  H  N N 243 
MET HG2  H  N N 244 
MET HG3  H  N N 245 
MET HE1  H  N N 246 
MET HE2  H  N N 247 
MET HE3  H  N N 248 
MET HXT  H  N N 249 
PB  PB   PB N N 250 
PHE N    N  N N 251 
PHE CA   C  N S 252 
PHE C    C  N N 253 
PHE O    O  N N 254 
PHE CB   C  N N 255 
PHE CG   C  Y N 256 
PHE CD1  C  Y N 257 
PHE CD2  C  Y N 258 
PHE CE1  C  Y N 259 
PHE CE2  C  Y N 260 
PHE CZ   C  Y N 261 
PHE OXT  O  N N 262 
PHE H    H  N N 263 
PHE H2   H  N N 264 
PHE HA   H  N N 265 
PHE HB2  H  N N 266 
PHE HB3  H  N N 267 
PHE HD1  H  N N 268 
PHE HD2  H  N N 269 
PHE HE1  H  N N 270 
PHE HE2  H  N N 271 
PHE HZ   H  N N 272 
PHE HXT  H  N N 273 
PRO N    N  N N 274 
PRO CA   C  N S 275 
PRO C    C  N N 276 
PRO O    O  N N 277 
PRO CB   C  N N 278 
PRO CG   C  N N 279 
PRO CD   C  N N 280 
PRO OXT  O  N N 281 
PRO H    H  N N 282 
PRO HA   H  N N 283 
PRO HB2  H  N N 284 
PRO HB3  H  N N 285 
PRO HG2  H  N N 286 
PRO HG3  H  N N 287 
PRO HD2  H  N N 288 
PRO HD3  H  N N 289 
PRO HXT  H  N N 290 
SER N    N  N N 291 
SER CA   C  N S 292 
SER C    C  N N 293 
SER O    O  N N 294 
SER CB   C  N N 295 
SER OG   O  N N 296 
SER OXT  O  N N 297 
SER H    H  N N 298 
SER H2   H  N N 299 
SER HA   H  N N 300 
SER HB2  H  N N 301 
SER HB3  H  N N 302 
SER HG   H  N N 303 
SER HXT  H  N N 304 
THR N    N  N N 305 
THR CA   C  N S 306 
THR C    C  N N 307 
THR O    O  N N 308 
THR CB   C  N R 309 
THR OG1  O  N N 310 
THR CG2  C  N N 311 
THR OXT  O  N N 312 
THR H    H  N N 313 
THR H2   H  N N 314 
THR HA   H  N N 315 
THR HB   H  N N 316 
THR HG1  H  N N 317 
THR HG21 H  N N 318 
THR HG22 H  N N 319 
THR HG23 H  N N 320 
THR HXT  H  N N 321 
TRP N    N  N N 322 
TRP CA   C  N S 323 
TRP C    C  N N 324 
TRP O    O  N N 325 
TRP CB   C  N N 326 
TRP CG   C  Y N 327 
TRP CD1  C  Y N 328 
TRP CD2  C  Y N 329 
TRP NE1  N  Y N 330 
TRP CE2  C  Y N 331 
TRP CE3  C  Y N 332 
TRP CZ2  C  Y N 333 
TRP CZ3  C  Y N 334 
TRP CH2  C  Y N 335 
TRP OXT  O  N N 336 
TRP H    H  N N 337 
TRP H2   H  N N 338 
TRP HA   H  N N 339 
TRP HB2  H  N N 340 
TRP HB3  H  N N 341 
TRP HD1  H  N N 342 
TRP HE1  H  N N 343 
TRP HE3  H  N N 344 
TRP HZ2  H  N N 345 
TRP HZ3  H  N N 346 
TRP HH2  H  N N 347 
TRP HXT  H  N N 348 
TYR N    N  N N 349 
TYR CA   C  N S 350 
TYR C    C  N N 351 
TYR O    O  N N 352 
TYR CB   C  N N 353 
TYR CG   C  Y N 354 
TYR CD1  C  Y N 355 
TYR CD2  C  Y N 356 
TYR CE1  C  Y N 357 
TYR CE2  C  Y N 358 
TYR CZ   C  Y N 359 
TYR OH   O  N N 360 
TYR OXT  O  N N 361 
TYR H    H  N N 362 
TYR H2   H  N N 363 
TYR HA   H  N N 364 
TYR HB2  H  N N 365 
TYR HB3  H  N N 366 
TYR HD1  H  N N 367 
TYR HD2  H  N N 368 
TYR HE1  H  N N 369 
TYR HE2  H  N N 370 
TYR HH   H  N N 371 
TYR HXT  H  N N 372 
VAL N    N  N N 373 
VAL CA   C  N S 374 
VAL C    C  N N 375 
VAL O    O  N N 376 
VAL CB   C  N N 377 
VAL CG1  C  N N 378 
VAL CG2  C  N N 379 
VAL OXT  O  N N 380 
VAL H    H  N N 381 
VAL H2   H  N N 382 
VAL HA   H  N N 383 
VAL HB   H  N N 384 
VAL HG11 H  N N 385 
VAL HG12 H  N N 386 
VAL HG13 H  N N 387 
VAL HG21 H  N N 388 
VAL HG22 H  N N 389 
VAL HG23 H  N N 390 
VAL HXT  H  N N 391 
# 
loop_
_chem_comp_bond.comp_id 
_chem_comp_bond.atom_id_1 
_chem_comp_bond.atom_id_2 
_chem_comp_bond.value_order 
_chem_comp_bond.pdbx_aromatic_flag 
_chem_comp_bond.pdbx_stereo_config 
_chem_comp_bond.pdbx_ordinal 
ALA N   CA   sing N N 1   
ALA N   H    sing N N 2   
ALA N   H2   sing N N 3   
ALA CA  C    sing N N 4   
ALA CA  CB   sing N N 5   
ALA CA  HA   sing N N 6   
ALA C   O    doub N N 7   
ALA C   OXT  sing N N 8   
ALA CB  HB1  sing N N 9   
ALA CB  HB2  sing N N 10  
ALA CB  HB3  sing N N 11  
ALA OXT HXT  sing N N 12  
ARG N   CA   sing N N 13  
ARG N   H    sing N N 14  
ARG N   H2   sing N N 15  
ARG CA  C    sing N N 16  
ARG CA  CB   sing N N 17  
ARG CA  HA   sing N N 18  
ARG C   O    doub N N 19  
ARG C   OXT  sing N N 20  
ARG CB  CG   sing N N 21  
ARG CB  HB2  sing N N 22  
ARG CB  HB3  sing N N 23  
ARG CG  CD   sing N N 24  
ARG CG  HG2  sing N N 25  
ARG CG  HG3  sing N N 26  
ARG CD  NE   sing N N 27  
ARG CD  HD2  sing N N 28  
ARG CD  HD3  sing N N 29  
ARG NE  CZ   sing N N 30  
ARG NE  HE   sing N N 31  
ARG CZ  NH1  sing N N 32  
ARG CZ  NH2  doub N N 33  
ARG NH1 HH11 sing N N 34  
ARG NH1 HH12 sing N N 35  
ARG NH2 HH21 sing N N 36  
ARG NH2 HH22 sing N N 37  
ARG OXT HXT  sing N N 38  
ASN N   CA   sing N N 39  
ASN N   H    sing N N 40  
ASN N   H2   sing N N 41  
ASN CA  C    sing N N 42  
ASN CA  CB   sing N N 43  
ASN CA  HA   sing N N 44  
ASN C   O    doub N N 45  
ASN C   OXT  sing N N 46  
ASN CB  CG   sing N N 47  
ASN CB  HB2  sing N N 48  
ASN CB  HB3  sing N N 49  
ASN CG  OD1  doub N N 50  
ASN CG  ND2  sing N N 51  
ASN ND2 HD21 sing N N 52  
ASN ND2 HD22 sing N N 53  
ASN OXT HXT  sing N N 54  
ASP N   CA   sing N N 55  
ASP N   H    sing N N 56  
ASP N   H2   sing N N 57  
ASP CA  C    sing N N 58  
ASP CA  CB   sing N N 59  
ASP CA  HA   sing N N 60  
ASP C   O    doub N N 61  
ASP C   OXT  sing N N 62  
ASP CB  CG   sing N N 63  
ASP CB  HB2  sing N N 64  
ASP CB  HB3  sing N N 65  
ASP CG  OD1  doub N N 66  
ASP CG  OD2  sing N N 67  
ASP OD2 HD2  sing N N 68  
ASP OXT HXT  sing N N 69  
CYS N   CA   sing N N 70  
CYS N   H    sing N N 71  
CYS N   H2   sing N N 72  
CYS CA  C    sing N N 73  
CYS CA  CB   sing N N 74  
CYS CA  HA   sing N N 75  
CYS C   O    doub N N 76  
CYS C   OXT  sing N N 77  
CYS CB  SG   sing N N 78  
CYS CB  HB2  sing N N 79  
CYS CB  HB3  sing N N 80  
CYS SG  HG   sing N N 81  
CYS OXT HXT  sing N N 82  
GLN N   CA   sing N N 83  
GLN N   H    sing N N 84  
GLN N   H2   sing N N 85  
GLN CA  C    sing N N 86  
GLN CA  CB   sing N N 87  
GLN CA  HA   sing N N 88  
GLN C   O    doub N N 89  
GLN C   OXT  sing N N 90  
GLN CB  CG   sing N N 91  
GLN CB  HB2  sing N N 92  
GLN CB  HB3  sing N N 93  
GLN CG  CD   sing N N 94  
GLN CG  HG2  sing N N 95  
GLN CG  HG3  sing N N 96  
GLN CD  OE1  doub N N 97  
GLN CD  NE2  sing N N 98  
GLN NE2 HE21 sing N N 99  
GLN NE2 HE22 sing N N 100 
GLN OXT HXT  sing N N 101 
GLU N   CA   sing N N 102 
GLU N   H    sing N N 103 
GLU N   H2   sing N N 104 
GLU CA  C    sing N N 105 
GLU CA  CB   sing N N 106 
GLU CA  HA   sing N N 107 
GLU C   O    doub N N 108 
GLU C   OXT  sing N N 109 
GLU CB  CG   sing N N 110 
GLU CB  HB2  sing N N 111 
GLU CB  HB3  sing N N 112 
GLU CG  CD   sing N N 113 
GLU CG  HG2  sing N N 114 
GLU CG  HG3  sing N N 115 
GLU CD  OE1  doub N N 116 
GLU CD  OE2  sing N N 117 
GLU OE2 HE2  sing N N 118 
GLU OXT HXT  sing N N 119 
GLY N   CA   sing N N 120 
GLY N   H    sing N N 121 
GLY N   H2   sing N N 122 
GLY CA  C    sing N N 123 
GLY CA  HA2  sing N N 124 
GLY CA  HA3  sing N N 125 
GLY C   O    doub N N 126 
GLY C   OXT  sing N N 127 
GLY OXT HXT  sing N N 128 
HIS N   CA   sing N N 129 
HIS N   H    sing N N 130 
HIS N   H2   sing N N 131 
HIS CA  C    sing N N 132 
HIS CA  CB   sing N N 133 
HIS CA  HA   sing N N 134 
HIS C   O    doub N N 135 
HIS C   OXT  sing N N 136 
HIS CB  CG   sing N N 137 
HIS CB  HB2  sing N N 138 
HIS CB  HB3  sing N N 139 
HIS CG  ND1  sing Y N 140 
HIS CG  CD2  doub Y N 141 
HIS ND1 CE1  doub Y N 142 
HIS ND1 HD1  sing N N 143 
HIS CD2 NE2  sing Y N 144 
HIS CD2 HD2  sing N N 145 
HIS CE1 NE2  sing Y N 146 
HIS CE1 HE1  sing N N 147 
HIS NE2 HE2  sing N N 148 
HIS OXT HXT  sing N N 149 
HOH O   H1   sing N N 150 
HOH O   H2   sing N N 151 
ILE N   CA   sing N N 152 
ILE N   H    sing N N 153 
ILE N   H2   sing N N 154 
ILE CA  C    sing N N 155 
ILE CA  CB   sing N N 156 
ILE CA  HA   sing N N 157 
ILE C   O    doub N N 158 
ILE C   OXT  sing N N 159 
ILE CB  CG1  sing N N 160 
ILE CB  CG2  sing N N 161 
ILE CB  HB   sing N N 162 
ILE CG1 CD1  sing N N 163 
ILE CG1 HG12 sing N N 164 
ILE CG1 HG13 sing N N 165 
ILE CG2 HG21 sing N N 166 
ILE CG2 HG22 sing N N 167 
ILE CG2 HG23 sing N N 168 
ILE CD1 HD11 sing N N 169 
ILE CD1 HD12 sing N N 170 
ILE CD1 HD13 sing N N 171 
ILE OXT HXT  sing N N 172 
LEU N   CA   sing N N 173 
LEU N   H    sing N N 174 
LEU N   H2   sing N N 175 
LEU CA  C    sing N N 176 
LEU CA  CB   sing N N 177 
LEU CA  HA   sing N N 178 
LEU C   O    doub N N 179 
LEU C   OXT  sing N N 180 
LEU CB  CG   sing N N 181 
LEU CB  HB2  sing N N 182 
LEU CB  HB3  sing N N 183 
LEU CG  CD1  sing N N 184 
LEU CG  CD2  sing N N 185 
LEU CG  HG   sing N N 186 
LEU CD1 HD11 sing N N 187 
LEU CD1 HD12 sing N N 188 
LEU CD1 HD13 sing N N 189 
LEU CD2 HD21 sing N N 190 
LEU CD2 HD22 sing N N 191 
LEU CD2 HD23 sing N N 192 
LEU OXT HXT  sing N N 193 
LYS N   CA   sing N N 194 
LYS N   H    sing N N 195 
LYS N   H2   sing N N 196 
LYS CA  C    sing N N 197 
LYS CA  CB   sing N N 198 
LYS CA  HA   sing N N 199 
LYS C   O    doub N N 200 
LYS C   OXT  sing N N 201 
LYS CB  CG   sing N N 202 
LYS CB  HB2  sing N N 203 
LYS CB  HB3  sing N N 204 
LYS CG  CD   sing N N 205 
LYS CG  HG2  sing N N 206 
LYS CG  HG3  sing N N 207 
LYS CD  CE   sing N N 208 
LYS CD  HD2  sing N N 209 
LYS CD  HD3  sing N N 210 
LYS CE  NZ   sing N N 211 
LYS CE  HE2  sing N N 212 
LYS CE  HE3  sing N N 213 
LYS NZ  HZ1  sing N N 214 
LYS NZ  HZ2  sing N N 215 
LYS NZ  HZ3  sing N N 216 
LYS OXT HXT  sing N N 217 
MET N   CA   sing N N 218 
MET N   H    sing N N 219 
MET N   H2   sing N N 220 
MET CA  C    sing N N 221 
MET CA  CB   sing N N 222 
MET CA  HA   sing N N 223 
MET C   O    doub N N 224 
MET C   OXT  sing N N 225 
MET CB  CG   sing N N 226 
MET CB  HB2  sing N N 227 
MET CB  HB3  sing N N 228 
MET CG  SD   sing N N 229 
MET CG  HG2  sing N N 230 
MET CG  HG3  sing N N 231 
MET SD  CE   sing N N 232 
MET CE  HE1  sing N N 233 
MET CE  HE2  sing N N 234 
MET CE  HE3  sing N N 235 
MET OXT HXT  sing N N 236 
PHE N   CA   sing N N 237 
PHE N   H    sing N N 238 
PHE N   H2   sing N N 239 
PHE CA  C    sing N N 240 
PHE CA  CB   sing N N 241 
PHE CA  HA   sing N N 242 
PHE C   O    doub N N 243 
PHE C   OXT  sing N N 244 
PHE CB  CG   sing N N 245 
PHE CB  HB2  sing N N 246 
PHE CB  HB3  sing N N 247 
PHE CG  CD1  doub Y N 248 
PHE CG  CD2  sing Y N 249 
PHE CD1 CE1  sing Y N 250 
PHE CD1 HD1  sing N N 251 
PHE CD2 CE2  doub Y N 252 
PHE CD2 HD2  sing N N 253 
PHE CE1 CZ   doub Y N 254 
PHE CE1 HE1  sing N N 255 
PHE CE2 CZ   sing Y N 256 
PHE CE2 HE2  sing N N 257 
PHE CZ  HZ   sing N N 258 
PHE OXT HXT  sing N N 259 
PRO N   CA   sing N N 260 
PRO N   CD   sing N N 261 
PRO N   H    sing N N 262 
PRO CA  C    sing N N 263 
PRO CA  CB   sing N N 264 
PRO CA  HA   sing N N 265 
PRO C   O    doub N N 266 
PRO C   OXT  sing N N 267 
PRO CB  CG   sing N N 268 
PRO CB  HB2  sing N N 269 
PRO CB  HB3  sing N N 270 
PRO CG  CD   sing N N 271 
PRO CG  HG2  sing N N 272 
PRO CG  HG3  sing N N 273 
PRO CD  HD2  sing N N 274 
PRO CD  HD3  sing N N 275 
PRO OXT HXT  sing N N 276 
SER N   CA   sing N N 277 
SER N   H    sing N N 278 
SER N   H2   sing N N 279 
SER CA  C    sing N N 280 
SER CA  CB   sing N N 281 
SER CA  HA   sing N N 282 
SER C   O    doub N N 283 
SER C   OXT  sing N N 284 
SER CB  OG   sing N N 285 
SER CB  HB2  sing N N 286 
SER CB  HB3  sing N N 287 
SER OG  HG   sing N N 288 
SER OXT HXT  sing N N 289 
THR N   CA   sing N N 290 
THR N   H    sing N N 291 
THR N   H2   sing N N 292 
THR CA  C    sing N N 293 
THR CA  CB   sing N N 294 
THR CA  HA   sing N N 295 
THR C   O    doub N N 296 
THR C   OXT  sing N N 297 
THR CB  OG1  sing N N 298 
THR CB  CG2  sing N N 299 
THR CB  HB   sing N N 300 
THR OG1 HG1  sing N N 301 
THR CG2 HG21 sing N N 302 
THR CG2 HG22 sing N N 303 
THR CG2 HG23 sing N N 304 
THR OXT HXT  sing N N 305 
TRP N   CA   sing N N 306 
TRP N   H    sing N N 307 
TRP N   H2   sing N N 308 
TRP CA  C    sing N N 309 
TRP CA  CB   sing N N 310 
TRP CA  HA   sing N N 311 
TRP C   O    doub N N 312 
TRP C   OXT  sing N N 313 
TRP CB  CG   sing N N 314 
TRP CB  HB2  sing N N 315 
TRP CB  HB3  sing N N 316 
TRP CG  CD1  doub Y N 317 
TRP CG  CD2  sing Y N 318 
TRP CD1 NE1  sing Y N 319 
TRP CD1 HD1  sing N N 320 
TRP CD2 CE2  doub Y N 321 
TRP CD2 CE3  sing Y N 322 
TRP NE1 CE2  sing Y N 323 
TRP NE1 HE1  sing N N 324 
TRP CE2 CZ2  sing Y N 325 
TRP CE3 CZ3  doub Y N 326 
TRP CE3 HE3  sing N N 327 
TRP CZ2 CH2  doub Y N 328 
TRP CZ2 HZ2  sing N N 329 
TRP CZ3 CH2  sing Y N 330 
TRP CZ3 HZ3  sing N N 331 
TRP CH2 HH2  sing N N 332 
TRP OXT HXT  sing N N 333 
TYR N   CA   sing N N 334 
TYR N   H    sing N N 335 
TYR N   H2   sing N N 336 
TYR CA  C    sing N N 337 
TYR CA  CB   sing N N 338 
TYR CA  HA   sing N N 339 
TYR C   O    doub N N 340 
TYR C   OXT  sing N N 341 
TYR CB  CG   sing N N 342 
TYR CB  HB2  sing N N 343 
TYR CB  HB3  sing N N 344 
TYR CG  CD1  doub Y N 345 
TYR CG  CD2  sing Y N 346 
TYR CD1 CE1  sing Y N 347 
TYR CD1 HD1  sing N N 348 
TYR CD2 CE2  doub Y N 349 
TYR CD2 HD2  sing N N 350 
TYR CE1 CZ   doub Y N 351 
TYR CE1 HE1  sing N N 352 
TYR CE2 CZ   sing Y N 353 
TYR CE2 HE2  sing N N 354 
TYR CZ  OH   sing N N 355 
TYR OH  HH   sing N N 356 
TYR OXT HXT  sing N N 357 
VAL N   CA   sing N N 358 
VAL N   H    sing N N 359 
VAL N   H2   sing N N 360 
VAL CA  C    sing N N 361 
VAL CA  CB   sing N N 362 
VAL CA  HA   sing N N 363 
VAL C   O    doub N N 364 
VAL C   OXT  sing N N 365 
VAL CB  CG1  sing N N 366 
VAL CB  CG2  sing N N 367 
VAL CB  HB   sing N N 368 
VAL CG1 HG11 sing N N 369 
VAL CG1 HG12 sing N N 370 
VAL CG1 HG13 sing N N 371 
VAL CG2 HG21 sing N N 372 
VAL CG2 HG22 sing N N 373 
VAL CG2 HG23 sing N N 374 
VAL OXT HXT  sing N N 375 
# 
_atom_sites.entry_id                    2QKL 
_atom_sites.fract_transf_matrix[1][1]   -0.01771881 
_atom_sites.fract_transf_matrix[1][2]   -0.00907312 
_atom_sites.fract_transf_matrix[1][3]   -0.01231300 
_atom_sites.fract_transf_matrix[2][1]   -0.01268282 
_atom_sites.fract_transf_matrix[2][2]   0.00440439 
_atom_sites.fract_transf_matrix[2][3]   0.01500552 
_atom_sites.fract_transf_matrix[3][1]   -0.00151074 
_atom_sites.fract_transf_matrix[3][2]   0.00778358 
_atom_sites.fract_transf_matrix[3][3]   -0.00356151 
_atom_sites.fract_transf_vector[1]      1.418529 
_atom_sites.fract_transf_vector[2]      0.228894 
_atom_sites.fract_transf_vector[3]      0.143922 
# 
loop_
_atom_type.symbol 
C  
N  
O  
PB 
S  
# 
loop_
_atom_site.group_PDB 
_atom_site.id 
_atom_site.type_symbol 
_atom_site.label_atom_id 
_atom_site.label_alt_id 
_atom_site.label_comp_id 
_atom_site.label_asym_id 
_atom_site.label_entity_id 
_atom_site.label_seq_id 
_atom_site.pdbx_PDB_ins_code 
_atom_site.Cartn_x 
_atom_site.Cartn_y 
_atom_site.Cartn_z 
_atom_site.occupancy 
_atom_site.B_iso_or_equiv 
_atom_site.pdbx_formal_charge 
_atom_site.auth_seq_id 
_atom_site.auth_comp_id 
_atom_site.auth_asym_id 
_atom_site.auth_atom_id 
_atom_site.pdbx_PDB_model_num 
ATOM   1    N  N   . MET A 1 1   ? -6.489  -6.396  -22.312 1.00 55.49 ? 1   MET A N   1 
ATOM   2    C  CA  . MET A 1 1   ? -6.512  -5.125  -21.524 1.00 55.54 ? 1   MET A CA  1 
ATOM   3    C  C   . MET A 1 1   ? -5.598  -5.148  -20.284 1.00 54.54 ? 1   MET A C   1 
ATOM   4    O  O   . MET A 1 1   ? -5.896  -4.503  -19.271 1.00 54.22 ? 1   MET A O   1 
ATOM   5    C  CB  . MET A 1 1   ? -7.959  -4.757  -21.150 1.00 56.68 ? 1   MET A CB  1 
ATOM   6    C  CG  . MET A 1 1   ? -8.615  -3.759  -22.112 1.00 58.38 ? 1   MET A CG  1 
ATOM   7    S  SD  . MET A 1 1   ? -8.700  -4.384  -23.800 1.00 64.10 ? 1   MET A SD  1 
ATOM   8    C  CE  . MET A 1 1   ? -8.975  -2.876  -24.745 1.00 60.46 ? 1   MET A CE  1 
ATOM   9    N  N   . GLU A 1 2   ? -4.469  -5.856  -20.387 1.00 53.11 ? 2   GLU A N   1 
ATOM   10   C  CA  . GLU A 1 2   ? -3.638  -6.161  -19.207 1.00 52.06 ? 2   GLU A CA  1 
ATOM   11   C  C   . GLU A 1 2   ? -2.451  -5.215  -18.929 1.00 50.31 ? 2   GLU A C   1 
ATOM   12   O  O   . GLU A 1 2   ? -1.766  -5.370  -17.920 1.00 49.80 ? 2   GLU A O   1 
ATOM   13   C  CB  . GLU A 1 2   ? -3.185  -7.636  -19.234 1.00 52.41 ? 2   GLU A CB  1 
ATOM   14   C  CG  . GLU A 1 2   ? -4.282  -8.638  -18.863 1.00 54.99 ? 2   GLU A CG  1 
ATOM   15   C  CD  . GLU A 1 2   ? -4.825  -8.450  -17.430 1.00 58.74 ? 2   GLU A CD  1 
ATOM   16   O  OE1 . GLU A 1 2   ? -4.038  -8.103  -16.509 1.00 59.37 ? 2   GLU A OE1 1 
ATOM   17   O  OE2 . GLU A 1 2   ? -6.046  -8.647  -17.229 1.00 59.64 ? 2   GLU A OE2 1 
ATOM   18   N  N   . ASP A 1 3   ? -2.237  -4.240  -19.812 1.00 48.67 ? 3   ASP A N   1 
ATOM   19   C  CA  . ASP A 1 3   ? -1.083  -3.332  -19.755 1.00 47.22 ? 3   ASP A CA  1 
ATOM   20   C  C   . ASP A 1 3   ? -1.002  -2.515  -18.476 1.00 46.45 ? 3   ASP A C   1 
ATOM   21   O  O   . ASP A 1 3   ? 0.055   -2.424  -17.842 1.00 46.08 ? 3   ASP A O   1 
ATOM   22   C  CB  . ASP A 1 3   ? -1.099  -2.371  -20.946 1.00 46.93 ? 3   ASP A CB  1 
ATOM   23   C  CG  . ASP A 1 3   ? -0.545  -2.986  -22.204 1.00 46.96 ? 3   ASP A CG  1 
ATOM   24   O  OD1 . ASP A 1 3   ? -0.353  -4.224  -22.237 1.00 46.42 ? 3   ASP A OD1 1 
ATOM   25   O  OD2 . ASP A 1 3   ? -0.319  -2.221  -23.172 1.00 47.03 ? 3   ASP A OD2 1 
ATOM   26   N  N   . GLU A 1 4   ? -2.126  -1.907  -18.119 1.00 45.80 ? 4   GLU A N   1 
ATOM   27   C  CA  . GLU A 1 4   ? -2.217  -1.065  -16.938 1.00 45.22 ? 4   GLU A CA  1 
ATOM   28   C  C   . GLU A 1 4   ? -2.012  -1.880  -15.667 1.00 45.19 ? 4   GLU A C   1 
ATOM   29   O  O   . GLU A 1 4   ? -1.413  -1.397  -14.705 1.00 45.15 ? 4   GLU A O   1 
ATOM   30   C  CB  . GLU A 1 4   ? -3.545  -0.296  -16.928 1.00 44.85 ? 4   GLU A CB  1 
ATOM   31   C  CG  . GLU A 1 4   ? -3.654  0.740   -18.055 1.00 43.82 ? 4   GLU A CG  1 
ATOM   32   C  CD  . GLU A 1 4   ? -4.958  1.521   -18.045 1.00 42.69 ? 4   GLU A CD  1 
ATOM   33   O  OE1 . GLU A 1 4   ? -5.820  1.249   -17.192 1.00 45.18 ? 4   GLU A OE1 1 
ATOM   34   O  OE2 . GLU A 1 4   ? -5.130  2.414   -18.894 1.00 41.36 ? 4   GLU A OE2 1 
ATOM   35   N  N   . ASN A 1 5   ? -2.478  -3.124  -15.677 1.00 45.32 ? 5   ASN A N   1 
ATOM   36   C  CA  . ASN A 1 5   ? -2.217  -4.038  -14.572 1.00 45.87 ? 5   ASN A CA  1 
ATOM   37   C  C   . ASN A 1 5   ? -0.741  -4.455  -14.449 1.00 45.52 ? 5   ASN A C   1 
ATOM   38   O  O   . ASN A 1 5   ? -0.199  -4.488  -13.341 1.00 45.90 ? 5   ASN A O   1 
ATOM   39   C  CB  . ASN A 1 5   ? -3.145  -5.255  -14.636 1.00 46.33 ? 5   ASN A CB  1 
ATOM   40   C  CG  . ASN A 1 5   ? -4.601  -4.892  -14.354 1.00 48.09 ? 5   ASN A CG  1 
ATOM   41   O  OD1 . ASN A 1 5   ? -4.895  -4.054  -13.504 1.00 48.92 ? 5   ASN A OD1 1 
ATOM   42   N  ND2 . ASN A 1 5   ? -5.517  -5.528  -15.073 1.00 50.50 ? 5   ASN A ND2 1 
ATOM   43   N  N   . ILE A 1 6   ? -0.092  -4.746  -15.575 1.00 45.00 ? 6   ILE A N   1 
ATOM   44   C  CA  . ILE A 1 6   ? 1.356   -5.018  -15.583 1.00 44.88 ? 6   ILE A CA  1 
ATOM   45   C  C   . ILE A 1 6   ? 2.197   -3.838  -15.047 1.00 44.96 ? 6   ILE A C   1 
ATOM   46   O  O   . ILE A 1 6   ? 3.141   -4.035  -14.277 1.00 44.73 ? 6   ILE A O   1 
ATOM   47   C  CB  . ILE A 1 6   ? 1.865   -5.407  -16.991 1.00 44.72 ? 6   ILE A CB  1 
ATOM   48   C  CG1 . ILE A 1 6   ? 1.189   -6.693  -17.484 1.00 44.72 ? 6   ILE A CG1 1 
ATOM   49   C  CG2 . ILE A 1 6   ? 3.375   -5.575  -16.970 1.00 44.87 ? 6   ILE A CG2 1 
ATOM   50   C  CD1 . ILE A 1 6   ? 1.076   -6.800  -19.017 1.00 45.71 ? 6   ILE A CD1 1 
ATOM   51   N  N   . LEU A 1 7   ? 1.836   -2.620  -15.449 1.00 45.07 ? 7   LEU A N   1 
ATOM   52   C  CA  . LEU A 1 7   ? 2.557   -1.418  -15.036 1.00 45.42 ? 7   LEU A CA  1 
ATOM   53   C  C   . LEU A 1 7   ? 2.383   -1.078  -13.566 1.00 45.29 ? 7   LEU A C   1 
ATOM   54   O  O   . LEU A 1 7   ? 3.345   -0.701  -12.894 1.00 45.33 ? 7   LEU A O   1 
ATOM   55   C  CB  . LEU A 1 7   ? 2.166   -0.218  -15.910 1.00 45.33 ? 7   LEU A CB  1 
ATOM   56   C  CG  . LEU A 1 7   ? 3.098   0.161   -17.055 1.00 46.35 ? 7   LEU A CG  1 
ATOM   57   C  CD1 . LEU A 1 7   ? 4.438   0.560   -16.470 1.00 49.04 ? 7   LEU A CD1 1 
ATOM   58   C  CD2 . LEU A 1 7   ? 3.269   -0.972  -18.063 1.00 47.58 ? 7   LEU A CD2 1 
ATOM   59   N  N   . ARG A 1 8   ? 1.148   -1.188  -13.087 1.00 45.76 ? 8   ARG A N   1 
ATOM   60   C  CA  . ARG A 1 8   ? 0.811   -1.020  -11.678 1.00 46.63 ? 8   ARG A CA  1 
ATOM   61   C  C   . ARG A 1 8   ? 1.604   -1.997  -10.802 1.00 46.68 ? 8   ARG A C   1 
ATOM   62   O  O   . ARG A 1 8   ? 2.188   -1.602  -9.791  1.00 47.14 ? 8   ARG A O   1 
ATOM   63   C  CB  . ARG A 1 8   ? -0.693  -1.234  -11.502 1.00 47.21 ? 8   ARG A CB  1 
ATOM   64   C  CG  . ARG A 1 8   ? -1.223  -1.175  -10.076 1.00 49.53 ? 8   ARG A CG  1 
ATOM   65   C  CD  . ARG A 1 8   ? -2.677  -1.623  -10.064 1.00 53.47 ? 8   ARG A CD  1 
ATOM   66   N  NE  . ARG A 1 8   ? -3.592  -0.540  -9.741  1.00 57.10 ? 8   ARG A NE  1 
ATOM   67   C  CZ  . ARG A 1 8   ? -4.883  -0.516  -10.077 1.00 59.71 ? 8   ARG A CZ  1 
ATOM   68   N  NH1 . ARG A 1 8   ? -5.407  -1.512  -10.791 1.00 60.66 ? 8   ARG A NH1 1 
ATOM   69   N  NH2 . ARG A 1 8   ? -5.647  0.518   -9.719  1.00 58.28 ? 8   ARG A NH2 1 
ATOM   70   N  N   . ASN A 1 9   ? 1.631   -3.267  -11.196 1.00 46.71 ? 9   ASN A N   1 
ATOM   71   C  CA  . ASN A 1 9   ? 2.400   -4.267  -10.471 1.00 47.05 ? 9   ASN A CA  1 
ATOM   72   C  C   . ASN A 1 9   ? 3.899   -3.916  -10.415 1.00 46.70 ? 9   ASN A C   1 
ATOM   73   O  O   . ASN A 1 9   ? 4.552   -4.082  -9.373  1.00 46.83 ? 9   ASN A O   1 
ATOM   74   C  CB  . ASN A 1 9   ? 2.182   -5.653  -11.074 1.00 47.18 ? 9   ASN A CB  1 
ATOM   75   C  CG  . ASN A 1 9   ? 2.838   -6.750  -10.248 1.00 48.96 ? 9   ASN A CG  1 
ATOM   76   O  OD1 . ASN A 1 9   ? 2.293   -7.181  -9.221  1.00 50.39 ? 9   ASN A OD1 1 
ATOM   77   N  ND2 . ASN A 1 9   ? 4.018   -7.205  -10.687 1.00 47.28 ? 9   ASN A ND2 1 
ATOM   78   N  N   . ALA A 1 10  ? 4.416   -3.397  -11.530 1.00 45.95 ? 10  ALA A N   1 
ATOM   79   C  CA  . ALA A 1 10  ? 5.802   -2.972  -11.645 1.00 45.42 ? 10  ALA A CA  1 
ATOM   80   C  C   . ALA A 1 10  ? 6.131   -1.745  -10.784 1.00 45.38 ? 10  ALA A C   1 
ATOM   81   O  O   . ALA A 1 10  ? 7.188   -1.701  -10.166 1.00 45.72 ? 10  ALA A O   1 
ATOM   82   C  CB  . ALA A 1 10  ? 6.147   -2.715  -13.104 1.00 45.54 ? 10  ALA A CB  1 
ATOM   83   N  N   . VAL A 1 11  ? 5.243   -0.749  -10.745 1.00 45.22 ? 11  VAL A N   1 
ATOM   84   C  CA  . VAL A 1 11  ? 5.437   0.411   -9.856  1.00 44.78 ? 11  VAL A CA  1 
ATOM   85   C  C   . VAL A 1 11  ? 5.347   -0.055  -8.392  1.00 44.97 ? 11  VAL A C   1 
ATOM   86   O  O   . VAL A 1 11  ? 6.254   0.224   -7.597  1.00 45.33 ? 11  VAL A O   1 
ATOM   87   C  CB  . VAL A 1 11  ? 4.461   1.606   -10.172 1.00 45.06 ? 11  VAL A CB  1 
ATOM   88   C  CG1 . VAL A 1 11  ? 4.577   2.725   -9.127  1.00 44.71 ? 11  VAL A CG1 1 
ATOM   89   C  CG2 . VAL A 1 11  ? 4.713   2.174   -11.581 1.00 43.74 ? 11  VAL A CG2 1 
ATOM   90   N  N   . ASN A 1 12  ? 4.286   -0.790  -8.042  1.00 44.42 ? 12  ASN A N   1 
ATOM   91   C  CA  . ASN A 1 12  ? 4.177   -1.377  -6.687  1.00 44.47 ? 12  ASN A CA  1 
ATOM   92   C  C   . ASN A 1 12  ? 5.450   -2.120  -6.244  1.00 44.11 ? 12  ASN A C   1 
ATOM   93   O  O   . ASN A 1 12  ? 5.956   -1.882  -5.148  1.00 44.09 ? 12  ASN A O   1 
ATOM   94   C  CB  . ASN A 1 12  ? 2.980   -2.340  -6.577  1.00 44.54 ? 12  ASN A CB  1 
ATOM   95   C  CG  . ASN A 1 12  ? 1.635   -1.628  -6.467  1.00 45.09 ? 12  ASN A CG  1 
ATOM   96   O  OD1 . ASN A 1 12  ? 0.609   -2.157  -6.912  1.00 45.86 ? 12  ASN A OD1 1 
ATOM   97   N  ND2 . ASN A 1 12  ? 1.622   -0.455  -5.854  1.00 43.72 ? 12  ASN A ND2 1 
ATOM   98   N  N   . LEU A 1 13  ? 5.941   -3.032  -7.089  1.00 44.01 ? 13  LEU A N   1 
ATOM   99   C  CA  . LEU A 1 13  ? 7.108   -3.857  -6.755  1.00 43.99 ? 13  LEU A CA  1 
ATOM   100  C  C   . LEU A 1 13  ? 8.402   -3.051  -6.628  1.00 44.48 ? 13  LEU A C   1 
ATOM   101  O  O   . LEU A 1 13  ? 9.223   -3.348  -5.768  1.00 45.03 ? 13  LEU A O   1 
ATOM   102  C  CB  . LEU A 1 13  ? 7.284   -5.022  -7.748  1.00 43.81 ? 13  LEU A CB  1 
ATOM   103  C  CG  . LEU A 1 13  ? 8.504   -5.951  -7.565  1.00 41.93 ? 13  LEU A CG  1 
ATOM   104  C  CD1 . LEU A 1 13  ? 8.466   -6.724  -6.230  1.00 40.57 ? 13  LEU A CD1 1 
ATOM   105  C  CD2 . LEU A 1 13  ? 8.647   -6.892  -8.750  1.00 39.06 ? 13  LEU A CD2 1 
ATOM   106  N  N   . GLN A 1 14  ? 8.580   -2.047  -7.484  1.00 44.98 ? 14  GLN A N   1 
ATOM   107  C  CA  . GLN A 1 14  ? 9.715   -1.133  -7.399  1.00 45.63 ? 14  GLN A CA  1 
ATOM   108  C  C   . GLN A 1 14  ? 9.739   -0.371  -6.065  1.00 45.72 ? 14  GLN A C   1 
ATOM   109  O  O   . GLN A 1 14  ? 10.801  -0.196  -5.481  1.00 46.34 ? 14  GLN A O   1 
ATOM   110  C  CB  . GLN A 1 14  ? 9.734   -0.162  -8.598  1.00 45.89 ? 14  GLN A CB  1 
ATOM   111  C  CG  . GLN A 1 14  ? 10.943  0.780   -8.641  1.00 46.54 ? 14  GLN A CG  1 
ATOM   112  C  CD  . GLN A 1 14  ? 10.958  1.711   -9.861  1.00 49.20 ? 14  GLN A CD  1 
ATOM   113  O  OE1 . GLN A 1 14  ? 10.251  2.733   -9.903  1.00 49.65 ? 14  GLN A OE1 1 
ATOM   114  N  NE2 . GLN A 1 14  ? 11.787  1.376   -10.848 1.00 49.59 ? 14  GLN A NE2 1 
ATOM   115  N  N   . VAL A 1 15  ? 8.579   0.085   -5.596  1.00 45.87 ? 15  VAL A N   1 
ATOM   116  C  CA  . VAL A 1 15  ? 8.463   0.748   -4.284  1.00 46.04 ? 15  VAL A CA  1 
ATOM   117  C  C   . VAL A 1 15  ? 8.763   -0.225  -3.115  1.00 46.39 ? 15  VAL A C   1 
ATOM   118  O  O   . VAL A 1 15  ? 9.478   0.121   -2.167  1.00 46.51 ? 15  VAL A O   1 
ATOM   119  C  CB  . VAL A 1 15  ? 7.061   1.412   -4.093  1.00 46.21 ? 15  VAL A CB  1 
ATOM   120  C  CG1 . VAL A 1 15  ? 6.905   1.975   -2.688  1.00 45.27 ? 15  VAL A CG1 1 
ATOM   121  C  CG2 . VAL A 1 15  ? 6.836   2.513   -5.143  1.00 44.98 ? 15  VAL A CG2 1 
ATOM   122  N  N   . LEU A 1 16  ? 8.227   -1.437  -3.196  1.00 46.06 ? 16  LEU A N   1 
ATOM   123  C  CA  . LEU A 1 16  ? 8.496   -2.453  -2.191  1.00 46.56 ? 16  LEU A CA  1 
ATOM   124  C  C   . LEU A 1 16  ? 9.984   -2.756  -2.054  1.00 46.29 ? 16  LEU A C   1 
ATOM   125  O  O   . LEU A 1 16  ? 10.492  -2.837  -0.948  1.00 46.24 ? 16  LEU A O   1 
ATOM   126  C  CB  . LEU A 1 16  ? 7.701   -3.734  -2.483  1.00 46.54 ? 16  LEU A CB  1 
ATOM   127  C  CG  . LEU A 1 16  ? 6.183   -3.592  -2.334  1.00 47.29 ? 16  LEU A CG  1 
ATOM   128  C  CD1 . LEU A 1 16  ? 5.472   -4.871  -2.770  1.00 47.00 ? 16  LEU A CD1 1 
ATOM   129  C  CD2 . LEU A 1 16  ? 5.807   -3.228  -0.908  1.00 48.60 ? 16  LEU A CD2 1 
ATOM   130  N  N   . LYS A 1 17  ? 10.661  -2.917  -3.184  1.00 46.38 ? 17  LYS A N   1 
ATOM   131  C  CA  . LYS A 1 17  ? 12.087  -3.221  -3.227  1.00 47.04 ? 17  LYS A CA  1 
ATOM   132  C  C   . LYS A 1 17  ? 12.940  -2.051  -2.745  1.00 47.12 ? 17  LYS A C   1 
ATOM   133  O  O   . LYS A 1 17  ? 14.045  -2.240  -2.245  1.00 47.16 ? 17  LYS A O   1 
ATOM   134  C  CB  . LYS A 1 17  ? 12.506  -3.576  -4.652  1.00 47.24 ? 17  LYS A CB  1 
ATOM   135  C  CG  . LYS A 1 17  ? 12.118  -4.958  -5.097  1.00 46.91 ? 17  LYS A CG  1 
ATOM   136  C  CD  . LYS A 1 17  ? 12.676  -5.191  -6.461  1.00 47.58 ? 17  LYS A CD  1 
ATOM   137  C  CE  . LYS A 1 17  ? 12.407  -6.596  -6.926  1.00 49.98 ? 17  LYS A CE  1 
ATOM   138  N  NZ  . LYS A 1 17  ? 12.788  -6.759  -8.366  1.00 51.63 ? 17  LYS A NZ  1 
ATOM   139  N  N   . PHE A 1 18  ? 12.420  -0.843  -2.914  1.00 47.15 ? 18  PHE A N   1 
ATOM   140  C  CA  . PHE A 1 18  ? 13.046  0.355   -2.390  1.00 47.23 ? 18  PHE A CA  1 
ATOM   141  C  C   . PHE A 1 18  ? 13.167  0.272   -0.858  1.00 46.71 ? 18  PHE A C   1 
ATOM   142  O  O   . PHE A 1 18  ? 14.216  0.588   -0.301  1.00 46.81 ? 18  PHE A O   1 
ATOM   143  C  CB  . PHE A 1 18  ? 12.248  1.584   -2.853  1.00 47.68 ? 18  PHE A CB  1 
ATOM   144  C  CG  . PHE A 1 18  ? 12.714  2.878   -2.263  1.00 48.32 ? 18  PHE A CG  1 
ATOM   145  C  CD1 . PHE A 1 18  ? 13.810  3.547   -2.794  1.00 48.67 ? 18  PHE A CD1 1 
ATOM   146  C  CD2 . PHE A 1 18  ? 12.038  3.447   -1.186  1.00 49.65 ? 18  PHE A CD2 1 
ATOM   147  C  CE1 . PHE A 1 18  ? 14.242  4.751   -2.239  1.00 49.60 ? 18  PHE A CE1 1 
ATOM   148  C  CE2 . PHE A 1 18  ? 12.461  4.663   -0.628  1.00 49.46 ? 18  PHE A CE2 1 
ATOM   149  C  CZ  . PHE A 1 18  ? 13.557  5.306   -1.156  1.00 49.16 ? 18  PHE A CZ  1 
ATOM   150  N  N   . HIS A 1 19  ? 12.102  -0.175  -0.199  1.00 46.48 ? 19  HIS A N   1 
ATOM   151  C  CA  . HIS A 1 19  ? 12.086  -0.399  1.248   1.00 46.49 ? 19  HIS A CA  1 
ATOM   152  C  C   . HIS A 1 19  ? 12.726  -1.731  1.664   1.00 46.61 ? 19  HIS A C   1 
ATOM   153  O  O   . HIS A 1 19  ? 13.434  -1.784  2.665   1.00 46.30 ? 19  HIS A O   1 
ATOM   154  C  CB  . HIS A 1 19  ? 10.648  -0.339  1.787   1.00 46.58 ? 19  HIS A CB  1 
ATOM   155  C  CG  . HIS A 1 19  ? 9.947   0.951   1.501   1.00 47.02 ? 19  HIS A CG  1 
ATOM   156  N  ND1 . HIS A 1 19  ? 10.160  2.092   2.239   1.00 47.33 ? 19  HIS A ND1 1 
ATOM   157  C  CD2 . HIS A 1 19  ? 9.049   1.284   0.545   1.00 47.70 ? 19  HIS A CD2 1 
ATOM   158  C  CE1 . HIS A 1 19  ? 9.423   3.073   1.757   1.00 48.29 ? 19  HIS A CE1 1 
ATOM   159  N  NE2 . HIS A 1 19  ? 8.740   2.610   0.725   1.00 48.28 ? 19  HIS A NE2 1 
ATOM   160  N  N   . TYR A 1 20  ? 12.458  -2.795  0.901   1.00 46.64 ? 20  TYR A N   1 
ATOM   161  C  CA  . TYR A 1 20  ? 12.938  -4.152  1.207   1.00 47.02 ? 20  TYR A CA  1 
ATOM   162  C  C   . TYR A 1 20  ? 13.531  -4.831  -0.033  1.00 47.11 ? 20  TYR A C   1 
ATOM   163  O  O   . TYR A 1 20  ? 12.803  -5.481  -0.784  1.00 46.96 ? 20  TYR A O   1 
ATOM   164  C  CB  . TYR A 1 20  ? 11.802  -5.010  1.762   1.00 47.05 ? 20  TYR A CB  1 
ATOM   165  C  CG  . TYR A 1 20  ? 10.994  -4.346  2.856   1.00 47.14 ? 20  TYR A CG  1 
ATOM   166  C  CD1 . TYR A 1 20  ? 9.753   -3.759  2.572   1.00 46.39 ? 20  TYR A CD1 1 
ATOM   167  C  CD2 . TYR A 1 20  ? 11.472  -4.298  4.170   1.00 45.49 ? 20  TYR A CD2 1 
ATOM   168  C  CE1 . TYR A 1 20  ? 9.013   -3.133  3.569   1.00 47.27 ? 20  TYR A CE1 1 
ATOM   169  C  CE2 . TYR A 1 20  ? 10.741  -3.678  5.174   1.00 45.71 ? 20  TYR A CE2 1 
ATOM   170  C  CZ  . TYR A 1 20  ? 9.515   -3.099  4.870   1.00 46.57 ? 20  TYR A CZ  1 
ATOM   171  O  OH  . TYR A 1 20  ? 8.783   -2.493  5.855   1.00 46.99 ? 20  TYR A OH  1 
ATOM   172  N  N   . PRO A 1 21  ? 14.855  -4.686  -0.241  1.00 47.23 ? 21  PRO A N   1 
ATOM   173  C  CA  . PRO A 1 21  ? 15.556  -5.126  -1.462  1.00 47.50 ? 21  PRO A CA  1 
ATOM   174  C  C   . PRO A 1 21  ? 15.493  -6.626  -1.780  1.00 47.64 ? 21  PRO A C   1 
ATOM   175  O  O   . PRO A 1 21  ? 15.689  -7.011  -2.932  1.00 47.46 ? 21  PRO A O   1 
ATOM   176  C  CB  . PRO A 1 21  ? 17.009  -4.696  -1.204  1.00 47.28 ? 21  PRO A CB  1 
ATOM   177  C  CG  . PRO A 1 21  ? 16.906  -3.607  -0.193  1.00 47.18 ? 21  PRO A CG  1 
ATOM   178  C  CD  . PRO A 1 21  ? 15.792  -4.050  0.705   1.00 47.37 ? 21  PRO A CD  1 
ATOM   179  N  N   . GLU A 1 22  ? 15.214  -7.453  -0.778  1.00 48.11 ? 22  GLU A N   1 
ATOM   180  C  CA  . GLU A 1 22  ? 15.141  -8.900  -0.972  1.00 48.80 ? 22  GLU A CA  1 
ATOM   181  C  C   . GLU A 1 22  ? 13.799  -9.388  -1.530  1.00 48.46 ? 22  GLU A C   1 
ATOM   182  O  O   . GLU A 1 22  ? 13.684  -10.536 -1.948  1.00 48.36 ? 22  GLU A O   1 
ATOM   183  C  CB  . GLU A 1 22  ? 15.506  -9.646  0.319   1.00 49.06 ? 22  GLU A CB  1 
ATOM   184  C  CG  . GLU A 1 22  ? 17.001  -9.925  0.488   1.00 52.22 ? 22  GLU A CG  1 
ATOM   185  C  CD  . GLU A 1 22  ? 17.764  -8.783  1.164   1.00 56.56 ? 22  GLU A CD  1 
ATOM   186  O  OE1 . GLU A 1 22  ? 17.194  -8.144  2.086   1.00 58.31 ? 22  GLU A OE1 1 
ATOM   187  O  OE2 . GLU A 1 22  ? 18.940  -8.537  0.782   1.00 57.44 ? 22  GLU A OE2 1 
ATOM   188  N  N   . ILE A 1 23  ? 12.787  -8.516  -1.526  1.00 48.61 ? 23  ILE A N   1 
ATOM   189  C  CA  . ILE A 1 23  ? 11.477  -8.825  -2.122  1.00 48.32 ? 23  ILE A CA  1 
ATOM   190  C  C   . ILE A 1 23  ? 11.652  -9.101  -3.614  1.00 48.43 ? 23  ILE A C   1 
ATOM   191  O  O   . ILE A 1 23  ? 12.359  -8.361  -4.308  1.00 48.50 ? 23  ILE A O   1 
ATOM   192  C  CB  . ILE A 1 23  ? 10.418  -7.708  -1.841  1.00 48.06 ? 23  ILE A CB  1 
ATOM   193  C  CG1 . ILE A 1 23  ? 10.104  -7.655  -0.332  1.00 47.57 ? 23  ILE A CG1 1 
ATOM   194  C  CG2 . ILE A 1 23  ? 9.139   -7.947  -2.636  1.00 47.96 ? 23  ILE A CG2 1 
ATOM   195  C  CD1 . ILE A 1 23  ? 8.946   -6.710  0.093   1.00 46.13 ? 23  ILE A CD1 1 
ATOM   196  N  N   . GLU A 1 24  ? 11.022  -10.182 -4.081  1.00 48.48 ? 24  GLU A N   1 
ATOM   197  C  CA  . GLU A 1 24  ? 11.210  -10.716 -5.438  1.00 48.32 ? 24  GLU A CA  1 
ATOM   198  C  C   . GLU A 1 24  ? 9.975   -10.501 -6.324  1.00 47.78 ? 24  GLU A C   1 
ATOM   199  O  O   . GLU A 1 24  ? 10.096  -10.190 -7.515  1.00 48.06 ? 24  GLU A O   1 
ATOM   200  C  CB  . GLU A 1 24  ? 11.581  -12.209 -5.359  1.00 48.63 ? 24  GLU A CB  1 
ATOM   201  C  CG  . GLU A 1 24  ? 11.799  -12.935 -6.695  1.00 51.01 ? 24  GLU A CG  1 
ATOM   202  C  CD  . GLU A 1 24  ? 12.240  -14.391 -6.516  1.00 55.19 ? 24  GLU A CD  1 
ATOM   203  O  OE1 . GLU A 1 24  ? 11.568  -15.160 -5.774  1.00 56.81 ? 24  GLU A OE1 1 
ATOM   204  O  OE2 . GLU A 1 24  ? 13.270  -14.775 -7.125  1.00 57.03 ? 24  GLU A OE2 1 
ATOM   205  N  N   . SER A 1 25  ? 8.789   -10.660 -5.740  1.00 47.23 ? 25  SER A N   1 
ATOM   206  C  CA  . SER A 1 25  ? 7.538   -10.604 -6.491  1.00 46.88 ? 25  SER A CA  1 
ATOM   207  C  C   . SER A 1 25  ? 6.361   -10.315 -5.568  1.00 46.36 ? 25  SER A C   1 
ATOM   208  O  O   . SER A 1 25  ? 6.448   -10.543 -4.366  1.00 46.99 ? 25  SER A O   1 
ATOM   209  C  CB  . SER A 1 25  ? 7.307   -11.918 -7.258  1.00 46.80 ? 25  SER A CB  1 
ATOM   210  O  OG  . SER A 1 25  ? 6.926   -12.955 -6.372  1.00 47.32 ? 25  SER A OG  1 
ATOM   211  N  N   . ILE A 1 26  ? 5.287   -9.771  -6.136  1.00 45.72 ? 26  ILE A N   1 
ATOM   212  C  CA  . ILE A 1 26  ? 4.023   -9.579  -5.440  1.00 45.39 ? 26  ILE A CA  1 
ATOM   213  C  C   . ILE A 1 26  ? 3.091   -10.730 -5.832  1.00 45.31 ? 26  ILE A C   1 
ATOM   214  O  O   . ILE A 1 26  ? 2.912   -11.029 -7.031  1.00 44.62 ? 26  ILE A O   1 
ATOM   215  C  CB  . ILE A 1 26  ? 3.331   -8.233  -5.821  1.00 45.62 ? 26  ILE A CB  1 
ATOM   216  C  CG1 . ILE A 1 26  ? 4.171   -7.030  -5.405  1.00 45.50 ? 26  ILE A CG1 1 
ATOM   217  C  CG2 . ILE A 1 26  ? 1.911   -8.139  -5.213  1.00 44.96 ? 26  ILE A CG2 1 
ATOM   218  C  CD1 . ILE A 1 26  ? 3.643   -5.695  -5.961  1.00 44.22 ? 26  ILE A CD1 1 
ATOM   219  N  N   . ILE A 1 27  ? 2.513   -11.367 -4.815  1.00 45.20 ? 27  ILE A N   1 
ATOM   220  C  CA  . ILE A 1 27  ? 1.602   -12.483 -5.007  1.00 44.88 ? 27  ILE A CA  1 
ATOM   221  C  C   . ILE A 1 27  ? 0.205   -11.912 -5.215  1.00 45.14 ? 27  ILE A C   1 
ATOM   222  O  O   . ILE A 1 27  ? -0.478  -12.247 -6.187  1.00 44.48 ? 27  ILE A O   1 
ATOM   223  C  CB  . ILE A 1 27  ? 1.653   -13.469 -3.806  1.00 45.24 ? 27  ILE A CB  1 
ATOM   224  C  CG1 . ILE A 1 27  ? 3.076   -14.040 -3.642  1.00 44.41 ? 27  ILE A CG1 1 
ATOM   225  C  CG2 . ILE A 1 27  ? 0.612   -14.604 -3.968  1.00 43.88 ? 27  ILE A CG2 1 
ATOM   226  C  CD1 . ILE A 1 27  ? 3.230   -15.050 -2.507  1.00 44.09 ? 27  ILE A CD1 1 
ATOM   227  N  N   . ASP A 1 28  ? -0.207  -11.042 -4.294  1.00 45.62 ? 28  ASP A N   1 
ATOM   228  C  CA  . ASP A 1 28  ? -1.473  -10.322 -4.409  1.00 46.04 ? 28  ASP A CA  1 
ATOM   229  C  C   . ASP A 1 28  ? -1.496  -9.122  -3.474  1.00 46.45 ? 28  ASP A C   1 
ATOM   230  O  O   . ASP A 1 28  ? -0.489  -8.801  -2.822  1.00 46.81 ? 28  ASP A O   1 
ATOM   231  C  CB  . ASP A 1 28  ? -2.665  -11.242 -4.128  1.00 45.92 ? 28  ASP A CB  1 
ATOM   232  C  CG  . ASP A 1 28  ? -3.825  -10.988 -5.077  1.00 45.87 ? 28  ASP A CG  1 
ATOM   233  O  OD1 . ASP A 1 28  ? -4.473  -9.925  -5.008  1.00 47.13 ? 28  ASP A OD1 1 
ATOM   234  O  OD2 . ASP A 1 28  ? -4.093  -11.865 -5.901  1.00 45.47 ? 28  ASP A OD2 1 
ATOM   235  N  N   . ILE A 1 29  ? -2.655  -8.467  -3.418  1.00 46.70 ? 29  ILE A N   1 
ATOM   236  C  CA  . ILE A 1 29  ? -2.821  -7.192  -2.741  1.00 47.11 ? 29  ILE A CA  1 
ATOM   237  C  C   . ILE A 1 29  ? -4.218  -7.138  -2.134  1.00 47.19 ? 29  ILE A C   1 
ATOM   238  O  O   . ILE A 1 29  ? -5.181  -7.641  -2.723  1.00 47.57 ? 29  ILE A O   1 
ATOM   239  C  CB  . ILE A 1 29  ? -2.611  -5.997  -3.737  1.00 47.24 ? 29  ILE A CB  1 
ATOM   240  C  CG1 . ILE A 1 29  ? -1.136  -5.853  -4.116  1.00 47.90 ? 29  ILE A CG1 1 
ATOM   241  C  CG2 . ILE A 1 29  ? -3.085  -4.670  -3.165  1.00 48.02 ? 29  ILE A CG2 1 
ATOM   242  C  CD1 . ILE A 1 29  ? -0.874  -4.825  -5.221  1.00 49.79 ? 29  ILE A CD1 1 
ATOM   243  N  N   . ALA A 1 30  ? -4.312  -6.549  -0.944  1.00 47.06 ? 30  ALA A N   1 
ATOM   244  C  CA  . ALA A 1 30  ? -5.575  -6.125  -0.367  1.00 47.04 ? 30  ALA A CA  1 
ATOM   245  C  C   . ALA A 1 30  ? -5.501  -4.619  -0.071  1.00 47.53 ? 30  ALA A C   1 
ATOM   246  O  O   . ALA A 1 30  ? -4.581  -4.137  0.607   1.00 46.97 ? 30  ALA A O   1 
ATOM   247  C  CB  . ALA A 1 30  ? -5.903  -6.938  0.887   1.00 47.06 ? 30  ALA A CB  1 
ATOM   248  N  N   . SER A 1 31  ? -6.473  -3.883  -0.605  1.00 47.99 ? 31  SER A N   1 
ATOM   249  C  CA  . SER A 1 31  ? -6.468  -2.412  -0.599  1.00 48.57 ? 31  SER A CA  1 
ATOM   250  C  C   . SER A 1 31  ? -6.251  -1.715  0.743   1.00 48.86 ? 31  SER A C   1 
ATOM   251  O  O   . SER A 1 31  ? -5.535  -0.707  0.820   1.00 49.78 ? 31  SER A O   1 
ATOM   252  C  CB  . SER A 1 31  ? -7.772  -1.896  -1.209  1.00 48.33 ? 31  SER A CB  1 
ATOM   253  O  OG  . SER A 1 31  ? -7.790  -2.140  -2.600  1.00 50.10 ? 31  SER A OG  1 
ATOM   254  N  N   . HIS A 1 32  ? -6.909  -2.218  1.782   1.00 48.70 ? 32  HIS A N   1 
ATOM   255  C  CA  . HIS A 1 32  ? -6.964  -1.524  3.053   1.00 48.51 ? 32  HIS A CA  1 
ATOM   256  C  C   . HIS A 1 32  ? -7.073  -2.530  4.189   1.00 48.49 ? 32  HIS A C   1 
ATOM   257  O  O   . HIS A 1 32  ? -8.071  -3.240  4.292   1.00 48.74 ? 32  HIS A O   1 
ATOM   258  C  CB  . HIS A 1 32  ? -8.149  -0.546  3.073   1.00 48.28 ? 32  HIS A CB  1 
ATOM   259  C  CG  . HIS A 1 32  ? -8.050  0.498   4.142   1.00 48.42 ? 32  HIS A CG  1 
ATOM   260  N  ND1 . HIS A 1 32  ? -9.094  1.337   4.459   1.00 49.42 ? 32  HIS A ND1 1 
ATOM   261  C  CD2 . HIS A 1 32  ? -7.034  0.830   4.976   1.00 47.68 ? 32  HIS A CD2 1 
ATOM   262  C  CE1 . HIS A 1 32  ? -8.723  2.144   5.439   1.00 50.22 ? 32  HIS A CE1 1 
ATOM   263  N  NE2 . HIS A 1 32  ? -7.477  1.856   5.769   1.00 48.64 ? 32  HIS A NE2 1 
ATOM   264  N  N   . VAL A 1 33  ? -6.019  -2.602  5.003   1.00 47.81 ? 33  VAL A N   1 
ATOM   265  C  CA  . VAL A 1 33  ? -5.922  -3.530  6.132   1.00 47.16 ? 33  VAL A CA  1 
ATOM   266  C  C   . VAL A 1 33  ? -5.369  -2.752  7.336   1.00 47.11 ? 33  VAL A C   1 
ATOM   267  O  O   . VAL A 1 33  ? -4.484  -1.899  7.179   1.00 47.77 ? 33  VAL A O   1 
ATOM   268  C  CB  . VAL A 1 33  ? -4.984  -4.729  5.802   1.00 47.38 ? 33  VAL A CB  1 
ATOM   269  C  CG1 . VAL A 1 33  ? -4.722  -5.622  7.031   1.00 46.09 ? 33  VAL A CG1 1 
ATOM   270  C  CG2 . VAL A 1 33  ? -5.543  -5.570  4.643   1.00 48.00 ? 33  VAL A CG2 1 
ATOM   271  N  N   . ALA A 1 34  ? -5.912  -3.026  8.520   1.00 46.14 ? 34  ALA A N   1 
ATOM   272  C  CA  . ALA A 1 34  ? -5.383  -2.501  9.775   1.00 45.80 ? 34  ALA A CA  1 
ATOM   273  C  C   . ALA A 1 34  ? -4.804  -3.639  10.610  1.00 45.51 ? 34  ALA A C   1 
ATOM   274  O  O   . ALA A 1 34  ? -5.294  -4.761  10.548  1.00 45.78 ? 34  ALA A O   1 
ATOM   275  C  CB  . ALA A 1 34  ? -6.489  -1.754  10.562  1.00 45.22 ? 34  ALA A CB  1 
ATOM   276  N  N   . VAL A 1 35  ? -3.778  -3.349  11.407  1.00 45.60 ? 35  VAL A N   1 
ATOM   277  C  CA  . VAL A 1 35  ? -3.155  -4.365  12.265  1.00 45.39 ? 35  VAL A CA  1 
ATOM   278  C  C   . VAL A 1 35  ? -3.576  -4.191  13.726  1.00 45.68 ? 35  VAL A C   1 
ATOM   279  O  O   . VAL A 1 35  ? -3.591  -3.076  14.232  1.00 45.87 ? 35  VAL A O   1 
ATOM   280  C  CB  . VAL A 1 35  ? -1.616  -4.366  12.121  1.00 45.27 ? 35  VAL A CB  1 
ATOM   281  C  CG1 . VAL A 1 35  ? -0.984  -5.483  12.943  1.00 45.15 ? 35  VAL A CG1 1 
ATOM   282  C  CG2 . VAL A 1 35  ? -1.239  -4.537  10.665  1.00 45.25 ? 35  VAL A CG2 1 
ATOM   283  N  N   . TYR A 1 36  ? -3.937  -5.303  14.374  1.00 45.96 ? 36  TYR A N   1 
ATOM   284  C  CA  . TYR A 1 36  ? -4.345  -5.345  15.786  1.00 46.58 ? 36  TYR A CA  1 
ATOM   285  C  C   . TYR A 1 36  ? -3.436  -6.293  16.579  1.00 47.31 ? 36  TYR A C   1 
ATOM   286  O  O   . TYR A 1 36  ? -2.725  -7.096  15.986  1.00 46.79 ? 36  TYR A O   1 
ATOM   287  C  CB  . TYR A 1 36  ? -5.805  -5.817  15.900  1.00 46.29 ? 36  TYR A CB  1 
ATOM   288  C  CG  . TYR A 1 36  ? -6.834  -4.763  15.554  1.00 45.64 ? 36  TYR A CG  1 
ATOM   289  C  CD1 . TYR A 1 36  ? -7.065  -4.394  14.226  1.00 44.26 ? 36  TYR A CD1 1 
ATOM   290  C  CD2 . TYR A 1 36  ? -7.586  -4.139  16.559  1.00 45.13 ? 36  TYR A CD2 1 
ATOM   291  C  CE1 . TYR A 1 36  ? -8.001  -3.425  13.903  1.00 44.27 ? 36  TYR A CE1 1 
ATOM   292  C  CE2 . TYR A 1 36  ? -8.537  -3.169  16.249  1.00 44.94 ? 36  TYR A CE2 1 
ATOM   293  C  CZ  . TYR A 1 36  ? -8.739  -2.820  14.919  1.00 45.86 ? 36  TYR A CZ  1 
ATOM   294  O  OH  . TYR A 1 36  ? -9.671  -1.865  14.599  1.00 45.74 ? 36  TYR A OH  1 
ATOM   295  N  N   . GLN A 1 37  ? -3.470  -6.216  17.911  1.00 48.94 ? 37  GLN A N   1 
ATOM   296  C  CA  . GLN A 1 37  ? -2.633  -7.104  18.741  1.00 50.52 ? 37  GLN A CA  1 
ATOM   297  C  C   . GLN A 1 37  ? -3.288  -7.971  19.832  1.00 51.53 ? 37  GLN A C   1 
ATOM   298  O  O   . GLN A 1 37  ? -3.165  -9.204  19.799  1.00 51.81 ? 37  GLN A O   1 
ATOM   299  C  CB  . GLN A 1 37  ? -1.439  -6.349  19.324  1.00 50.62 ? 37  GLN A CB  1 
ATOM   300  C  CG  . GLN A 1 37  ? -0.268  -6.229  18.374  1.00 51.07 ? 37  GLN A CG  1 
ATOM   301  C  CD  . GLN A 1 37  ? 0.993   -5.761  19.073  1.00 52.42 ? 37  GLN A CD  1 
ATOM   302  O  OE1 . GLN A 1 37  ? 1.011   -4.708  19.722  1.00 51.72 ? 37  GLN A OE1 1 
ATOM   303  N  NE2 . GLN A 1 37  ? 2.060   -6.548  18.948  1.00 52.60 ? 37  GLN A NE2 1 
ATOM   304  N  N   . PHE A 1 38  ? -3.950  -7.361  20.811  1.00 52.67 ? 38  PHE A N   1 
ATOM   305  C  CA  . PHE A 1 38  ? -4.323  -8.141  22.022  1.00 54.15 ? 38  PHE A CA  1 
ATOM   306  C  C   . PHE A 1 38  ? -5.819  -8.205  22.348  1.00 54.04 ? 38  PHE A C   1 
ATOM   307  O  O   . PHE A 1 38  ? -6.326  -7.470  23.201  1.00 53.82 ? 38  PHE A O   1 
ATOM   308  C  CB  . PHE A 1 38  ? -3.524  -7.667  23.244  1.00 54.73 ? 38  PHE A CB  1 
ATOM   309  C  CG  . PHE A 1 38  ? -2.987  -8.784  24.090  1.00 56.75 ? 38  PHE A CG  1 
ATOM   310  C  CD1 . PHE A 1 38  ? -1.817  -9.452  23.725  1.00 58.51 ? 38  PHE A CD1 1 
ATOM   311  C  CD2 . PHE A 1 38  ? -3.634  -9.157  25.276  1.00 58.92 ? 38  PHE A CD2 1 
ATOM   312  C  CE1 . PHE A 1 38  ? -1.300  -10.492 24.528  1.00 59.68 ? 38  PHE A CE1 1 
ATOM   313  C  CE2 . PHE A 1 38  ? -3.130  -10.197 26.081  1.00 59.22 ? 38  PHE A CE2 1 
ATOM   314  C  CZ  . PHE A 1 38  ? -1.961  -10.866 25.703  1.00 58.22 ? 38  PHE A CZ  1 
ATOM   315  N  N   . TRP A 1 45  ? -8.266  -7.179  21.644  1.00 53.37 ? 45  TRP A N   1 
ATOM   316  C  CA  . TRP A 1 45  ? -7.759  -6.655  20.372  1.00 53.09 ? 45  TRP A CA  1 
ATOM   317  C  C   . TRP A 1 45  ? -7.633  -5.144  20.399  1.00 53.15 ? 45  TRP A C   1 
ATOM   318  O  O   . TRP A 1 45  ? -8.639  -4.417  20.435  1.00 53.01 ? 45  TRP A O   1 
ATOM   319  C  CB  . TRP A 1 45  ? -8.614  -7.119  19.194  1.00 53.00 ? 45  TRP A CB  1 
ATOM   320  C  CG  . TRP A 1 45  ? -8.506  -8.577  18.982  1.00 52.87 ? 45  TRP A CG  1 
ATOM   321  C  CD1 . TRP A 1 45  ? -9.445  -9.516  19.281  1.00 52.78 ? 45  TRP A CD1 1 
ATOM   322  C  CD2 . TRP A 1 45  ? -7.376  -9.285  18.457  1.00 52.77 ? 45  TRP A CD2 1 
ATOM   323  N  NE1 . TRP A 1 45  ? -8.979  -10.768 18.958  1.00 53.18 ? 45  TRP A NE1 1 
ATOM   324  C  CE2 . TRP A 1 45  ? -7.710  -10.656 18.454  1.00 52.89 ? 45  TRP A CE2 1 
ATOM   325  C  CE3 . TRP A 1 45  ? -6.115  -8.891  17.980  1.00 51.68 ? 45  TRP A CE3 1 
ATOM   326  C  CZ2 . TRP A 1 45  ? -6.830  -11.642 17.990  1.00 53.28 ? 45  TRP A CZ2 1 
ATOM   327  C  CZ3 . TRP A 1 45  ? -5.246  -9.866  17.516  1.00 52.24 ? 45  TRP A CZ3 1 
ATOM   328  C  CH2 . TRP A 1 45  ? -5.607  -11.226 17.520  1.00 52.68 ? 45  TRP A CH2 1 
ATOM   329  N  N   . LEU A 1 46  ? -6.379  -4.689  20.396  1.00 53.00 ? 46  LEU A N   1 
ATOM   330  C  CA  . LEU A 1 46  ? -6.057  -3.272  20.438  1.00 52.80 ? 46  LEU A CA  1 
ATOM   331  C  C   . LEU A 1 46  ? -5.381  -2.850  19.136  1.00 52.48 ? 46  LEU A C   1 
ATOM   332  O  O   . LEU A 1 46  ? -4.440  -3.499  18.668  1.00 52.07 ? 46  LEU A O   1 
ATOM   333  C  CB  . LEU A 1 46  ? -5.176  -2.957  21.655  1.00 52.96 ? 46  LEU A CB  1 
ATOM   334  C  CG  . LEU A 1 46  ? -5.803  -3.201  23.035  1.00 53.50 ? 46  LEU A CG  1 
ATOM   335  C  CD1 . LEU A 1 46  ? -4.750  -3.631  24.050  1.00 54.26 ? 46  LEU A CD1 1 
ATOM   336  C  CD2 . LEU A 1 46  ? -6.581  -1.986  23.532  1.00 53.54 ? 46  LEU A CD2 1 
ATOM   337  N  N   . LYS A 1 47  ? -5.883  -1.757  18.568  1.00 52.09 ? 47  LYS A N   1 
ATOM   338  C  CA  . LYS A 1 47  ? -5.427  -1.235  17.291  1.00 52.13 ? 47  LYS A CA  1 
ATOM   339  C  C   . LYS A 1 47  ? -4.009  -0.638  17.362  1.00 51.65 ? 47  LYS A C   1 
ATOM   340  O  O   . LYS A 1 47  ? -3.716  0.167   18.249  1.00 51.72 ? 47  LYS A O   1 
ATOM   341  C  CB  . LYS A 1 47  ? -6.430  -0.186  16.785  1.00 52.24 ? 47  LYS A CB  1 
ATOM   342  C  CG  . LYS A 1 47  ? -6.215  0.218   15.334  1.00 53.94 ? 47  LYS A CG  1 
ATOM   343  C  CD  . LYS A 1 47  ? -7.157  1.314   14.880  1.00 56.26 ? 47  LYS A CD  1 
ATOM   344  C  CE  . LYS A 1 47  ? -7.029  1.496   13.368  1.00 59.22 ? 47  LYS A CE  1 
ATOM   345  N  NZ  . LYS A 1 47  ? -7.624  2.776   12.872  1.00 61.19 ? 47  LYS A NZ  1 
ATOM   346  N  N   . THR A 1 48  ? -3.136  -1.040  16.438  1.00 51.02 ? 48  THR A N   1 
ATOM   347  C  CA  . THR A 1 48  ? -1.803  -0.422  16.320  1.00 50.50 ? 48  THR A CA  1 
ATOM   348  C  C   . THR A 1 48  ? -1.848  0.812   15.409  1.00 50.64 ? 48  THR A C   1 
ATOM   349  O  O   . THR A 1 48  ? -2.884  1.127   14.809  1.00 50.73 ? 48  THR A O   1 
ATOM   350  C  CB  . THR A 1 48  ? -0.719  -1.398  15.774  1.00 50.22 ? 48  THR A CB  1 
ATOM   351  O  OG1 . THR A 1 48  ? -0.903  -1.574  14.369  1.00 48.88 ? 48  THR A OG1 1 
ATOM   352  C  CG2 . THR A 1 48  ? -0.762  -2.748  16.468  1.00 49.87 ? 48  THR A CG2 1 
ATOM   353  N  N   . SER A 1 49  ? -0.712  1.493   15.293  1.00 50.79 ? 49  SER A N   1 
ATOM   354  C  CA  . SER A 1 49  ? -0.574  2.648   14.405  1.00 51.14 ? 49  SER A CA  1 
ATOM   355  C  C   . SER A 1 49  ? -0.512  2.278   12.917  1.00 50.79 ? 49  SER A C   1 
ATOM   356  O  O   . SER A 1 49  ? -0.565  3.159   12.054  1.00 51.40 ? 49  SER A O   1 
ATOM   357  C  CB  . SER A 1 49  ? 0.655   3.486   14.798  1.00 51.57 ? 49  SER A CB  1 
ATOM   358  O  OG  . SER A 1 49  ? 1.868   2.780   14.569  1.00 52.50 ? 49  SER A OG  1 
ATOM   359  N  N   . ILE A 1 50  ? -0.445  0.979   12.618  1.00 50.20 ? 50  ILE A N   1 
ATOM   360  C  CA  . ILE A 1 50  ? -0.211  0.497   11.257  1.00 49.27 ? 50  ILE A CA  1 
ATOM   361  C  C   . ILE A 1 50  ? -1.475  0.193   10.447  1.00 49.05 ? 50  ILE A C   1 
ATOM   362  O  O   . ILE A 1 50  ? -2.273  -0.670  10.799  1.00 48.54 ? 50  ILE A O   1 
ATOM   363  C  CB  . ILE A 1 50  ? 0.765   -0.698  11.254  1.00 49.60 ? 50  ILE A CB  1 
ATOM   364  C  CG1 . ILE A 1 50  ? 2.085   -0.265  11.923  1.00 50.00 ? 50  ILE A CG1 1 
ATOM   365  C  CG2 . ILE A 1 50  ? 0.978   -1.206  9.824   1.00 48.62 ? 50  ILE A CG2 1 
ATOM   366  C  CD1 . ILE A 1 50  ? 3.171   -1.316  11.965  1.00 52.63 ? 50  ILE A CD1 1 
ATOM   367  N  N   . GLU A 1 51  ? -1.633  0.920   9.342   1.00 48.91 ? 51  GLU A N   1 
ATOM   368  C  CA  . GLU A 1 51  ? -2.803  0.795   8.478   1.00 48.46 ? 51  GLU A CA  1 
ATOM   369  C  C   . GLU A 1 51  ? -2.442  1.231   7.061   1.00 47.75 ? 51  GLU A C   1 
ATOM   370  O  O   . GLU A 1 51  ? -1.837  2.282   6.873   1.00 47.59 ? 51  GLU A O   1 
ATOM   371  C  CB  . GLU A 1 51  ? -3.922  1.678   9.027   1.00 48.87 ? 51  GLU A CB  1 
ATOM   372  C  CG  . GLU A 1 51  ? -5.323  1.304   8.619   1.00 50.11 ? 51  GLU A CG  1 
ATOM   373  C  CD  . GLU A 1 51  ? -6.307  2.382   8.999   1.00 52.87 ? 51  GLU A CD  1 
ATOM   374  O  OE1 . GLU A 1 51  ? -6.749  2.407   10.168  1.00 54.84 ? 51  GLU A OE1 1 
ATOM   375  O  OE2 . GLU A 1 51  ? -6.633  3.220   8.131   1.00 54.89 ? 51  GLU A OE2 1 
ATOM   376  N  N   . GLY A 1 52  ? -2.803  0.419   6.072   1.00 46.80 ? 52  GLY A N   1 
ATOM   377  C  CA  . GLY A 1 52  ? -2.615  0.795   4.679   1.00 45.97 ? 52  GLY A CA  1 
ATOM   378  C  C   . GLY A 1 52  ? -2.850  -0.354  3.720   1.00 45.64 ? 52  GLY A C   1 
ATOM   379  O  O   . GLY A 1 52  ? -3.583  -1.304  4.024   1.00 46.18 ? 52  GLY A O   1 
ATOM   380  N  N   . THR A 1 53  ? -2.232  -0.273  2.550   1.00 44.70 ? 53  THR A N   1 
ATOM   381  C  CA  . THR A 1 53  ? -2.316  -1.352  1.576   1.00 44.19 ? 53  THR A CA  1 
ATOM   382  C  C   . THR A 1 53  ? -1.440  -2.526  2.009   1.00 44.05 ? 53  THR A C   1 
ATOM   383  O  O   . THR A 1 53  ? -0.320  -2.336  2.468   1.00 44.09 ? 53  THR A O   1 
ATOM   384  C  CB  . THR A 1 53  ? -1.950  -0.863  0.149   1.00 43.97 ? 53  THR A CB  1 
ATOM   385  O  OG1 . THR A 1 53  ? -2.859  0.175   -0.232  1.00 44.84 ? 53  THR A OG1 1 
ATOM   386  C  CG2 . THR A 1 53  ? -2.044  -1.995  -0.870  1.00 42.17 ? 53  THR A CG2 1 
ATOM   387  N  N   . PHE A 1 54  ? -1.976  -3.726  1.825   1.00 43.80 ? 54  PHE A N   1 
ATOM   388  C  CA  . PHE A 1 54  ? -1.365  -4.996  2.185   1.00 43.71 ? 54  PHE A CA  1 
ATOM   389  C  C   . PHE A 1 54  ? -0.878  -5.683  0.902   1.00 43.41 ? 54  PHE A C   1 
ATOM   390  O  O   . PHE A 1 54  ? -1.659  -5.951  -0.003  1.00 43.25 ? 54  PHE A O   1 
ATOM   391  C  CB  . PHE A 1 54  ? -2.453  -5.819  2.910   1.00 43.59 ? 54  PHE A CB  1 
ATOM   392  C  CG  . PHE A 1 54  ? -2.136  -7.282  3.135   1.00 44.02 ? 54  PHE A CG  1 
ATOM   393  C  CD1 . PHE A 1 54  ? -1.743  -7.731  4.383   1.00 45.53 ? 54  PHE A CD1 1 
ATOM   394  C  CD2 . PHE A 1 54  ? -2.337  -8.224  2.129   1.00 43.38 ? 54  PHE A CD2 1 
ATOM   395  C  CE1 . PHE A 1 54  ? -1.510  -9.095  4.606   1.00 45.86 ? 54  PHE A CE1 1 
ATOM   396  C  CE2 . PHE A 1 54  ? -2.094  -9.572  2.345   1.00 42.44 ? 54  PHE A CE2 1 
ATOM   397  C  CZ  . PHE A 1 54  ? -1.692  -10.007 3.572   1.00 43.49 ? 54  PHE A CZ  1 
ATOM   398  N  N   . PHE A 1 55  ? 0.419   -5.950  0.840   1.00 43.37 ? 55  PHE A N   1 
ATOM   399  C  CA  . PHE A 1 55  ? 1.034   -6.689  -0.259  1.00 43.73 ? 55  PHE A CA  1 
ATOM   400  C  C   . PHE A 1 55  ? 1.513   -8.059  0.221   1.00 43.43 ? 55  PHE A C   1 
ATOM   401  O  O   . PHE A 1 55  ? 2.382   -8.136  1.072   1.00 43.46 ? 55  PHE A O   1 
ATOM   402  C  CB  . PHE A 1 55  ? 2.236   -5.918  -0.816  1.00 43.04 ? 55  PHE A CB  1 
ATOM   403  C  CG  . PHE A 1 55  ? 1.937   -4.485  -1.168  1.00 44.68 ? 55  PHE A CG  1 
ATOM   404  C  CD1 . PHE A 1 55  ? 1.719   -4.108  -2.487  1.00 44.87 ? 55  PHE A CD1 1 
ATOM   405  C  CD2 . PHE A 1 55  ? 1.891   -3.500  -0.177  1.00 45.21 ? 55  PHE A CD2 1 
ATOM   406  C  CE1 . PHE A 1 55  ? 1.460   -2.771  -2.811  1.00 45.01 ? 55  PHE A CE1 1 
ATOM   407  C  CE2 . PHE A 1 55  ? 1.610   -2.175  -0.497  1.00 44.14 ? 55  PHE A CE2 1 
ATOM   408  C  CZ  . PHE A 1 55  ? 1.406   -1.813  -1.824  1.00 43.88 ? 55  PHE A CZ  1 
ATOM   409  N  N   . LEU A 1 56  ? 0.946   -9.132  -0.318  1.00 43.51 ? 56  LEU A N   1 
ATOM   410  C  CA  . LEU A 1 56  ? 1.490   -10.470 -0.093  1.00 43.45 ? 56  LEU A CA  1 
ATOM   411  C  C   . LEU A 1 56  ? 2.666   -10.665 -1.059  1.00 43.83 ? 56  LEU A C   1 
ATOM   412  O  O   . LEU A 1 56  ? 2.524   -10.487 -2.271  1.00 43.68 ? 56  LEU A O   1 
ATOM   413  C  CB  . LEU A 1 56  ? 0.412   -11.541 -0.269  1.00 43.39 ? 56  LEU A CB  1 
ATOM   414  C  CG  . LEU A 1 56  ? 0.708   -12.931 0.309   1.00 44.30 ? 56  LEU A CG  1 
ATOM   415  C  CD1 . LEU A 1 56  ? 0.643   -12.979 1.854   1.00 42.98 ? 56  LEU A CD1 1 
ATOM   416  C  CD2 . LEU A 1 56  ? -0.192  -13.967 -0.308  1.00 42.33 ? 56  LEU A CD2 1 
ATOM   417  N  N   . VAL A 1 57  ? 3.839   -10.974 -0.514  1.00 44.33 ? 57  VAL A N   1 
ATOM   418  C  CA  . VAL A 1 57  ? 5.075   -10.923 -1.299  1.00 44.73 ? 57  VAL A CA  1 
ATOM   419  C  C   . VAL A 1 57  ? 5.855   -12.229 -1.198  1.00 45.43 ? 57  VAL A C   1 
ATOM   420  O  O   . VAL A 1 57  ? 5.692   -12.968 -0.232  1.00 45.38 ? 57  VAL A O   1 
ATOM   421  C  CB  . VAL A 1 57  ? 5.986   -9.687  -0.923  1.00 45.25 ? 57  VAL A CB  1 
ATOM   422  C  CG1 . VAL A 1 57  ? 5.283   -8.350  -1.238  1.00 43.28 ? 57  VAL A CG1 1 
ATOM   423  C  CG2 . VAL A 1 57  ? 6.479   -9.733  0.549   1.00 43.27 ? 57  VAL A CG2 1 
ATOM   424  N  N   . LYS A 1 58  ? 6.639   -12.529 -2.230  1.00 46.25 ? 58  LYS A N   1 
ATOM   425  C  CA  . LYS A 1 58  ? 7.664   -13.575 -2.175  1.00 47.54 ? 58  LYS A CA  1 
ATOM   426  C  C   . LYS A 1 58  ? 9.024   -12.906 -2.148  1.00 47.47 ? 58  LYS A C   1 
ATOM   427  O  O   . LYS A 1 58  ? 9.240   -11.906 -2.838  1.00 47.20 ? 58  LYS A O   1 
ATOM   428  C  CB  . LYS A 1 58  ? 7.625   -14.472 -3.404  1.00 47.80 ? 58  LYS A CB  1 
ATOM   429  C  CG  . LYS A 1 58  ? 6.658   -15.618 -3.338  1.00 51.12 ? 58  LYS A CG  1 
ATOM   430  C  CD  . LYS A 1 58  ? 6.965   -16.659 -4.415  1.00 55.02 ? 58  LYS A CD  1 
ATOM   431  C  CE  . LYS A 1 58  ? 8.011   -17.664 -3.959  1.00 57.52 ? 58  LYS A CE  1 
ATOM   432  N  NZ  . LYS A 1 58  ? 7.480   -18.626 -2.935  1.00 60.13 ? 58  LYS A NZ  1 
ATOM   433  N  N   . ASP A 1 59  ? 9.944   -13.459 -1.365  1.00 47.81 ? 59  ASP A N   1 
ATOM   434  C  CA  . ASP A 1 59  ? 11.286  -12.902 -1.295  1.00 47.94 ? 59  ASP A CA  1 
ATOM   435  C  C   . ASP A 1 59  ? 12.301  -13.739 -2.063  1.00 48.40 ? 59  ASP A C   1 
ATOM   436  O  O   . ASP A 1 59  ? 11.943  -14.724 -2.706  1.00 48.80 ? 59  ASP A O   1 
ATOM   437  C  CB  . ASP A 1 59  ? 11.701  -12.588 0.164   1.00 47.78 ? 59  ASP A CB  1 
ATOM   438  C  CG  . ASP A 1 59  ? 12.247  -13.800 0.947   1.00 47.48 ? 59  ASP A CG  1 
ATOM   439  O  OD1 . ASP A 1 59  ? 12.311  -14.949 0.457   1.00 45.57 ? 59  ASP A OD1 1 
ATOM   440  O  OD2 . ASP A 1 59  ? 12.639  -13.570 2.103   1.00 48.31 ? 59  ASP A OD2 1 
ATOM   441  N  N   . GLN A 1 60  ? 13.561  -13.329 -1.984  1.00 49.07 ? 60  GLN A N   1 
ATOM   442  C  CA  . GLN A 1 60  ? 14.680  -13.960 -2.670  1.00 49.57 ? 60  GLN A CA  1 
ATOM   443  C  C   . GLN A 1 60  ? 14.821  -15.455 -2.362  1.00 49.09 ? 60  GLN A C   1 
ATOM   444  O  O   . GLN A 1 60  ? 15.110  -16.258 -3.250  1.00 49.06 ? 60  GLN A O   1 
ATOM   445  C  CB  . GLN A 1 60  ? 15.966  -13.238 -2.266  1.00 50.06 ? 60  GLN A CB  1 
ATOM   446  C  CG  . GLN A 1 60  ? 16.923  -13.003 -3.408  1.00 53.16 ? 60  GLN A CG  1 
ATOM   447  C  CD  . GLN A 1 60  ? 16.397  -11.965 -4.367  1.00 56.75 ? 60  GLN A CD  1 
ATOM   448  O  OE1 . GLN A 1 60  ? 16.415  -10.768 -4.071  1.00 58.12 ? 60  GLN A OE1 1 
ATOM   449  N  NE2 . GLN A 1 60  ? 15.918  -12.415 -5.527  1.00 57.97 ? 60  GLN A NE2 1 
ATOM   450  N  N   . ARG A 1 61  ? 14.632  -15.817 -1.097  1.00 48.70 ? 61  ARG A N   1 
ATOM   451  C  CA  . ARG A 1 61  ? 14.729  -17.211 -0.659  1.00 48.08 ? 61  ARG A CA  1 
ATOM   452  C  C   . ARG A 1 61  ? 13.395  -17.970 -0.716  1.00 47.39 ? 61  ARG A C   1 
ATOM   453  O  O   . ARG A 1 61  ? 13.277  -19.048 -0.128  1.00 47.39 ? 61  ARG A O   1 
ATOM   454  C  CB  . ARG A 1 61  ? 15.323  -17.293 0.756   1.00 48.35 ? 61  ARG A CB  1 
ATOM   455  C  CG  . ARG A 1 61  ? 16.737  -16.727 0.940   1.00 49.67 ? 61  ARG A CG  1 
ATOM   456  C  CD  . ARG A 1 61  ? 17.773  -17.477 0.118   1.00 52.46 ? 61  ARG A CD  1 
ATOM   457  N  NE  . ARG A 1 61  ? 18.112  -16.733 -1.098  1.00 55.38 ? 61  ARG A NE  1 
ATOM   458  C  CZ  . ARG A 1 61  ? 18.769  -17.232 -2.143  1.00 55.97 ? 61  ARG A CZ  1 
ATOM   459  N  NH1 . ARG A 1 61  ? 19.166  -18.502 -2.150  1.00 55.62 ? 61  ARG A NH1 1 
ATOM   460  N  NH2 . ARG A 1 61  ? 19.022  -16.452 -3.191  1.00 55.84 ? 61  ARG A NH2 1 
ATOM   461  N  N   . ALA A 1 62  ? 12.402  -17.412 -1.416  1.00 46.79 ? 62  ALA A N   1 
ATOM   462  C  CA  . ALA A 1 62  ? 11.089  -18.064 -1.628  1.00 46.27 ? 62  ALA A CA  1 
ATOM   463  C  C   . ALA A 1 62  ? 10.175  -18.066 -0.387  1.00 46.06 ? 62  ALA A C   1 
ATOM   464  O  O   . ALA A 1 62  ? 9.177   -18.810 -0.327  1.00 45.71 ? 62  ALA A O   1 
ATOM   465  C  CB  . ALA A 1 62  ? 11.264  -19.503 -2.186  1.00 45.96 ? 62  ALA A CB  1 
ATOM   466  N  N   . ARG A 1 63  ? 10.529  -17.235 0.596   1.00 45.87 ? 63  ARG A N   1 
ATOM   467  C  CA  . ARG A 1 63  ? 9.748   -17.048 1.819   1.00 45.42 ? 63  ARG A CA  1 
ATOM   468  C  C   . ARG A 1 63  ? 8.535   -16.196 1.457   1.00 44.88 ? 63  ARG A C   1 
ATOM   469  O  O   . ARG A 1 63  ? 8.655   -15.221 0.718   1.00 44.22 ? 63  ARG A O   1 
ATOM   470  C  CB  . ARG A 1 63  ? 10.594  -16.375 2.929   1.00 46.12 ? 63  ARG A CB  1 
ATOM   471  C  CG  . ARG A 1 63  ? 11.870  -17.150 3.348   1.00 47.62 ? 63  ARG A CG  1 
ATOM   472  C  CD  . ARG A 1 63  ? 12.502  -16.643 4.674   1.00 51.47 ? 63  ARG A CD  1 
ATOM   473  N  NE  . ARG A 1 63  ? 13.643  -15.745 4.462   1.00 53.34 ? 63  ARG A NE  1 
ATOM   474  C  CZ  . ARG A 1 63  ? 14.922  -16.096 4.578   1.00 56.01 ? 63  ARG A CZ  1 
ATOM   475  N  NH1 . ARG A 1 63  ? 15.257  -17.330 4.920   1.00 56.99 ? 63  ARG A NH1 1 
ATOM   476  N  NH2 . ARG A 1 63  ? 15.882  -15.205 4.354   1.00 58.27 ? 63  ARG A NH2 1 
ATOM   477  N  N   . VAL A 1 64  ? 7.362   -16.618 1.932   1.00 44.36 ? 64  VAL A N   1 
ATOM   478  C  CA  . VAL A 1 64  ? 6.121   -15.911 1.714   1.00 43.83 ? 64  VAL A CA  1 
ATOM   479  C  C   . VAL A 1 64  ? 5.892   -14.987 2.905   1.00 44.34 ? 64  VAL A C   1 
ATOM   480  O  O   . VAL A 1 64  ? 6.120   -15.374 4.046   1.00 44.73 ? 64  VAL A O   1 
ATOM   481  C  CB  . VAL A 1 64  ? 4.924   -16.900 1.509   1.00 44.20 ? 64  VAL A CB  1 
ATOM   482  C  CG1 . VAL A 1 64  ? 3.559   -16.175 1.524   1.00 43.37 ? 64  VAL A CG1 1 
ATOM   483  C  CG2 . VAL A 1 64  ? 5.093   -17.690 0.219   1.00 42.26 ? 64  VAL A CG2 1 
ATOM   484  N  N   . GLY A 1 65  ? 5.465   -13.758 2.636   1.00 44.35 ? 65  GLY A N   1 
ATOM   485  C  CA  . GLY A 1 65  ? 5.242   -12.785 3.689   1.00 44.58 ? 65  GLY A CA  1 
ATOM   486  C  C   . GLY A 1 65  ? 4.368   -11.655 3.190   1.00 45.02 ? 65  GLY A C   1 
ATOM   487  O  O   . GLY A 1 65  ? 3.842   -11.715 2.078   1.00 45.13 ? 65  GLY A O   1 
ATOM   488  N  N   . TYR A 1 66  ? 4.198   -10.627 4.014   1.00 45.05 ? 66  TYR A N   1 
ATOM   489  C  CA  . TYR A 1 66  ? 3.425   -9.452  3.607   1.00 44.90 ? 66  TYR A CA  1 
ATOM   490  C  C   . TYR A 1 66  ? 3.997   -8.137  4.133   1.00 45.28 ? 66  TYR A C   1 
ATOM   491  O  O   . TYR A 1 66  ? 4.594   -8.094  5.207   1.00 45.21 ? 66  TYR A O   1 
ATOM   492  C  CB  . TYR A 1 66  ? 1.955   -9.587  4.003   1.00 44.53 ? 66  TYR A CB  1 
ATOM   493  C  CG  . TYR A 1 66  ? 1.684   -9.814  5.491   1.00 44.76 ? 66  TYR A CG  1 
ATOM   494  C  CD1 . TYR A 1 66  ? 1.443   -8.742  6.353   1.00 42.80 ? 66  TYR A CD1 1 
ATOM   495  C  CD2 . TYR A 1 66  ? 1.641   -11.103 6.023   1.00 43.97 ? 66  TYR A CD2 1 
ATOM   496  C  CE1 . TYR A 1 66  ? 1.183   -8.949  7.696   1.00 42.66 ? 66  TYR A CE1 1 
ATOM   497  C  CE2 . TYR A 1 66  ? 1.386   -11.316 7.376   1.00 42.70 ? 66  TYR A CE2 1 
ATOM   498  C  CZ  . TYR A 1 66  ? 1.153   -10.243 8.198   1.00 42.61 ? 66  TYR A CZ  1 
ATOM   499  O  OH  . TYR A 1 66  ? 0.896   -10.456 9.528   1.00 42.35 ? 66  TYR A OH  1 
ATOM   500  N  N   . VAL A 1 67  ? 3.807   -7.083  3.339   1.00 45.67 ? 67  VAL A N   1 
ATOM   501  C  CA  . VAL A 1 67  ? 4.142   -5.718  3.694   1.00 45.74 ? 67  VAL A CA  1 
ATOM   502  C  C   . VAL A 1 67  ? 2.858   -4.896  3.709   1.00 46.13 ? 67  VAL A C   1 
ATOM   503  O  O   . VAL A 1 67  ? 2.051   -4.993  2.800   1.00 46.53 ? 67  VAL A O   1 
ATOM   504  C  CB  . VAL A 1 67  ? 5.116   -5.096  2.647   1.00 46.03 ? 67  VAL A CB  1 
ATOM   505  C  CG1 . VAL A 1 67  ? 5.343   -3.595  2.912   1.00 45.61 ? 67  VAL A CG1 1 
ATOM   506  C  CG2 . VAL A 1 67  ? 6.437   -5.842  2.628   1.00 45.25 ? 67  VAL A CG2 1 
ATOM   507  N  N   . ILE A 1 68  ? 2.661   -4.106  4.758   1.00 46.75 ? 68  ILE A N   1 
ATOM   508  C  CA  . ILE A 1 68  ? 1.669   -3.046  4.760   1.00 46.47 ? 68  ILE A CA  1 
ATOM   509  C  C   . ILE A 1 68  ? 2.425   -1.722  4.694   1.00 46.69 ? 68  ILE A C   1 
ATOM   510  O  O   . ILE A 1 68  ? 3.229   -1.419  5.577   1.00 46.88 ? 68  ILE A O   1 
ATOM   511  C  CB  . ILE A 1 68  ? 0.740   -3.117  5.998   1.00 46.83 ? 68  ILE A CB  1 
ATOM   512  C  CG1 . ILE A 1 68  ? -0.038  -4.441  5.979   1.00 47.13 ? 68  ILE A CG1 1 
ATOM   513  C  CG2 . ILE A 1 68  ? -0.234  -1.916  6.043   1.00 45.42 ? 68  ILE A CG2 1 
ATOM   514  C  CD1 . ILE A 1 68  ? -0.786  -4.756  7.228   1.00 45.75 ? 68  ILE A CD1 1 
ATOM   515  N  N   . LEU A 1 69  ? 2.199   -0.969  3.619   1.00 46.67 ? 69  LEU A N   1 
ATOM   516  C  CA  . LEU A 1 69  ? 2.763   0.363   3.466   1.00 46.76 ? 69  LEU A CA  1 
ATOM   517  C  C   . LEU A 1 69  ? 1.879   1.315   4.237   1.00 46.56 ? 69  LEU A C   1 
ATOM   518  O  O   . LEU A 1 69  ? 0.773   1.636   3.804   1.00 46.89 ? 69  LEU A O   1 
ATOM   519  C  CB  . LEU A 1 69  ? 2.858   0.781   1.992   1.00 46.75 ? 69  LEU A CB  1 
ATOM   520  C  CG  . LEU A 1 69  ? 4.002   0.274   1.090   1.00 47.46 ? 69  LEU A CG  1 
ATOM   521  C  CD1 . LEU A 1 69  ? 4.023   1.082   -0.222  1.00 46.57 ? 69  LEU A CD1 1 
ATOM   522  C  CD2 . LEU A 1 69  ? 5.396   0.306   1.744   1.00 46.78 ? 69  LEU A CD2 1 
ATOM   523  N  N   . ASN A 1 70  ? 2.388   1.752   5.383   1.00 46.37 ? 70  ASN A N   1 
ATOM   524  C  CA  . ASN A 1 70  ? 1.631   2.490   6.378   1.00 46.14 ? 70  ASN A CA  1 
ATOM   525  C  C   . ASN A 1 70  ? 1.269   3.893   5.915   1.00 46.30 ? 70  ASN A C   1 
ATOM   526  O  O   . ASN A 1 70  ? 2.120   4.632   5.415   1.00 45.96 ? 70  ASN A O   1 
ATOM   527  C  CB  . ASN A 1 70  ? 2.444   2.535   7.683   1.00 46.08 ? 70  ASN A CB  1 
ATOM   528  C  CG  . ASN A 1 70  ? 1.630   2.994   8.890   1.00 45.69 ? 70  ASN A CG  1 
ATOM   529  O  OD1 . ASN A 1 70  ? 0.417   3.180   8.813   1.00 46.36 ? 70  ASN A OD1 1 
ATOM   530  N  ND2 . ASN A 1 70  ? 2.310   3.177   10.017  1.00 45.10 ? 70  ASN A ND2 1 
ATOM   531  N  N   . ARG A 1 71  ? -0.009  4.230   6.073   1.00 46.52 ? 71  ARG A N   1 
ATOM   532  C  CA  . ARG A 1 71  ? -0.544  5.564   5.779   1.00 47.40 ? 71  ARG A CA  1 
ATOM   533  C  C   . ARG A 1 71  ? -0.414  6.558   6.944   1.00 47.51 ? 71  ARG A C   1 
ATOM   534  O  O   . ARG A 1 71  ? -0.458  7.775   6.736   1.00 47.41 ? 71  ARG A O   1 
ATOM   535  C  CB  . ARG A 1 71  ? -2.018  5.454   5.381   1.00 47.65 ? 71  ARG A CB  1 
ATOM   536  C  CG  . ARG A 1 71  ? -2.239  4.808   4.026   1.00 49.49 ? 71  ARG A CG  1 
ATOM   537  C  CD  . ARG A 1 71  ? -3.638  5.046   3.501   1.00 52.87 ? 71  ARG A CD  1 
ATOM   538  N  NE  . ARG A 1 71  ? -3.717  4.697   2.083   1.00 54.72 ? 71  ARG A NE  1 
ATOM   539  C  CZ  . ARG A 1 71  ? -4.258  3.583   1.608   1.00 55.66 ? 71  ARG A CZ  1 
ATOM   540  N  NH1 . ARG A 1 71  ? -4.802  2.702   2.438   1.00 57.45 ? 71  ARG A NH1 1 
ATOM   541  N  NH2 . ARG A 1 71  ? -4.271  3.357   0.296   1.00 56.55 ? 71  ARG A NH2 1 
ATOM   542  N  N   . ASN A 1 72  ? -0.265  6.032   8.163   1.00 47.91 ? 72  ASN A N   1 
ATOM   543  C  CA  . ASN A 1 72  ? -0.244  6.848   9.378   1.00 48.29 ? 72  ASN A CA  1 
ATOM   544  C  C   . ASN A 1 72  ? 1.127   7.420   9.721   1.00 48.10 ? 72  ASN A C   1 
ATOM   545  O  O   . ASN A 1 72  ? 1.215   8.487   10.326  1.00 47.98 ? 72  ASN A O   1 
ATOM   546  C  CB  . ASN A 1 72  ? -0.796  6.058   10.570  1.00 48.85 ? 72  ASN A CB  1 
ATOM   547  C  CG  . ASN A 1 72  ? -2.274  5.761   10.440  1.00 49.44 ? 72  ASN A CG  1 
ATOM   548  O  OD1 . ASN A 1 72  ? -3.002  6.481   9.761   1.00 50.65 ? 72  ASN A OD1 1 
ATOM   549  N  ND2 . ASN A 1 72  ? -2.726  4.688   11.089  1.00 50.24 ? 72  ASN A ND2 1 
ATOM   550  N  N   . SER A 1 73  ? 2.179   6.704   9.327   1.00 48.17 ? 73  SER A N   1 
ATOM   551  C  CA  . SER A 1 73  ? 3.566   7.104   9.558   1.00 48.59 ? 73  SER A CA  1 
ATOM   552  C  C   . SER A 1 73  ? 4.452   6.372   8.555   1.00 48.90 ? 73  SER A C   1 
ATOM   553  O  O   . SER A 1 73  ? 3.956   5.523   7.814   1.00 49.34 ? 73  SER A O   1 
ATOM   554  C  CB  . SER A 1 73  ? 3.998   6.815   11.010  1.00 48.48 ? 73  SER A CB  1 
ATOM   555  O  OG  . SER A 1 73  ? 4.224   5.435   11.246  1.00 48.31 ? 73  SER A OG  1 
ATOM   556  N  N   . PRO A 1 74  ? 5.758   6.707   8.494   1.00 49.41 ? 74  PRO A N   1 
ATOM   557  C  CA  . PRO A 1 74  ? 6.620   5.943   7.592   1.00 49.48 ? 74  PRO A CA  1 
ATOM   558  C  C   . PRO A 1 74  ? 6.997   4.561   8.127   1.00 49.90 ? 74  PRO A C   1 
ATOM   559  O  O   . PRO A 1 74  ? 7.706   3.823   7.444   1.00 50.06 ? 74  PRO A O   1 
ATOM   560  C  CB  . PRO A 1 74  ? 7.874   6.820   7.458   1.00 49.55 ? 74  PRO A CB  1 
ATOM   561  C  CG  . PRO A 1 74  ? 7.596   8.073   8.201   1.00 49.36 ? 74  PRO A CG  1 
ATOM   562  C  CD  . PRO A 1 74  ? 6.515   7.770   9.178   1.00 49.45 ? 74  PRO A CD  1 
ATOM   563  N  N   . GLU A 1 75  ? 6.531   4.216   9.332   1.00 50.40 ? 75  GLU A N   1 
ATOM   564  C  CA  . GLU A 1 75  ? 6.726   2.872   9.894   1.00 50.81 ? 75  GLU A CA  1 
ATOM   565  C  C   . GLU A 1 75  ? 5.805   1.840   9.260   1.00 50.12 ? 75  GLU A C   1 
ATOM   566  O  O   . GLU A 1 75  ? 4.601   1.854   9.497   1.00 50.16 ? 75  GLU A O   1 
ATOM   567  C  CB  . GLU A 1 75  ? 6.512   2.860   11.404  1.00 51.24 ? 75  GLU A CB  1 
ATOM   568  C  CG  . GLU A 1 75  ? 7.800   2.767   12.210  1.00 54.61 ? 75  GLU A CG  1 
ATOM   569  C  CD  . GLU A 1 75  ? 8.465   4.116   12.422  1.00 57.71 ? 75  GLU A CD  1 
ATOM   570  O  OE1 . GLU A 1 75  ? 8.874   4.767   11.430  1.00 58.35 ? 75  GLU A OE1 1 
ATOM   571  O  OE2 . GLU A 1 75  ? 8.591   4.520   13.599  1.00 60.53 ? 75  GLU A OE2 1 
ATOM   572  N  N   . ASN A 1 76  ? 6.401   0.942   8.482   1.00 49.45 ? 76  ASN A N   1 
ATOM   573  C  CA  . ASN A 1 76  ? 5.702   -0.125  7.781   1.00 48.76 ? 76  ASN A CA  1 
ATOM   574  C  C   . ASN A 1 76  ? 5.783   -1.419  8.557   1.00 48.73 ? 76  ASN A C   1 
ATOM   575  O  O   . ASN A 1 76  ? 6.584   -1.539  9.476   1.00 49.08 ? 76  ASN A O   1 
ATOM   576  C  CB  . ASN A 1 76  ? 6.344   -0.353  6.413   1.00 48.36 ? 76  ASN A CB  1 
ATOM   577  C  CG  . ASN A 1 76  ? 6.443   0.912   5.596   1.00 47.68 ? 76  ASN A CG  1 
ATOM   578  O  OD1 . ASN A 1 76  ? 5.529   1.743   5.589   1.00 46.58 ? 76  ASN A OD1 1 
ATOM   579  N  ND2 . ASN A 1 76  ? 7.551   1.062   4.888   1.00 46.41 ? 76  ASN A ND2 1 
ATOM   580  N  N   . LEU A 1 77  ? 4.956   -2.388  8.183   1.00 48.06 ? 77  LEU A N   1 
ATOM   581  C  CA  . LEU A 1 77  ? 5.048   -3.727  8.745   1.00 47.96 ? 77  LEU A CA  1 
ATOM   582  C  C   . LEU A 1 77  ? 5.437   -4.715  7.645   1.00 47.63 ? 77  LEU A C   1 
ATOM   583  O  O   . LEU A 1 77  ? 4.879   -4.684  6.552   1.00 47.86 ? 77  LEU A O   1 
ATOM   584  C  CB  . LEU A 1 77  ? 3.715   -4.153  9.377   1.00 47.87 ? 77  LEU A CB  1 
ATOM   585  C  CG  . LEU A 1 77  ? 3.613   -5.519  10.076  1.00 47.63 ? 77  LEU A CG  1 
ATOM   586  C  CD1 . LEU A 1 77  ? 4.710   -5.688  11.132  1.00 45.98 ? 77  LEU A CD1 1 
ATOM   587  C  CD2 . LEU A 1 77  ? 2.243   -5.690  10.713  1.00 46.31 ? 77  LEU A CD2 1 
ATOM   588  N  N   . TYR A 1 78  ? 6.401   -5.574  7.952   1.00 47.21 ? 78  TYR A N   1 
ATOM   589  C  CA  . TYR A 1 78  ? 6.804   -6.685  7.091   1.00 47.18 ? 78  TYR A CA  1 
ATOM   590  C  C   . TYR A 1 78  ? 6.971   -7.923  7.981   1.00 46.72 ? 78  TYR A C   1 
ATOM   591  O  O   . TYR A 1 78  ? 7.807   -7.931  8.871   1.00 46.29 ? 78  TYR A O   1 
ATOM   592  C  CB  . TYR A 1 78  ? 8.112   -6.347  6.348   1.00 47.44 ? 78  TYR A CB  1 
ATOM   593  C  CG  . TYR A 1 78  ? 8.595   -7.382  5.335   1.00 48.58 ? 78  TYR A CG  1 
ATOM   594  C  CD1 . TYR A 1 78  ? 7.735   -8.346  4.798   1.00 49.72 ? 78  TYR A CD1 1 
ATOM   595  C  CD2 . TYR A 1 78  ? 9.907   -7.370  4.886   1.00 50.13 ? 78  TYR A CD2 1 
ATOM   596  C  CE1 . TYR A 1 78  ? 8.181   -9.282  3.866   1.00 48.87 ? 78  TYR A CE1 1 
ATOM   597  C  CE2 . TYR A 1 78  ? 10.355  -8.297  3.943   1.00 50.74 ? 78  TYR A CE2 1 
ATOM   598  C  CZ  . TYR A 1 78  ? 9.483   -9.248  3.441   1.00 49.17 ? 78  TYR A CZ  1 
ATOM   599  O  OH  . TYR A 1 78  ? 9.932   -10.165 2.512   1.00 48.70 ? 78  TYR A OH  1 
ATOM   600  N  N   . LEU A 1 79  ? 6.142   -8.940  7.750   1.00 46.31 ? 79  LEU A N   1 
ATOM   601  C  CA  . LEU A 1 79  ? 6.182   -10.203 8.490   1.00 46.10 ? 79  LEU A CA  1 
ATOM   602  C  C   . LEU A 1 79  ? 6.079   -11.406 7.551   1.00 46.09 ? 79  LEU A C   1 
ATOM   603  O  O   . LEU A 1 79  ? 5.445   -11.333 6.501   1.00 45.86 ? 79  LEU A O   1 
ATOM   604  C  CB  . LEU A 1 79  ? 5.029   -10.283 9.499   1.00 45.81 ? 79  LEU A CB  1 
ATOM   605  C  CG  . LEU A 1 79  ? 4.894   -9.251  10.624  1.00 46.11 ? 79  LEU A CG  1 
ATOM   606  C  CD1 . LEU A 1 79  ? 3.535   -9.360  11.312  1.00 45.17 ? 79  LEU A CD1 1 
ATOM   607  C  CD2 . LEU A 1 79  ? 6.052   -9.329  11.641  1.00 44.64 ? 79  LEU A CD2 1 
ATOM   608  N  N   . PHE A 1 80  ? 6.689   -12.516 7.959   1.00 46.19 ? 80  PHE A N   1 
ATOM   609  C  CA  . PHE A 1 80  ? 6.655   -13.766 7.202   1.00 45.99 ? 80  PHE A CA  1 
ATOM   610  C  C   . PHE A 1 80  ? 5.538   -14.682 7.653   1.00 46.13 ? 80  PHE A C   1 
ATOM   611  O  O   . PHE A 1 80  ? 5.157   -14.692 8.828   1.00 45.66 ? 80  PHE A O   1 
ATOM   612  C  CB  . PHE A 1 80  ? 7.993   -14.498 7.309   1.00 45.65 ? 80  PHE A CB  1 
ATOM   613  C  CG  . PHE A 1 80  ? 9.143   -13.742 6.696   1.00 45.71 ? 80  PHE A CG  1 
ATOM   614  C  CD1 . PHE A 1 80  ? 9.345   -13.754 5.323   1.00 44.19 ? 80  PHE A CD1 1 
ATOM   615  C  CD2 . PHE A 1 80  ? 10.014  -13.002 7.494   1.00 46.12 ? 80  PHE A CD2 1 
ATOM   616  C  CE1 . PHE A 1 80  ? 10.402  -13.060 4.758   1.00 45.37 ? 80  PHE A CE1 1 
ATOM   617  C  CE2 . PHE A 1 80  ? 11.080  -12.300 6.926   1.00 46.43 ? 80  PHE A CE2 1 
ATOM   618  C  CZ  . PHE A 1 80  ? 11.277  -12.336 5.562   1.00 45.68 ? 80  PHE A CZ  1 
ATOM   619  N  N   . ILE A 1 81  ? 4.994   -15.430 6.698   1.00 46.49 ? 81  ILE A N   1 
ATOM   620  C  CA  . ILE A 1 81  ? 4.096   -16.524 7.015   1.00 47.02 ? 81  ILE A CA  1 
ATOM   621  C  C   . ILE A 1 81  ? 4.904   -17.801 6.809   1.00 47.60 ? 81  ILE A C   1 
ATOM   622  O  O   . ILE A 1 81  ? 5.247   -18.167 5.688   1.00 47.72 ? 81  ILE A O   1 
ATOM   623  C  CB  . ILE A 1 81  ? 2.770   -16.463 6.211   1.00 46.89 ? 81  ILE A CB  1 
ATOM   624  C  CG1 . ILE A 1 81  ? 2.176   -15.045 6.294   1.00 46.45 ? 81  ILE A CG1 1 
ATOM   625  C  CG2 . ILE A 1 81  ? 1.767   -17.498 6.758   1.00 47.00 ? 81  ILE A CG2 1 
ATOM   626  C  CD1 . ILE A 1 81  ? 1.003   -14.758 5.367   1.00 45.05 ? 81  ILE A CD1 1 
ATOM   627  N  N   . ASN A 1 82  ? 5.250   -18.444 7.917   1.00 48.46 ? 82  ASN A N   1 
ATOM   628  C  CA  . ASN A 1 82  ? 6.203   -19.548 7.907   1.00 49.32 ? 82  ASN A CA  1 
ATOM   629  C  C   . ASN A 1 82  ? 5.562   -20.879 7.500   1.00 49.59 ? 82  ASN A C   1 
ATOM   630  O  O   . ASN A 1 82  ? 6.200   -21.713 6.869   1.00 49.41 ? 82  ASN A O   1 
ATOM   631  C  CB  . ASN A 1 82  ? 6.889   -19.652 9.272   1.00 49.46 ? 82  ASN A CB  1 
ATOM   632  C  CG  . ASN A 1 82  ? 7.576   -18.345 9.692   1.00 51.22 ? 82  ASN A CG  1 
ATOM   633  O  OD1 . ASN A 1 82  ? 7.423   -17.881 10.830  1.00 51.60 ? 82  ASN A OD1 1 
ATOM   634  N  ND2 . ASN A 1 82  ? 8.337   -17.751 8.770   1.00 51.54 ? 82  ASN A ND2 1 
ATOM   635  N  N   . HIS A 1 83  ? 4.290   -21.050 7.860   1.00 50.14 ? 83  HIS A N   1 
ATOM   636  C  CA  . HIS A 1 83  ? 3.522   -22.259 7.579   1.00 50.65 ? 83  HIS A CA  1 
ATOM   637  C  C   . HIS A 1 83  ? 2.079   -21.842 7.323   1.00 50.89 ? 83  HIS A C   1 
ATOM   638  O  O   . HIS A 1 83  ? 1.579   -20.941 7.994   1.00 50.62 ? 83  HIS A O   1 
ATOM   639  C  CB  . HIS A 1 83  ? 3.548   -23.205 8.780   1.00 50.75 ? 83  HIS A CB  1 
ATOM   640  C  CG  . HIS A 1 83  ? 4.913   -23.438 9.338   1.00 51.95 ? 83  HIS A CG  1 
ATOM   641  N  ND1 . HIS A 1 83  ? 5.793   -24.351 8.797   1.00 53.25 ? 83  HIS A ND1 1 
ATOM   642  C  CD2 . HIS A 1 83  ? 5.549   -22.884 10.398  1.00 53.32 ? 83  HIS A CD2 1 
ATOM   643  C  CE1 . HIS A 1 83  ? 6.913   -24.350 9.498   1.00 54.12 ? 83  HIS A CE1 1 
ATOM   644  N  NE2 . HIS A 1 83  ? 6.791   -23.465 10.474  1.00 54.32 ? 83  HIS A NE2 1 
ATOM   645  N  N   . PRO A 1 84  ? 1.395   -22.499 6.357   1.00 51.20 ? 84  PRO A N   1 
ATOM   646  C  CA  . PRO A 1 84  ? 0.013   -22.114 6.055   1.00 51.04 ? 84  PRO A CA  1 
ATOM   647  C  C   . PRO A 1 84  ? -0.912  -22.216 7.278   1.00 51.06 ? 84  PRO A C   1 
ATOM   648  O  O   . PRO A 1 84  ? -1.879  -21.445 7.395   1.00 51.05 ? 84  PRO A O   1 
ATOM   649  C  CB  . PRO A 1 84  ? -0.396  -23.098 4.953   1.00 51.07 ? 84  PRO A CB  1 
ATOM   650  C  CG  . PRO A 1 84  ? 0.584   -24.236 5.053   1.00 51.30 ? 84  PRO A CG  1 
ATOM   651  C  CD  . PRO A 1 84  ? 1.858   -23.605 5.494   1.00 51.08 ? 84  PRO A CD  1 
ATOM   652  N  N   . SER A 1 85  ? -0.591  -23.143 8.185   1.00 50.71 ? 85  SER A N   1 
ATOM   653  C  CA  . SER A 1 85  ? -1.319  -23.320 9.449   1.00 50.22 ? 85  SER A CA  1 
ATOM   654  C  C   . SER A 1 85  ? -1.225  -22.114 10.401  1.00 49.75 ? 85  SER A C   1 
ATOM   655  O  O   . SER A 1 85  ? -1.991  -22.032 11.367  1.00 49.87 ? 85  SER A O   1 
ATOM   656  C  CB  . SER A 1 85  ? -0.835  -24.588 10.170  1.00 50.29 ? 85  SER A CB  1 
ATOM   657  O  OG  . SER A 1 85  ? 0.341   -24.330 10.925  1.00 51.09 ? 85  SER A OG  1 
ATOM   658  N  N   . ASN A 1 86  ? -0.284  -21.204 10.138  1.00 49.02 ? 86  ASN A N   1 
ATOM   659  C  CA  . ASN A 1 86  ? -0.093  -19.983 10.940  1.00 48.37 ? 86  ASN A CA  1 
ATOM   660  C  C   . ASN A 1 86  ? -1.218  -18.948 10.805  1.00 48.25 ? 86  ASN A C   1 
ATOM   661  O  O   . ASN A 1 86  ? -1.263  -17.981 11.553  1.00 47.94 ? 86  ASN A O   1 
ATOM   662  C  CB  . ASN A 1 86  ? 1.239   -19.307 10.568  1.00 48.11 ? 86  ASN A CB  1 
ATOM   663  C  CG  . ASN A 1 86  ? 2.447   -20.017 11.144  1.00 47.49 ? 86  ASN A CG  1 
ATOM   664  O  OD1 . ASN A 1 86  ? 2.326   -20.944 11.936  1.00 46.61 ? 86  ASN A OD1 1 
ATOM   665  N  ND2 . ASN A 1 86  ? 3.624   -19.567 10.760  1.00 47.25 ? 86  ASN A ND2 1 
ATOM   666  N  N   . VAL A 1 87  ? -2.104  -19.143 9.833   1.00 48.45 ? 87  VAL A N   1 
ATOM   667  C  CA  . VAL A 1 87  ? -3.137  -18.165 9.496   1.00 48.82 ? 87  VAL A CA  1 
ATOM   668  C  C   . VAL A 1 87  ? -4.527  -18.803 9.570   1.00 49.04 ? 87  VAL A C   1 
ATOM   669  O  O   . VAL A 1 87  ? -4.771  -19.831 8.951   1.00 48.66 ? 87  VAL A O   1 
ATOM   670  C  CB  . VAL A 1 87  ? -2.885  -17.545 8.083   1.00 49.01 ? 87  VAL A CB  1 
ATOM   671  C  CG1 . VAL A 1 87  ? -4.123  -16.872 7.558   1.00 49.70 ? 87  VAL A CG1 1 
ATOM   672  C  CG2 . VAL A 1 87  ? -1.711  -16.562 8.101   1.00 47.91 ? 87  VAL A CG2 1 
ATOM   673  N  N   . HIS A 1 88  ? -5.417  -18.184 10.349  1.00 49.53 ? 88  HIS A N   1 
ATOM   674  C  CA  . HIS A 1 88  ? -6.781  -18.666 10.583  1.00 49.96 ? 88  HIS A CA  1 
ATOM   675  C  C   . HIS A 1 88  ? -7.733  -17.495 10.399  1.00 49.77 ? 88  HIS A C   1 
ATOM   676  O  O   . HIS A 1 88  ? -7.353  -16.356 10.624  1.00 49.95 ? 88  HIS A O   1 
ATOM   677  C  CB  . HIS A 1 88  ? -6.942  -19.164 12.033  1.00 50.20 ? 88  HIS A CB  1 
ATOM   678  C  CG  . HIS A 1 88  ? -6.283  -20.479 12.328  1.00 52.03 ? 88  HIS A CG  1 
ATOM   679  N  ND1 . HIS A 1 88  ? -5.029  -20.820 11.864  1.00 52.92 ? 88  HIS A ND1 1 
ATOM   680  C  CD2 . HIS A 1 88  ? -6.688  -21.518 13.099  1.00 54.04 ? 88  HIS A CD2 1 
ATOM   681  C  CE1 . HIS A 1 88  ? -4.704  -22.021 12.308  1.00 52.95 ? 88  HIS A CE1 1 
ATOM   682  N  NE2 . HIS A 1 88  ? -5.694  -22.466 13.063  1.00 54.06 ? 88  HIS A NE2 1 
ATOM   683  N  N   . LEU A 1 89  ? -8.967  -17.771 9.993   1.00 49.90 ? 89  LEU A N   1 
ATOM   684  C  CA  . LEU A 1 89  ? -10.036 -16.779 10.053  1.00 50.02 ? 89  LEU A CA  1 
ATOM   685  C  C   . LEU A 1 89  ? -10.822 -16.978 11.354  1.00 50.39 ? 89  LEU A C   1 
ATOM   686  O  O   . LEU A 1 89  ? -11.509 -17.985 11.523  1.00 50.33 ? 89  LEU A O   1 
ATOM   687  C  CB  . LEU A 1 89  ? -10.994 -16.898 8.858   1.00 49.62 ? 89  LEU A CB  1 
ATOM   688  C  CG  . LEU A 1 89  ? -10.596 -16.484 7.444   1.00 49.18 ? 89  LEU A CG  1 
ATOM   689  C  CD1 . LEU A 1 89  ? -11.853 -16.342 6.599   1.00 47.19 ? 89  LEU A CD1 1 
ATOM   690  C  CD2 . LEU A 1 89  ? -9.800  -15.180 7.420   1.00 49.48 ? 89  LEU A CD2 1 
ATOM   691  N  N   . VAL A 1 90  ? -10.701 -16.027 12.272  1.00 50.67 ? 90  VAL A N   1 
ATOM   692  C  CA  . VAL A 1 90  ? -11.467 -16.059 13.507  1.00 50.99 ? 90  VAL A CA  1 
ATOM   693  C  C   . VAL A 1 90  ? -12.268 -14.765 13.605  1.00 51.46 ? 90  VAL A C   1 
ATOM   694  O  O   . VAL A 1 90  ? -11.686 -13.678 13.737  1.00 51.72 ? 90  VAL A O   1 
ATOM   695  C  CB  . VAL A 1 90  ? -10.567 -16.227 14.761  1.00 51.04 ? 90  VAL A CB  1 
ATOM   696  C  CG1 . VAL A 1 90  ? -11.422 -16.373 16.016  1.00 51.15 ? 90  VAL A CG1 1 
ATOM   697  C  CG2 . VAL A 1 90  ? -9.636  -17.427 14.620  1.00 50.46 ? 90  VAL A CG2 1 
ATOM   698  N  N   . ASP A 1 91  ? -13.597 -14.894 13.530  1.00 51.52 ? 91  ASP A N   1 
ATOM   699  C  CA  . ASP A 1 91  ? -14.531 -13.757 13.602  1.00 51.45 ? 91  ASP A CA  1 
ATOM   700  C  C   . ASP A 1 91  ? -14.286 -12.739 12.474  1.00 51.15 ? 91  ASP A C   1 
ATOM   701  O  O   . ASP A 1 91  ? -14.390 -13.119 11.307  1.00 51.20 ? 91  ASP A O   1 
ATOM   702  C  CB  . ASP A 1 91  ? -14.547 -13.138 15.013  1.00 51.71 ? 91  ASP A CB  1 
ATOM   703  C  CG  . ASP A 1 91  ? -15.215 -14.055 16.052  1.00 52.66 ? 91  ASP A CG  1 
ATOM   704  O  OD1 . ASP A 1 91  ? -16.460 -14.142 16.059  1.00 53.12 ? 91  ASP A OD1 1 
ATOM   705  O  OD2 . ASP A 1 91  ? -14.504 -14.680 16.869  1.00 53.40 ? 91  ASP A OD2 1 
ATOM   706  N  N   . ARG A 1 92  ? -13.964 -11.480 12.795  1.00 50.69 ? 92  ARG A N   1 
ATOM   707  C  CA  . ARG A 1 92  ? -13.612 -10.483 11.760  1.00 50.27 ? 92  ARG A CA  1 
ATOM   708  C  C   . ARG A 1 92  ? -12.105 -10.306 11.509  1.00 49.75 ? 92  ARG A C   1 
ATOM   709  O  O   . ARG A 1 92  ? -11.695 -9.446  10.724  1.00 49.31 ? 92  ARG A O   1 
ATOM   710  C  CB  . ARG A 1 92  ? -14.264 -9.111  12.028  1.00 50.48 ? 92  ARG A CB  1 
ATOM   711  C  CG  . ARG A 1 92  ? -15.615 -8.876  11.330  1.00 51.23 ? 92  ARG A CG  1 
ATOM   712  C  CD  . ARG A 1 92  ? -15.518 -8.910  9.795   1.00 51.57 ? 92  ARG A CD  1 
ATOM   713  N  NE  . ARG A 1 92  ? -15.431 -7.588  9.164   1.00 51.40 ? 92  ARG A NE  1 
ATOM   714  C  CZ  . ARG A 1 92  ? -14.380 -7.130  8.479   1.00 51.08 ? 92  ARG A CZ  1 
ATOM   715  N  NH1 . ARG A 1 92  ? -13.279 -7.866  8.327   1.00 48.20 ? 92  ARG A NH1 1 
ATOM   716  N  NH2 . ARG A 1 92  ? -14.436 -5.917  7.941   1.00 50.90 ? 92  ARG A NH2 1 
ATOM   717  N  N   . TYR A 1 93  ? -11.281 -11.122 12.157  1.00 49.11 ? 93  TYR A N   1 
ATOM   718  C  CA  . TYR A 1 93  ? -9.843  -11.030 11.954  1.00 48.49 ? 93  TYR A CA  1 
ATOM   719  C  C   . TYR A 1 93  ? -9.288  -12.187 11.142  1.00 48.31 ? 93  TYR A C   1 
ATOM   720  O  O   . TYR A 1 93  ? -9.694  -13.334 11.306  1.00 48.14 ? 93  TYR A O   1 
ATOM   721  C  CB  . TYR A 1 93  ? -9.091  -10.934 13.293  1.00 48.50 ? 93  TYR A CB  1 
ATOM   722  C  CG  . TYR A 1 93  ? -9.429  -9.713  14.104  1.00 48.45 ? 93  TYR A CG  1 
ATOM   723  C  CD1 . TYR A 1 93  ? -8.849  -8.477  13.816  1.00 48.66 ? 93  TYR A CD1 1 
ATOM   724  C  CD2 . TYR A 1 93  ? -10.338 -9.786  15.157  1.00 49.33 ? 93  TYR A CD2 1 
ATOM   725  C  CE1 . TYR A 1 93  ? -9.161  -7.344  14.559  1.00 48.49 ? 93  TYR A CE1 1 
ATOM   726  C  CE2 . TYR A 1 93  ? -10.660 -8.662  15.906  1.00 49.30 ? 93  TYR A CE2 1 
ATOM   727  C  CZ  . TYR A 1 93  ? -10.067 -7.446  15.601  1.00 48.92 ? 93  TYR A CZ  1 
ATOM   728  O  OH  . TYR A 1 93  ? -10.386 -6.331  16.339  1.00 49.65 ? 93  TYR A OH  1 
ATOM   729  N  N   . LEU A 1 94  ? -8.359  -11.855 10.255  1.00 48.30 ? 94  LEU A N   1 
ATOM   730  C  CA  . LEU A 1 94  ? -7.409  -12.816 9.744   1.00 48.34 ? 94  LEU A CA  1 
ATOM   731  C  C   . LEU A 1 94  ? -6.266  -12.902 10.762  1.00 48.14 ? 94  LEU A C   1 
ATOM   732  O  O   . LEU A 1 94  ? -5.425  -12.001 10.859  1.00 48.50 ? 94  LEU A O   1 
ATOM   733  C  CB  . LEU A 1 94  ? -6.903  -12.394 8.358   1.00 48.30 ? 94  LEU A CB  1 
ATOM   734  C  CG  . LEU A 1 94  ? -5.956  -13.328 7.594   1.00 49.27 ? 94  LEU A CG  1 
ATOM   735  C  CD1 . LEU A 1 94  ? -6.373  -14.782 7.760   1.00 51.81 ? 94  LEU A CD1 1 
ATOM   736  C  CD2 . LEU A 1 94  ? -5.936  -12.966 6.125   1.00 49.66 ? 94  LEU A CD2 1 
ATOM   737  N  N   . ILE A 1 95  ? -6.256  -13.985 11.527  1.00 47.81 ? 95  ILE A N   1 
ATOM   738  C  CA  . ILE A 1 95  ? -5.296  -14.160 12.616  1.00 47.53 ? 95  ILE A CA  1 
ATOM   739  C  C   . ILE A 1 95  ? -4.001  -14.823 12.128  1.00 47.12 ? 95  ILE A C   1 
ATOM   740  O  O   . ILE A 1 95  ? -4.042  -15.836 11.436  1.00 47.51 ? 95  ILE A O   1 
ATOM   741  C  CB  . ILE A 1 95  ? -5.966  -14.875 13.813  1.00 47.79 ? 95  ILE A CB  1 
ATOM   742  C  CG1 . ILE A 1 95  ? -6.939  -13.890 14.486  1.00 47.52 ? 95  ILE A CG1 1 
ATOM   743  C  CG2 . ILE A 1 95  ? -4.920  -15.445 14.803  1.00 48.59 ? 95  ILE A CG2 1 
ATOM   744  C  CD1 . ILE A 1 95  ? -7.499  -14.352 15.810  1.00 50.25 ? 95  ILE A CD1 1 
ATOM   745  N  N   . HIS A 1 96  ? -2.865  -14.203 12.451  1.00 46.50 ? 96  HIS A N   1 
ATOM   746  C  CA  . HIS A 1 96  ? -1.543  -14.658 12.019  1.00 45.80 ? 96  HIS A CA  1 
ATOM   747  C  C   . HIS A 1 96  ? -0.663  -14.942 13.241  1.00 46.10 ? 96  HIS A C   1 
ATOM   748  O  O   . HIS A 1 96  ? -0.246  -14.023 13.954  1.00 45.08 ? 96  HIS A O   1 
ATOM   749  C  CB  . HIS A 1 96  ? -0.893  -13.635 11.061  1.00 45.76 ? 96  HIS A CB  1 
ATOM   750  C  CG  . HIS A 1 96  ? 0.544   -13.918 10.724  1.00 44.71 ? 96  HIS A CG  1 
ATOM   751  N  ND1 . HIS A 1 96  ? 1.418   -12.929 10.328  1.00 44.72 ? 96  HIS A ND1 1 
ATOM   752  C  CD2 . HIS A 1 96  ? 1.256   -15.073 10.715  1.00 44.08 ? 96  HIS A CD2 1 
ATOM   753  C  CE1 . HIS A 1 96  ? 2.608   -13.460 10.098  1.00 44.60 ? 96  HIS A CE1 1 
ATOM   754  N  NE2 . HIS A 1 96  ? 2.535   -14.760 10.319  1.00 43.46 ? 96  HIS A NE2 1 
ATOM   755  N  N   . ARG A 1 97  ? -0.388  -16.231 13.456  1.00 46.54 ? 97  ARG A N   1 
ATOM   756  C  CA  . ARG A 1 97  ? 0.303   -16.715 14.640  1.00 47.75 ? 97  ARG A CA  1 
ATOM   757  C  C   . ARG A 1 97  ? 1.723   -17.196 14.317  1.00 48.20 ? 97  ARG A C   1 
ATOM   758  O  O   . ARG A 1 97  ? 1.935   -17.933 13.353  1.00 48.24 ? 97  ARG A O   1 
ATOM   759  C  CB  . ARG A 1 97  ? -0.521  -17.826 15.312  1.00 47.76 ? 97  ARG A CB  1 
ATOM   760  C  CG  . ARG A 1 97  ? 0.141   -18.480 16.518  1.00 49.67 ? 97  ARG A CG  1 
ATOM   761  C  CD  . ARG A 1 97  ? -0.729  -19.600 17.101  1.00 52.68 ? 97  ARG A CD  1 
ATOM   762  N  NE  . ARG A 1 97  ? -1.697  -19.094 18.077  1.00 54.39 ? 97  ARG A NE  1 
ATOM   763  C  CZ  . ARG A 1 97  ? -2.991  -18.877 17.833  1.00 54.42 ? 97  ARG A CZ  1 
ATOM   764  N  NH1 . ARG A 1 97  ? -3.510  -19.125 16.637  1.00 53.40 ? 97  ARG A NH1 1 
ATOM   765  N  NH2 . ARG A 1 97  ? -3.770  -18.407 18.802  1.00 54.19 ? 97  ARG A NH2 1 
ATOM   766  N  N   . THR A 1 98  ? 2.685   -16.766 15.133  1.00 48.46 ? 98  THR A N   1 
ATOM   767  C  CA  . THR A 1 98  ? 4.070   -17.185 14.995  1.00 48.83 ? 98  THR A CA  1 
ATOM   768  C  C   . THR A 1 98  ? 4.482   -17.975 16.237  1.00 49.56 ? 98  THR A C   1 
ATOM   769  O  O   . THR A 1 98  ? 4.260   -17.533 17.360  1.00 49.25 ? 98  THR A O   1 
ATOM   770  C  CB  . THR A 1 98  ? 5.001   -15.973 14.706  1.00 48.81 ? 98  THR A CB  1 
ATOM   771  O  OG1 . THR A 1 98  ? 4.569   -15.338 13.500  1.00 47.92 ? 98  THR A OG1 1 
ATOM   772  C  CG2 . THR A 1 98  ? 6.454   -16.398 14.525  1.00 48.29 ? 98  THR A CG2 1 
ATOM   773  N  N   . GLU A 1 99  ? 5.044   -19.160 15.992  1.00 50.85 ? 99  GLU A N   1 
ATOM   774  C  CA  . GLU A 1 99  ? 5.490   -20.136 16.999  1.00 51.99 ? 99  GLU A CA  1 
ATOM   775  C  C   . GLU A 1 99  ? 4.815   -20.021 18.357  1.00 52.49 ? 99  GLU A C   1 
ATOM   776  O  O   . GLU A 1 99  ? 3.663   -20.491 18.542  1.00 53.02 ? 99  GLU A O   1 
ATOM   777  C  CB  . GLU A 1 99  ? 7.016   -20.092 17.180  1.00 52.59 ? 99  GLU A CB  1 
ATOM   778  C  CG  . GLU A 1 99  ? 7.632   -21.379 17.824  1.00 54.90 ? 99  GLU A CG  1 
ATOM   779  C  CD  . GLU A 1 99  ? 7.999   -22.487 16.814  1.00 57.56 ? 99  GLU A CD  1 
ATOM   780  O  OE1 . GLU A 1 99  ? 7.388   -22.551 15.712  1.00 58.96 ? 99  GLU A OE1 1 
ATOM   781  O  OE2 . GLU A 1 99  ? 8.910   -23.296 17.136  1.00 56.72 ? 99  GLU A OE2 1 
ATOM   782  N  N   . ASN A 1 100 ? 5.539   -19.405 19.303  1.00 51.91 ? 100 ASN A N   1 
ATOM   783  C  CA  . ASN A 1 100 ? 5.109   -19.378 20.695  1.00 51.34 ? 100 ASN A CA  1 
ATOM   784  C  C   . ASN A 1 100 ? 4.118   -18.263 20.988  1.00 50.59 ? 100 ASN A C   1 
ATOM   785  O  O   . ASN A 1 100 ? 4.422   -17.312 21.707  1.00 50.37 ? 100 ASN A O   1 
ATOM   786  C  CB  . ASN A 1 100 ? 6.310   -19.340 21.640  1.00 51.75 ? 100 ASN A CB  1 
ATOM   787  C  CG  . ASN A 1 100 ? 6.982   -20.696 21.785  1.00 53.19 ? 100 ASN A CG  1 
ATOM   788  O  OD1 . ASN A 1 100 ? 8.208   -20.833 21.622  1.00 54.51 ? 100 ASN A OD1 1 
ATOM   789  N  ND2 . ASN A 1 100 ? 6.181   -21.711 22.099  1.00 54.04 ? 100 ASN A ND2 1 
ATOM   790  N  N   . GLN A 1 101 ? 2.932   -18.404 20.396  1.00 49.92 ? 101 GLN A N   1 
ATOM   791  C  CA  . GLN A 1 101 ? 1.758   -17.571 20.684  1.00 49.36 ? 101 GLN A CA  1 
ATOM   792  C  C   . GLN A 1 101 ? 1.953   -16.074 20.408  1.00 48.29 ? 101 GLN A C   1 
ATOM   793  O  O   . GLN A 1 101 ? 1.450   -15.226 21.158  1.00 48.58 ? 101 GLN A O   1 
ATOM   794  C  CB  . GLN A 1 101 ? 1.268   -17.803 22.127  1.00 49.73 ? 101 GLN A CB  1 
ATOM   795  C  CG  . GLN A 1 101 ? 1.165   -19.283 22.543  1.00 51.88 ? 101 GLN A CG  1 
ATOM   796  C  CD  . GLN A 1 101 ? 0.255   -20.097 21.626  1.00 55.10 ? 101 GLN A CD  1 
ATOM   797  O  OE1 . GLN A 1 101 ? 0.605   -21.207 21.201  1.00 56.66 ? 101 GLN A OE1 1 
ATOM   798  N  NE2 . GLN A 1 101 ? -0.916  -19.544 21.313  1.00 56.04 ? 101 GLN A NE2 1 
ATOM   799  N  N   . HIS A 1 102 ? 2.681   -15.753 19.340  1.00 46.64 ? 102 HIS A N   1 
ATOM   800  C  CA  . HIS A 1 102 ? 2.851   -14.363 18.930  1.00 44.88 ? 102 HIS A CA  1 
ATOM   801  C  C   . HIS A 1 102 ? 1.870   -14.076 17.802  1.00 44.44 ? 102 HIS A C   1 
ATOM   802  O  O   . HIS A 1 102 ? 2.063   -14.492 16.657  1.00 43.81 ? 102 HIS A O   1 
ATOM   803  C  CB  . HIS A 1 102 ? 4.311   -14.050 18.573  1.00 44.29 ? 102 HIS A CB  1 
ATOM   804  C  CG  . HIS A 1 102 ? 5.270   -14.402 19.666  1.00 42.73 ? 102 HIS A CG  1 
ATOM   805  N  ND1 . HIS A 1 102 ? 5.443   -13.618 20.784  1.00 41.15 ? 102 HIS A ND1 1 
ATOM   806  C  CD2 . HIS A 1 102 ? 6.073   -15.479 19.837  1.00 40.95 ? 102 HIS A CD2 1 
ATOM   807  C  CE1 . HIS A 1 102 ? 6.324   -14.185 21.588  1.00 40.33 ? 102 HIS A CE1 1 
ATOM   808  N  NE2 . HIS A 1 102 ? 6.722   -15.315 21.035  1.00 40.22 ? 102 HIS A NE2 1 
ATOM   809  N  N   . VAL A 1 103 ? 0.799   -13.374 18.166  1.00 44.17 ? 103 VAL A N   1 
ATOM   810  C  CA  . VAL A 1 103 ? -0.364  -13.206 17.315  1.00 44.34 ? 103 VAL A CA  1 
ATOM   811  C  C   . VAL A 1 103 ? -0.553  -11.752 16.870  1.00 44.34 ? 103 VAL A C   1 
ATOM   812  O  O   . VAL A 1 103 ? -0.460  -10.810 17.647  1.00 44.49 ? 103 VAL A O   1 
ATOM   813  C  CB  . VAL A 1 103 ? -1.658  -13.779 17.995  1.00 44.73 ? 103 VAL A CB  1 
ATOM   814  C  CG1 . VAL A 1 103 ? -2.909  -13.463 17.190  1.00 44.46 ? 103 VAL A CG1 1 
ATOM   815  C  CG2 . VAL A 1 103 ? -1.542  -15.289 18.198  1.00 44.20 ? 103 VAL A CG2 1 
ATOM   816  N  N   . VAL A 1 104 ? -0.795  -11.611 15.581  1.00 44.78 ? 104 VAL A N   1 
ATOM   817  C  CA  . VAL A 1 104 ? -1.171  -10.367 14.945  1.00 44.64 ? 104 VAL A CA  1 
ATOM   818  C  C   . VAL A 1 104 ? -2.545  -10.590 14.296  1.00 44.35 ? 104 VAL A C   1 
ATOM   819  O  O   . VAL A 1 104 ? -2.809  -11.656 13.736  1.00 43.77 ? 104 VAL A O   1 
ATOM   820  C  CB  . VAL A 1 104 ? -0.049  -9.942  13.956  1.00 44.85 ? 104 VAL A CB  1 
ATOM   821  C  CG1 . VAL A 1 104 ? -0.558  -9.681  12.556  1.00 44.33 ? 104 VAL A CG1 1 
ATOM   822  C  CG2 . VAL A 1 104 ? 0.767   -8.760  14.548  1.00 44.79 ? 104 VAL A CG2 1 
ATOM   823  N  N   . GLY A 1 105 ? -3.429  -9.602  14.434  1.00 44.17 ? 105 GLY A N   1 
ATOM   824  C  CA  . GLY A 1 105 ? -4.778  -9.679  13.890  1.00 43.99 ? 105 GLY A CA  1 
ATOM   825  C  C   . GLY A 1 105 ? -4.924  -8.697  12.752  1.00 44.33 ? 105 GLY A C   1 
ATOM   826  O  O   . GLY A 1 105 ? -4.633  -7.517  12.922  1.00 44.48 ? 105 GLY A O   1 
ATOM   827  N  N   . LEU A 1 106 ? -5.355  -9.188  11.593  1.00 44.29 ? 106 LEU A N   1 
ATOM   828  C  CA  . LEU A 1 106 ? -5.521  -8.356  10.422  1.00 44.89 ? 106 LEU A CA  1 
ATOM   829  C  C   . LEU A 1 106 ? -6.987  -8.078  10.172  1.00 45.15 ? 106 LEU A C   1 
ATOM   830  O  O   . LEU A 1 106 ? -7.799  -8.984  10.039  1.00 44.66 ? 106 LEU A O   1 
ATOM   831  C  CB  . LEU A 1 106 ? -4.846  -8.956  9.170   1.00 44.81 ? 106 LEU A CB  1 
ATOM   832  C  CG  . LEU A 1 106 ? -3.326  -9.212  9.198   1.00 45.41 ? 106 LEU A CG  1 
ATOM   833  C  CD1 . LEU A 1 106 ? -2.822  -9.835  7.884   1.00 44.82 ? 106 LEU A CD1 1 
ATOM   834  C  CD2 . LEU A 1 106 ? -2.543  -7.970  9.545   1.00 43.91 ? 106 LEU A CD2 1 
ATOM   835  N  N   . TRP A 1 107 ? -7.309  -6.794  10.129  1.00 46.24 ? 107 TRP A N   1 
ATOM   836  C  CA  . TRP A 1 107 ? -8.662  -6.358  9.903   1.00 47.54 ? 107 TRP A CA  1 
ATOM   837  C  C   . TRP A 1 107 ? -8.761  -5.891  8.460   1.00 47.90 ? 107 TRP A C   1 
ATOM   838  O  O   . TRP A 1 107 ? -8.160  -4.890  8.077   1.00 47.92 ? 107 TRP A O   1 
ATOM   839  C  CB  . TRP A 1 107 ? -9.028  -5.245  10.890  1.00 47.76 ? 107 TRP A CB  1 
ATOM   840  C  CG  . TRP A 1 107 ? -10.464 -5.235  11.226  1.00 48.77 ? 107 TRP A CG  1 
ATOM   841  C  CD1 . TRP A 1 107 ? -11.087 -5.973  12.201  1.00 49.33 ? 107 TRP A CD1 1 
ATOM   842  C  CD2 . TRP A 1 107 ? -11.486 -4.471  10.589  1.00 48.67 ? 107 TRP A CD2 1 
ATOM   843  N  NE1 . TRP A 1 107 ? -12.429 -5.708  12.209  1.00 49.81 ? 107 TRP A NE1 1 
ATOM   844  C  CE2 . TRP A 1 107 ? -12.703 -4.788  11.229  1.00 49.60 ? 107 TRP A CE2 1 
ATOM   845  C  CE3 . TRP A 1 107 ? -11.493 -3.553  9.541   1.00 48.38 ? 107 TRP A CE3 1 
ATOM   846  C  CZ2 . TRP A 1 107 ? -13.919 -4.207  10.855  1.00 50.02 ? 107 TRP A CZ2 1 
ATOM   847  C  CZ3 . TRP A 1 107 ? -12.707 -2.976  9.166   1.00 49.54 ? 107 TRP A CZ3 1 
ATOM   848  C  CH2 . TRP A 1 107 ? -13.897 -3.304  9.819   1.00 49.44 ? 107 TRP A CH2 1 
ATOM   849  N  N   . MET A 1 108 ? -9.496  -6.642  7.651   1.00 48.94 ? 108 MET A N   1 
ATOM   850  C  CA  . MET A 1 108 ? -9.729  -6.255  6.272   1.00 49.95 ? 108 MET A CA  1 
ATOM   851  C  C   . MET A 1 108 ? -11.003 -5.437  6.180   1.00 49.77 ? 108 MET A C   1 
ATOM   852  O  O   . MET A 1 108 ? -12.086 -5.923  6.494   1.00 49.90 ? 108 MET A O   1 
ATOM   853  C  CB  . MET A 1 108 ? -9.818  -7.483  5.359   1.00 51.16 ? 108 MET A CB  1 
ATOM   854  C  CG  . MET A 1 108 ? -8.518  -7.867  4.656   1.00 52.17 ? 108 MET A CG  1 
ATOM   855  S  SD  . MET A 1 108 ? -7.403  -8.676  5.778   1.00 59.78 ? 108 MET A SD  1 
ATOM   856  C  CE  . MET A 1 108 ? -6.264  -9.453  4.624   1.00 55.95 ? 108 MET A CE  1 
ATOM   857  N  N   . PHE A 1 109 ? -10.862 -4.179  5.783   1.00 49.86 ? 109 PHE A N   1 
ATOM   858  C  CA  . PHE A 1 109 ? -12.000 -3.379  5.367   1.00 50.37 ? 109 PHE A CA  1 
ATOM   859  C  C   . PHE A 1 109 ? -12.456 -4.072  4.083   1.00 50.52 ? 109 PHE A C   1 
ATOM   860  O  O   . PHE A 1 109 ? -11.640 -4.420  3.234   1.00 51.19 ? 109 PHE A O   1 
ATOM   861  C  CB  . PHE A 1 109 ? -11.561 -1.929  5.119   1.00 50.17 ? 109 PHE A CB  1 
ATOM   862  C  CG  . PHE A 1 109 ? -10.901 -1.273  6.327   1.00 50.78 ? 109 PHE A CG  1 
ATOM   863  C  CD1 . PHE A 1 109 ? -9.536  -1.485  6.609   1.00 49.09 ? 109 PHE A CD1 1 
ATOM   864  C  CD2 . PHE A 1 109 ? -11.641 -0.455  7.184   1.00 49.97 ? 109 PHE A CD2 1 
ATOM   865  C  CE1 . PHE A 1 109 ? -8.933  -0.889  7.713   1.00 47.69 ? 109 PHE A CE1 1 
ATOM   866  C  CE2 . PHE A 1 109 ? -11.036 0.146   8.296   1.00 50.29 ? 109 PHE A CE2 1 
ATOM   867  C  CZ  . PHE A 1 109 ? -9.672  -0.077  8.555   1.00 49.19 ? 109 PHE A CZ  1 
ATOM   868  N  N   . ASP A 1 110 ? -13.738 -4.339  3.946   1.00 50.41 ? 110 ASP A N   1 
ATOM   869  C  CA  . ASP A 1 110 ? -14.151 -5.297  2.912   1.00 50.35 ? 110 ASP A CA  1 
ATOM   870  C  C   . ASP A 1 110 ? -13.882 -6.732  3.389   1.00 49.63 ? 110 ASP A C   1 
ATOM   871  O  O   . ASP A 1 110 ? -12.766 -7.237  3.258   1.00 48.95 ? 110 ASP A O   1 
ATOM   872  C  CB  . ASP A 1 110 ? -13.440 -5.034  1.559   1.00 50.29 ? 110 ASP A CB  1 
ATOM   873  C  CG  . ASP A 1 110 ? -13.971 -5.920  0.427   1.00 50.26 ? 110 ASP A CG  1 
ATOM   874  O  OD1 . ASP A 1 110 ? -14.989 -6.625  0.620   1.00 49.28 ? 110 ASP A OD1 1 
ATOM   875  O  OD2 . ASP A 1 110 ? -13.364 -5.908  -0.658  1.00 50.31 ? 110 ASP A OD2 1 
ATOM   876  N  N   . PRO A 1 111 ? -14.927 -7.394  3.918   1.00 49.30 ? 111 PRO A N   1 
ATOM   877  C  CA  . PRO A 1 111 ? -14.863 -8.738  4.488   1.00 49.13 ? 111 PRO A CA  1 
ATOM   878  C  C   . PRO A 1 111 ? -14.611 -9.828  3.451   1.00 49.01 ? 111 PRO A C   1 
ATOM   879  O  O   . PRO A 1 111 ? -14.248 -10.947 3.821   1.00 49.33 ? 111 PRO A O   1 
ATOM   880  C  CB  . PRO A 1 111 ? -16.252 -8.932  5.114   1.00 49.00 ? 111 PRO A CB  1 
ATOM   881  C  CG  . PRO A 1 111 ? -16.896 -7.611  5.090   1.00 49.30 ? 111 PRO A CG  1 
ATOM   882  C  CD  . PRO A 1 111 ? -16.293 -6.856  3.963   1.00 49.20 ? 111 PRO A CD  1 
ATOM   883  N  N   . ASN A 1 112 ? -14.810 -9.508  2.174   1.00 48.87 ? 112 ASN A N   1 
ATOM   884  C  CA  . ASN A 1 112 ? -14.484 -10.424 1.079   1.00 48.97 ? 112 ASN A CA  1 
ATOM   885  C  C   . ASN A 1 112 ? -13.005 -10.817 1.023   1.00 48.91 ? 112 ASN A C   1 
ATOM   886  O  O   . ASN A 1 112 ? -12.687 -11.938 0.622   1.00 49.06 ? 112 ASN A O   1 
ATOM   887  C  CB  . ASN A 1 112 ? -14.913 -9.839  -0.274  1.00 49.10 ? 112 ASN A CB  1 
ATOM   888  C  CG  . ASN A 1 112 ? -16.421 -9.632  -0.376  1.00 49.56 ? 112 ASN A CG  1 
ATOM   889  O  OD1 . ASN A 1 112 ? -17.205 -10.498 0.006   1.00 50.33 ? 112 ASN A OD1 1 
ATOM   890  N  ND2 . ASN A 1 112 ? -16.829 -8.478  -0.887  1.00 49.21 ? 112 ASN A ND2 1 
ATOM   891  N  N   . ASP A 1 113 ? -12.123 -9.893  1.413   1.00 48.66 ? 113 ASP A N   1 
ATOM   892  C  CA  . ASP A 1 113 ? -10.660 -10.081 1.360   1.00 48.85 ? 113 ASP A CA  1 
ATOM   893  C  C   . ASP A 1 113 ? -10.135 -11.064 2.408   1.00 48.53 ? 113 ASP A C   1 
ATOM   894  O  O   . ASP A 1 113 ? -9.020  -11.552 2.282   1.00 49.00 ? 113 ASP A O   1 
ATOM   895  C  CB  . ASP A 1 113 ? -9.921  -8.743  1.547   1.00 48.70 ? 113 ASP A CB  1 
ATOM   896  C  CG  . ASP A 1 113 ? -9.830  -7.916  0.271   1.00 49.81 ? 113 ASP A CG  1 
ATOM   897  O  OD1 . ASP A 1 113 ? -9.975  -8.466  -0.841  1.00 52.14 ? 113 ASP A OD1 1 
ATOM   898  O  OD2 . ASP A 1 113 ? -9.588  -6.697  0.381   1.00 49.34 ? 113 ASP A OD2 1 
ATOM   899  N  N   . MET A 1 114 ? -10.915 -11.313 3.457   1.00 48.55 ? 114 MET A N   1 
ATOM   900  C  CA  . MET A 1 114 ? -10.538 -12.264 4.506   1.00 48.68 ? 114 MET A CA  1 
ATOM   901  C  C   . MET A 1 114 ? -10.345 -13.664 3.929   1.00 47.93 ? 114 MET A C   1 
ATOM   902  O  O   . MET A 1 114 ? -9.262  -14.241 4.019   1.00 48.14 ? 114 MET A O   1 
ATOM   903  C  CB  . MET A 1 114 ? -11.611 -12.317 5.598   1.00 48.82 ? 114 MET A CB  1 
ATOM   904  C  CG  . MET A 1 114 ? -11.559 -11.190 6.607   1.00 49.44 ? 114 MET A CG  1 
ATOM   905  S  SD  . MET A 1 114 ? -12.911 -11.318 7.795   1.00 50.22 ? 114 MET A SD  1 
ATOM   906  C  CE  . MET A 1 114 ? -12.314 -12.633 8.863   1.00 49.65 ? 114 MET A CE  1 
ATOM   907  N  N   . SER A 1 115 ? -11.412 -14.196 3.341   1.00 47.10 ? 115 SER A N   1 
ATOM   908  C  CA  . SER A 1 115 ? -11.398 -15.501 2.707   1.00 46.92 ? 115 SER A CA  1 
ATOM   909  C  C   . SER A 1 115 ? -10.512 -15.525 1.456   1.00 46.85 ? 115 SER A C   1 
ATOM   910  O  O   . SER A 1 115 ? -9.868  -16.538 1.163   1.00 47.16 ? 115 SER A O   1 
ATOM   911  C  CB  . SER A 1 115 ? -12.826 -15.931 2.374   1.00 46.87 ? 115 SER A CB  1 
ATOM   912  O  OG  . SER A 1 115 ? -13.518 -14.896 1.694   1.00 46.80 ? 115 SER A OG  1 
ATOM   913  N  N   . ARG A 1 116 ? -10.463 -14.401 0.743   1.00 46.41 ? 116 ARG A N   1 
ATOM   914  C  CA  . ARG A 1 116 ? -9.674  -14.269 -0.470  1.00 45.67 ? 116 ARG A CA  1 
ATOM   915  C  C   . ARG A 1 116 ? -8.178  -14.355 -0.169  1.00 45.78 ? 116 ARG A C   1 
ATOM   916  O  O   . ARG A 1 116 ? -7.496  -15.205 -0.726  1.00 46.02 ? 116 ARG A O   1 
ATOM   917  C  CB  . ARG A 1 116 ? -10.019 -12.963 -1.201  1.00 45.67 ? 116 ARG A CB  1 
ATOM   918  C  CG  . ARG A 1 116 ? -9.316  -12.818 -2.551  1.00 45.76 ? 116 ARG A CG  1 
ATOM   919  C  CD  . ARG A 1 116 ? -9.746  -11.578 -3.298  1.00 45.94 ? 116 ARG A CD  1 
ATOM   920  N  NE  . ARG A 1 116 ? -9.176  -10.348 -2.749  1.00 46.17 ? 116 ARG A NE  1 
ATOM   921  C  CZ  . ARG A 1 116 ? -7.960  -9.879  -3.011  1.00 44.74 ? 116 ARG A CZ  1 
ATOM   922  N  NH1 . ARG A 1 116 ? -7.132  -10.539 -3.814  1.00 44.44 ? 116 ARG A NH1 1 
ATOM   923  N  NH2 . ARG A 1 116 ? -7.565  -8.748  -2.443  1.00 43.55 ? 116 ARG A NH2 1 
ATOM   924  N  N   . ILE A 1 117 ? -7.673  -13.495 0.715   1.00 45.45 ? 117 ILE A N   1 
ATOM   925  C  CA  . ILE A 1 117 ? -6.257  -13.537 1.109   1.00 45.39 ? 117 ILE A CA  1 
ATOM   926  C  C   . ILE A 1 117 ? -5.851  -14.846 1.822   1.00 45.22 ? 117 ILE A C   1 
ATOM   927  O  O   . ILE A 1 117 ? -4.729  -15.322 1.638   1.00 45.53 ? 117 ILE A O   1 
ATOM   928  C  CB  . ILE A 1 117 ? -5.852  -12.279 1.949   1.00 45.78 ? 117 ILE A CB  1 
ATOM   929  C  CG1 . ILE A 1 117 ? -5.862  -11.005 1.082   1.00 45.77 ? 117 ILE A CG1 1 
ATOM   930  C  CG2 . ILE A 1 117 ? -4.510  -12.472 2.644   1.00 45.49 ? 117 ILE A CG2 1 
ATOM   931  C  CD1 . ILE A 1 117 ? -4.875  -11.011 -0.122  1.00 46.43 ? 117 ILE A CD1 1 
ATOM   932  N  N   . PHE A 1 118 ? -6.767  -15.412 2.623   1.00 45.11 ? 118 PHE A N   1 
ATOM   933  C  CA  . PHE A 1 118 ? -6.608  -16.727 3.255   1.00 44.24 ? 118 PHE A CA  1 
ATOM   934  C  C   . PHE A 1 118 ? -6.335  -17.799 2.195   1.00 44.71 ? 118 PHE A C   1 
ATOM   935  O  O   . PHE A 1 118 ? -5.350  -18.534 2.300   1.00 45.87 ? 118 PHE A O   1 
ATOM   936  C  CB  . PHE A 1 118 ? -7.855  -17.053 4.109   1.00 44.24 ? 118 PHE A CB  1 
ATOM   937  C  CG  . PHE A 1 118 ? -7.878  -18.457 4.701   1.00 42.93 ? 118 PHE A CG  1 
ATOM   938  C  CD1 . PHE A 1 118 ? -7.491  -18.676 6.015   1.00 43.08 ? 118 PHE A CD1 1 
ATOM   939  C  CD2 . PHE A 1 118 ? -8.306  -19.551 3.940   1.00 41.17 ? 118 PHE A CD2 1 
ATOM   940  C  CE1 . PHE A 1 118 ? -7.506  -19.964 6.566   1.00 41.62 ? 118 PHE A CE1 1 
ATOM   941  C  CE2 . PHE A 1 118 ? -8.335  -20.827 4.470   1.00 40.18 ? 118 PHE A CE2 1 
ATOM   942  C  CZ  . PHE A 1 118 ? -7.939  -21.039 5.790   1.00 43.01 ? 118 PHE A CZ  1 
ATOM   943  N  N   . ASN A 1 119 ? -7.196  -17.904 1.181   1.00 44.16 ? 119 ASN A N   1 
ATOM   944  C  CA  . ASN A 1 119 ? -6.925  -18.795 0.044   1.00 43.94 ? 119 ASN A CA  1 
ATOM   945  C  C   . ASN A 1 119 ? -5.518  -18.582 -0.581  1.00 44.08 ? 119 ASN A C   1 
ATOM   946  O  O   . ASN A 1 119 ? -4.769  -19.543 -0.771  1.00 43.31 ? 119 ASN A O   1 
ATOM   947  C  CB  . ASN A 1 119 ? -7.991  -18.633 -1.055  1.00 43.50 ? 119 ASN A CB  1 
ATOM   948  C  CG  . ASN A 1 119 ? -9.315  -19.304 -0.724  1.00 41.55 ? 119 ASN A CG  1 
ATOM   949  O  OD1 . ASN A 1 119 ? -9.545  -19.784 0.383   1.00 41.68 ? 119 ASN A OD1 1 
ATOM   950  N  ND2 . ASN A 1 119 ? -10.199 -19.334 -1.700  1.00 39.09 ? 119 ASN A ND2 1 
ATOM   951  N  N   . ILE A 1 120 ? -5.186  -17.326 -0.897  1.00 44.60 ? 120 ILE A N   1 
ATOM   952  C  CA  . ILE A 1 120 ? -3.915  -16.977 -1.551  1.00 45.43 ? 120 ILE A CA  1 
ATOM   953  C  C   . ILE A 1 120 ? -2.706  -17.432 -0.712  1.00 45.51 ? 120 ILE A C   1 
ATOM   954  O  O   . ILE A 1 120 ? -1.747  -17.999 -1.252  1.00 45.15 ? 120 ILE A O   1 
ATOM   955  C  CB  . ILE A 1 120 ? -3.752  -15.435 -1.852  1.00 45.68 ? 120 ILE A CB  1 
ATOM   956  C  CG1 . ILE A 1 120 ? -5.012  -14.763 -2.447  1.00 46.82 ? 120 ILE A CG1 1 
ATOM   957  C  CG2 . ILE A 1 120 ? -2.561  -15.191 -2.743  1.00 45.14 ? 120 ILE A CG2 1 
ATOM   958  C  CD1 . ILE A 1 120 ? -5.652  -15.476 -3.610  1.00 49.69 ? 120 ILE A CD1 1 
ATOM   959  N  N   . VAL A 1 121 ? -2.768  -17.180 0.599   1.00 45.60 ? 121 VAL A N   1 
ATOM   960  C  CA  . VAL A 1 121 ? -1.696  -17.557 1.522   1.00 45.78 ? 121 VAL A CA  1 
ATOM   961  C  C   . VAL A 1 121 ? -1.481  -19.057 1.513   1.00 46.03 ? 121 VAL A C   1 
ATOM   962  O  O   . VAL A 1 121 ? -0.350  -19.508 1.358   1.00 46.86 ? 121 VAL A O   1 
ATOM   963  C  CB  . VAL A 1 121 ? -1.934  -17.045 2.983   1.00 45.77 ? 121 VAL A CB  1 
ATOM   964  C  CG1 . VAL A 1 121 ? -0.934  -17.676 3.966   1.00 44.96 ? 121 VAL A CG1 1 
ATOM   965  C  CG2 . VAL A 1 121 ? -1.856  -15.535 3.042   1.00 45.11 ? 121 VAL A CG2 1 
ATOM   966  N  N   . LYS A 1 122 ? -2.561  -19.823 1.675   1.00 46.45 ? 122 LYS A N   1 
ATOM   967  C  CA  . LYS A 1 122 ? -2.511  -21.301 1.628   1.00 46.42 ? 122 LYS A CA  1 
ATOM   968  C  C   . LYS A 1 122 ? -2.000  -21.852 0.301   1.00 46.10 ? 122 LYS A C   1 
ATOM   969  O  O   . LYS A 1 122 ? -1.204  -22.777 0.285   1.00 46.06 ? 122 LYS A O   1 
ATOM   970  C  CB  . LYS A 1 122 ? -3.888  -21.891 1.918   1.00 46.64 ? 122 LYS A CB  1 
ATOM   971  C  CG  . LYS A 1 122 ? -4.494  -21.439 3.233   1.00 49.54 ? 122 LYS A CG  1 
ATOM   972  C  CD  . LYS A 1 122 ? -4.180  -22.409 4.360   1.00 53.28 ? 122 LYS A CD  1 
ATOM   973  C  CE  . LYS A 1 122 ? -4.428  -21.797 5.722   1.00 53.65 ? 122 LYS A CE  1 
ATOM   974  N  NZ  . LYS A 1 122 ? -4.669  -22.877 6.730   1.00 55.52 ? 122 LYS A NZ  1 
ATOM   975  N  N   . GLU A 1 123 ? -2.473  -21.295 -0.810  1.00 46.19 ? 123 GLU A N   1 
ATOM   976  C  CA  . GLU A 1 123 ? -2.007  -21.701 -2.137  1.00 46.57 ? 123 GLU A CA  1 
ATOM   977  C  C   . GLU A 1 123 ? -0.535  -21.325 -2.422  1.00 47.11 ? 123 GLU A C   1 
ATOM   978  O  O   . GLU A 1 123 ? 0.149   -22.016 -3.179  1.00 47.02 ? 123 GLU A O   1 
ATOM   979  C  CB  . GLU A 1 123 ? -2.943  -21.153 -3.221  1.00 46.17 ? 123 GLU A CB  1 
ATOM   980  C  CG  . GLU A 1 123 ? -4.291  -21.863 -3.252  1.00 45.32 ? 123 GLU A CG  1 
ATOM   981  C  CD  . GLU A 1 123 ? -5.305  -21.254 -4.206  1.00 44.95 ? 123 GLU A CD  1 
ATOM   982  O  OE1 . GLU A 1 123 ? -4.921  -20.579 -5.184  1.00 44.21 ? 123 GLU A OE1 1 
ATOM   983  O  OE2 . GLU A 1 123 ? -6.507  -21.471 -3.977  1.00 46.16 ? 123 GLU A OE2 1 
ATOM   984  N  N   . SER A 1 124 ? -0.060  -20.238 -1.813  1.00 47.85 ? 124 SER A N   1 
ATOM   985  C  CA  . SER A 1 124 ? 1.345   -19.827 -1.903  1.00 49.00 ? 124 SER A CA  1 
ATOM   986  C  C   . SER A 1 124 ? 2.287   -20.795 -1.198  1.00 49.36 ? 124 SER A C   1 
ATOM   987  O  O   . SER A 1 124 ? 3.459   -20.898 -1.560  1.00 49.58 ? 124 SER A O   1 
ATOM   988  C  CB  . SER A 1 124 ? 1.538   -18.449 -1.274  1.00 48.92 ? 124 SER A CB  1 
ATOM   989  O  OG  . SER A 1 124 ? 0.805   -17.468 -1.979  1.00 51.65 ? 124 SER A OG  1 
ATOM   990  N  N   . LEU A 1 125 ? 1.775   -21.462 -0.167  1.00 49.89 ? 125 LEU A N   1 
ATOM   991  C  CA  . LEU A 1 125 ? 2.580   -22.302 0.709   1.00 50.67 ? 125 LEU A CA  1 
ATOM   992  C  C   . LEU A 1 125 ? 2.259   -23.778 0.511   1.00 51.61 ? 125 LEU A C   1 
ATOM   993  O  O   . LEU A 1 125 ? 2.584   -24.622 1.347   1.00 51.71 ? 125 LEU A O   1 
ATOM   994  C  CB  . LEU A 1 125 ? 2.366   -21.879 2.164   1.00 50.43 ? 125 LEU A CB  1 
ATOM   995  C  CG  . LEU A 1 125 ? 2.892   -20.480 2.530   1.00 49.28 ? 125 LEU A CG  1 
ATOM   996  C  CD1 . LEU A 1 125 ? 2.125   -19.892 3.695   1.00 48.25 ? 125 LEU A CD1 1 
ATOM   997  C  CD2 . LEU A 1 125 ? 4.373   -20.511 2.829   1.00 49.24 ? 125 LEU A CD2 1 
ATOM   998  N  N   . LEU A 1 126 ? 1.640   -24.068 -0.628  1.00 52.65 ? 126 LEU A N   1 
ATOM   999  C  CA  . LEU A 1 126 ? 1.150   -25.388 -0.978  1.00 53.90 ? 126 LEU A CA  1 
ATOM   1000 C  C   . LEU A 1 126 ? 2.257   -26.204 -1.630  1.00 54.73 ? 126 LEU A C   1 
ATOM   1001 O  O   . LEU A 1 126 ? 2.877   -25.761 -2.598  1.00 55.12 ? 126 LEU A O   1 
ATOM   1002 C  CB  . LEU A 1 126 ? -0.009  -25.229 -1.970  1.00 54.17 ? 126 LEU A CB  1 
ATOM   1003 C  CG  . LEU A 1 126 ? -1.068  -26.305 -2.162  1.00 54.20 ? 126 LEU A CG  1 
ATOM   1004 C  CD1 . LEU A 1 126 ? -1.665  -26.656 -0.817  1.00 55.01 ? 126 LEU A CD1 1 
ATOM   1005 C  CD2 . LEU A 1 126 ? -2.142  -25.794 -3.124  1.00 53.87 ? 126 LEU A CD2 1 
ATOM   1006 N  N   . ARG A 1 127 ? 2.496   -27.399 -1.104  1.00 55.73 ? 127 ARG A N   1 
ATOM   1007 C  CA  . ARG A 1 127 ? 3.537   -28.278 -1.634  1.00 56.67 ? 127 ARG A CA  1 
ATOM   1008 C  C   . ARG A 1 127 ? 2.976   -29.660 -1.945  1.00 56.60 ? 127 ARG A C   1 
ATOM   1009 O  O   . ARG A 1 127 ? 3.502   -30.382 -2.798  1.00 56.71 ? 127 ARG A O   1 
ATOM   1010 C  CB  . ARG A 1 127 ? 4.710   -28.380 -0.648  1.00 57.12 ? 127 ARG A CB  1 
ATOM   1011 C  CG  . ARG A 1 127 ? 5.457   -27.066 -0.408  1.00 59.16 ? 127 ARG A CG  1 
ATOM   1012 C  CD  . ARG A 1 127 ? 6.384   -26.709 -1.576  1.00 62.92 ? 127 ARG A CD  1 
ATOM   1013 N  NE  . ARG A 1 127 ? 7.240   -25.557 -1.266  1.00 65.55 ? 127 ARG A NE  1 
ATOM   1014 C  CZ  . ARG A 1 127 ? 8.503   -25.422 -1.673  1.00 66.49 ? 127 ARG A CZ  1 
ATOM   1015 N  NH1 . ARG A 1 127 ? 9.082   -26.371 -2.410  1.00 66.00 ? 127 ARG A NH1 1 
ATOM   1016 N  NH2 . ARG A 1 127 ? 9.196   -24.338 -1.331  1.00 66.23 ? 127 ARG A NH2 1 
ATOM   1017 O  OXT . ARG A 1 127 ? 1.979   -30.078 -1.347  1.00 56.66 ? 127 ARG A OXT 1 
ATOM   1018 N  N   . SER B 2 2   ? 15.747  5.507   4.745   1.00 51.49 ? 2   SER B N   1 
ATOM   1019 C  CA  . SER B 2 2   ? 15.208  5.069   3.413   1.00 51.54 ? 2   SER B CA  1 
ATOM   1020 C  C   . SER B 2 2   ? 14.779  6.246   2.546   1.00 51.39 ? 2   SER B C   1 
ATOM   1021 O  O   . SER B 2 2   ? 15.206  6.345   1.393   1.00 51.77 ? 2   SER B O   1 
ATOM   1022 C  CB  . SER B 2 2   ? 14.040  4.088   3.572   1.00 51.79 ? 2   SER B CB  1 
ATOM   1023 O  OG  . SER B 2 2   ? 13.975  3.185   2.473   1.00 51.48 ? 2   SER B OG  1 
ATOM   1024 N  N   . PHE B 2 3   ? 13.944  7.132   3.093   1.00 50.92 ? 3   PHE B N   1 
ATOM   1025 C  CA  . PHE B 2 3   ? 13.560  8.362   2.382   1.00 50.58 ? 3   PHE B CA  1 
ATOM   1026 C  C   . PHE B 2 3   ? 14.712  9.360   2.298   1.00 50.70 ? 3   PHE B C   1 
ATOM   1027 O  O   . PHE B 2 3   ? 14.728  10.208  1.402   1.00 50.76 ? 3   PHE B O   1 
ATOM   1028 C  CB  . PHE B 2 3   ? 12.304  9.013   2.986   1.00 50.20 ? 3   PHE B CB  1 
ATOM   1029 C  CG  . PHE B 2 3   ? 11.032  8.271   2.684   1.00 49.57 ? 3   PHE B CG  1 
ATOM   1030 C  CD1 . PHE B 2 3   ? 10.613  8.083   1.366   1.00 49.33 ? 3   PHE B CD1 1 
ATOM   1031 C  CD2 . PHE B 2 3   ? 10.254  7.756   3.716   1.00 48.73 ? 3   PHE B CD2 1 
ATOM   1032 C  CE1 . PHE B 2 3   ? 9.434   7.397   1.084   1.00 49.75 ? 3   PHE B CE1 1 
ATOM   1033 C  CE2 . PHE B 2 3   ? 9.081   7.065   3.451   1.00 47.91 ? 3   PHE B CE2 1 
ATOM   1034 C  CZ  . PHE B 2 3   ? 8.668   6.879   2.138   1.00 49.30 ? 3   PHE B CZ  1 
ATOM   1035 N  N   . THR B 2 4   ? 15.656  9.258   3.239   1.00 50.71 ? 4   THR B N   1 
ATOM   1036 C  CA  . THR B 2 4   ? 16.953  9.934   3.147   1.00 50.86 ? 4   THR B CA  1 
ATOM   1037 C  C   . THR B 2 4   ? 17.685  9.423   1.898   1.00 51.00 ? 4   THR B C   1 
ATOM   1038 O  O   . THR B 2 4   ? 17.744  8.206   1.653   1.00 51.28 ? 4   THR B O   1 
ATOM   1039 C  CB  . THR B 2 4   ? 17.824  9.664   4.399   1.00 50.89 ? 4   THR B CB  1 
ATOM   1040 O  OG1 . THR B 2 4   ? 17.010  9.693   5.578   1.00 50.92 ? 4   THR B OG1 1 
ATOM   1041 C  CG2 . THR B 2 4   ? 18.940  10.701  4.525   1.00 50.78 ? 4   THR B CG2 1 
ATOM   1042 N  N   . ASN B 2 5   ? 18.207  10.350  1.098   1.00 50.78 ? 5   ASN B N   1 
ATOM   1043 C  CA  . ASN B 2 5   ? 18.913  10.023  -0.159  1.00 51.05 ? 5   ASN B CA  1 
ATOM   1044 C  C   . ASN B 2 5   ? 18.048  9.488   -1.314  1.00 50.76 ? 5   ASN B C   1 
ATOM   1045 O  O   . ASN B 2 5   ? 18.562  9.224   -2.407  1.00 51.01 ? 5   ASN B O   1 
ATOM   1046 C  CB  . ASN B 2 5   ? 20.118  9.092   0.088   1.00 51.25 ? 5   ASN B CB  1 
ATOM   1047 C  CG  . ASN B 2 5   ? 21.101  9.655   1.105   1.00 51.78 ? 5   ASN B CG  1 
ATOM   1048 O  OD1 . ASN B 2 5   ? 21.781  8.900   1.804   1.00 52.21 ? 5   ASN B OD1 1 
ATOM   1049 N  ND2 . ASN B 2 5   ? 21.182  10.987  1.191   1.00 51.70 ? 5   ASN B ND2 1 
ATOM   1050 N  N   . ALA B 2 6   ? 16.749  9.333   -1.072  1.00 50.23 ? 6   ALA B N   1 
ATOM   1051 C  CA  . ALA B 2 6   ? 15.790  9.019   -2.127  1.00 49.81 ? 6   ALA B CA  1 
ATOM   1052 C  C   . ALA B 2 6   ? 15.527  10.253  -2.989  1.00 49.47 ? 6   ALA B C   1 
ATOM   1053 O  O   . ALA B 2 6   ? 15.372  11.363  -2.468  1.00 49.65 ? 6   ALA B O   1 
ATOM   1054 C  CB  . ALA B 2 6   ? 14.488  8.530   -1.527  1.00 49.84 ? 6   ALA B CB  1 
ATOM   1055 N  N   . THR B 2 7   ? 15.473  10.054  -4.305  1.00 48.66 ? 7   THR B N   1 
ATOM   1056 C  CA  . THR B 2 7   ? 15.183  11.139  -5.237  1.00 47.73 ? 7   THR B CA  1 
ATOM   1057 C  C   . THR B 2 7   ? 13.707  11.549  -5.142  1.00 47.34 ? 7   THR B C   1 
ATOM   1058 O  O   . THR B 2 7   ? 12.879  10.784  -4.653  1.00 47.37 ? 7   THR B O   1 
ATOM   1059 C  CB  . THR B 2 7   ? 15.552  10.754  -6.687  1.00 47.48 ? 7   THR B CB  1 
ATOM   1060 O  OG1 . THR B 2 7   ? 14.783  9.623   -7.093  1.00 46.71 ? 7   THR B OG1 1 
ATOM   1061 C  CG2 . THR B 2 7   ? 17.036  10.409  -6.795  1.00 47.60 ? 7   THR B CG2 1 
ATOM   1062 N  N   . PHE B 2 8   ? 13.394  12.760  -5.603  1.00 46.90 ? 8   PHE B N   1 
ATOM   1063 C  CA  . PHE B 2 8   ? 12.021  13.268  -5.660  1.00 46.92 ? 8   PHE B CA  1 
ATOM   1064 C  C   . PHE B 2 8   ? 11.100  12.304  -6.424  1.00 46.75 ? 8   PHE B C   1 
ATOM   1065 O  O   . PHE B 2 8   ? 9.942   12.121  -6.067  1.00 46.72 ? 8   PHE B O   1 
ATOM   1066 C  CB  . PHE B 2 8   ? 12.001  14.663  -6.308  1.00 46.93 ? 8   PHE B CB  1 
ATOM   1067 C  CG  . PHE B 2 8   ? 10.667  15.370  -6.210  1.00 47.70 ? 8   PHE B CG  1 
ATOM   1068 C  CD1 . PHE B 2 8   ? 10.124  15.708  -4.969  1.00 47.69 ? 8   PHE B CD1 1 
ATOM   1069 C  CD2 . PHE B 2 8   ? 9.962   15.715  -7.364  1.00 47.97 ? 8   PHE B CD2 1 
ATOM   1070 C  CE1 . PHE B 2 8   ? 8.892   16.363  -4.878  1.00 47.61 ? 8   PHE B CE1 1 
ATOM   1071 C  CE2 . PHE B 2 8   ? 8.729   16.377  -7.283  1.00 48.10 ? 8   PHE B CE2 1 
ATOM   1072 C  CZ  . PHE B 2 8   ? 8.196   16.701  -6.040  1.00 47.29 ? 8   PHE B CZ  1 
ATOM   1073 N  N   . SER B 2 9   ? 11.649  11.706  -7.476  1.00 46.58 ? 9   SER B N   1 
ATOM   1074 C  CA  . SER B 2 9   ? 10.992  10.700  -8.302  1.00 46.37 ? 9   SER B CA  1 
ATOM   1075 C  C   . SER B 2 9   ? 10.620  9.422   -7.524  1.00 46.24 ? 9   SER B C   1 
ATOM   1076 O  O   . SER B 2 9   ? 9.503   8.909   -7.670  1.00 46.48 ? 9   SER B O   1 
ATOM   1077 C  CB  . SER B 2 9   ? 11.921  10.365  -9.475  1.00 46.24 ? 9   SER B CB  1 
ATOM   1078 O  OG  . SER B 2 9   ? 11.374  9.371   -10.308 1.00 46.58 ? 9   SER B OG  1 
ATOM   1079 N  N   . GLN B 2 10  ? 11.561  8.908   -6.723  1.00 45.86 ? 10  GLN B N   1 
ATOM   1080 C  CA  . GLN B 2 10  ? 11.333  7.747   -5.856  1.00 45.44 ? 10  GLN B CA  1 
ATOM   1081 C  C   . GLN B 2 10  ? 10.337  8.046   -4.718  1.00 45.58 ? 10  GLN B C   1 
ATOM   1082 O  O   . GLN B 2 10  ? 9.668   7.141   -4.216  1.00 45.61 ? 10  GLN B O   1 
ATOM   1083 C  CB  . GLN B 2 10  ? 12.648  7.266   -5.245  1.00 45.23 ? 10  GLN B CB  1 
ATOM   1084 C  CG  . GLN B 2 10  ? 13.458  6.303   -6.077  1.00 44.85 ? 10  GLN B CG  1 
ATOM   1085 C  CD  . GLN B 2 10  ? 14.846  6.078   -5.493  1.00 45.71 ? 10  GLN B CD  1 
ATOM   1086 O  OE1 . GLN B 2 10  ? 15.400  6.958   -4.837  1.00 45.37 ? 10  GLN B OE1 1 
ATOM   1087 N  NE2 . GLN B 2 10  ? 15.413  4.896   -5.729  1.00 45.25 ? 10  GLN B NE2 1 
ATOM   1088 N  N   . VAL B 2 11  ? 10.268  9.312   -4.301  1.00 45.43 ? 11  VAL B N   1 
ATOM   1089 C  CA  . VAL B 2 11  ? 9.292   9.772   -3.304  1.00 44.99 ? 11  VAL B CA  1 
ATOM   1090 C  C   . VAL B 2 11  ? 7.874   9.759   -3.882  1.00 45.17 ? 11  VAL B C   1 
ATOM   1091 O  O   . VAL B 2 11  ? 6.924   9.306   -3.226  1.00 45.35 ? 11  VAL B O   1 
ATOM   1092 C  CB  . VAL B 2 11  ? 9.667   11.190  -2.762  1.00 45.03 ? 11  VAL B CB  1 
ATOM   1093 C  CG1 . VAL B 2 11  ? 8.502   11.849  -2.032  1.00 44.51 ? 11  VAL B CG1 1 
ATOM   1094 C  CG2 . VAL B 2 11  ? 10.912  11.121  -1.864  1.00 43.85 ? 11  VAL B CG2 1 
ATOM   1095 N  N   . LEU B 2 12  ? 7.738   10.243  -5.113  1.00 45.05 ? 12  LEU B N   1 
ATOM   1096 C  CA  . LEU B 2 12  ? 6.446   10.299  -5.787  1.00 45.19 ? 12  LEU B CA  1 
ATOM   1097 C  C   . LEU B 2 12  ? 5.928   8.908   -6.125  1.00 45.23 ? 12  LEU B C   1 
ATOM   1098 O  O   . LEU B 2 12  ? 4.725   8.675   -6.072  1.00 45.29 ? 12  LEU B O   1 
ATOM   1099 C  CB  . LEU B 2 12  ? 6.506   11.173  -7.050  1.00 45.05 ? 12  LEU B CB  1 
ATOM   1100 C  CG  . LEU B 2 12  ? 6.755   12.678  -6.888  1.00 45.29 ? 12  LEU B CG  1 
ATOM   1101 C  CD1 . LEU B 2 12  ? 6.717   13.366  -8.241  1.00 45.67 ? 12  LEU B CD1 1 
ATOM   1102 C  CD2 . LEU B 2 12  ? 5.776   13.354  -5.908  1.00 44.71 ? 12  LEU B CD2 1 
ATOM   1103 N  N   . ASP B 2 13  ? 6.840   8.003   -6.480  1.00 45.72 ? 13  ASP B N   1 
ATOM   1104 C  CA  . ASP B 2 13  ? 6.528   6.581   -6.668  1.00 45.97 ? 13  ASP B CA  1 
ATOM   1105 C  C   . ASP B 2 13  ? 5.948   5.983   -5.391  1.00 46.00 ? 13  ASP B C   1 
ATOM   1106 O  O   . ASP B 2 13  ? 4.853   5.447   -5.392  1.00 46.02 ? 13  ASP B O   1 
ATOM   1107 C  CB  . ASP B 2 13  ? 7.788   5.804   -7.053  1.00 46.31 ? 13  ASP B CB  1 
ATOM   1108 C  CG  . ASP B 2 13  ? 8.162   5.965   -8.518  1.00 47.45 ? 13  ASP B CG  1 
ATOM   1109 O  OD1 . ASP B 2 13  ? 7.313   6.386   -9.336  1.00 48.52 ? 13  ASP B OD1 1 
ATOM   1110 O  OD2 . ASP B 2 13  ? 9.318   5.649   -8.846  1.00 49.56 ? 13  ASP B OD2 1 
ATOM   1111 N  N   . ASP B 2 14  ? 6.695   6.095   -4.298  1.00 46.20 ? 14  ASP B N   1 
ATOM   1112 C  CA  . ASP B 2 14  ? 6.247   5.652   -2.992  1.00 46.43 ? 14  ASP B CA  1 
ATOM   1113 C  C   . ASP B 2 14  ? 4.849   6.164   -2.656  1.00 46.37 ? 14  ASP B C   1 
ATOM   1114 O  O   . ASP B 2 14  ? 3.976   5.378   -2.272  1.00 46.86 ? 14  ASP B O   1 
ATOM   1115 C  CB  . ASP B 2 14  ? 7.249   6.065   -1.911  1.00 46.17 ? 14  ASP B CB  1 
ATOM   1116 C  CG  . ASP B 2 14  ? 6.847   5.571   -0.531  1.00 47.47 ? 14  ASP B CG  1 
ATOM   1117 O  OD1 . ASP B 2 14  ? 7.318   4.482   -0.134  1.00 48.29 ? 14  ASP B OD1 1 
ATOM   1118 O  OD2 . ASP B 2 14  ? 6.050   6.257   0.151   1.00 47.52 ? 14  ASP B OD2 1 
ATOM   1119 N  N   . LEU B 2 15  ? 4.639   7.473   -2.805  1.00 46.21 ? 15  LEU B N   1 
ATOM   1120 C  CA  . LEU B 2 15  ? 3.367   8.104   -2.446  1.00 45.75 ? 15  LEU B CA  1 
ATOM   1121 C  C   . LEU B 2 15  ? 2.202   7.623   -3.321  1.00 45.64 ? 15  LEU B C   1 
ATOM   1122 O  O   . LEU B 2 15  ? 1.094   7.469   -2.841  1.00 46.12 ? 15  LEU B O   1 
ATOM   1123 C  CB  . LEU B 2 15  ? 3.493   9.640   -2.479  1.00 45.54 ? 15  LEU B CB  1 
ATOM   1124 C  CG  . LEU B 2 15  ? 4.382   10.320  -1.413  1.00 45.57 ? 15  LEU B CG  1 
ATOM   1125 C  CD1 . LEU B 2 15  ? 4.571   11.800  -1.719  1.00 44.50 ? 15  LEU B CD1 1 
ATOM   1126 C  CD2 . LEU B 2 15  ? 3.877   10.140  0.016   1.00 43.51 ? 15  LEU B CD2 1 
ATOM   1127 N  N   . SER B 2 16  ? 2.468   7.394   -4.603  1.00 45.51 ? 16  SER B N   1 
ATOM   1128 C  CA  . SER B 2 16  ? 1.499   6.818   -5.522  1.00 45.46 ? 16  SER B CA  1 
ATOM   1129 C  C   . SER B 2 16  ? 1.063   5.419   -5.082  1.00 45.36 ? 16  SER B C   1 
ATOM   1130 O  O   . SER B 2 16  ? -0.137  5.132   -5.018  1.00 45.53 ? 16  SER B O   1 
ATOM   1131 C  CB  . SER B 2 16  ? 2.094   6.753   -6.933  1.00 45.76 ? 16  SER B CB  1 
ATOM   1132 O  OG  . SER B 2 16  ? 2.450   8.042   -7.401  1.00 46.35 ? 16  SER B OG  1 
ATOM   1133 N  N   . ALA B 2 17  ? 2.033   4.556   -4.773  1.00 44.67 ? 17  ALA B N   1 
ATOM   1134 C  CA  . ALA B 2 17  ? 1.744   3.189   -4.348  1.00 44.87 ? 17  ALA B CA  1 
ATOM   1135 C  C   . ALA B 2 17  ? 1.105   3.119   -2.955  1.00 44.92 ? 17  ALA B C   1 
ATOM   1136 O  O   . ALA B 2 17  ? 0.279   2.235   -2.699  1.00 45.36 ? 17  ALA B O   1 
ATOM   1137 C  CB  . ALA B 2 17  ? 3.003   2.321   -4.411  1.00 44.46 ? 17  ALA B CB  1 
ATOM   1138 N  N   . ARG B 2 18  ? 1.490   4.042   -2.072  1.00 44.41 ? 18  ARG B N   1 
ATOM   1139 C  CA  . ARG B 2 18  ? 1.009   4.070   -0.687  1.00 44.13 ? 18  ARG B CA  1 
ATOM   1140 C  C   . ARG B 2 18  ? -0.397  4.669   -0.558  1.00 44.39 ? 18  ARG B C   1 
ATOM   1141 O  O   . ARG B 2 18  ? -1.141  4.319   0.368   1.00 44.05 ? 18  ARG B O   1 
ATOM   1142 C  CB  . ARG B 2 18  ? 2.011   4.846   0.197   1.00 44.20 ? 18  ARG B CB  1 
ATOM   1143 C  CG  . ARG B 2 18  ? 1.773   4.830   1.713   1.00 41.83 ? 18  ARG B CG  1 
ATOM   1144 C  CD  . ARG B 2 18  ? 2.868   5.652   2.416   1.00 41.52 ? 18  ARG B CD  1 
ATOM   1145 N  NE  . ARG B 2 18  ? 4.208   5.182   2.064   1.00 38.49 ? 18  ARG B NE  1 
ATOM   1146 C  CZ  . ARG B 2 18  ? 5.025   4.512   2.876   1.00 37.83 ? 18  ARG B CZ  1 
ATOM   1147 N  NH1 . ARG B 2 18  ? 4.673   4.240   4.126   1.00 37.79 ? 18  ARG B NH1 1 
ATOM   1148 N  NH2 . ARG B 2 18  ? 6.212   4.110   2.432   1.00 36.65 ? 18  ARG B NH2 1 
ATOM   1149 N  N   . PHE B 2 19  ? -0.758  5.566   -1.476  1.00 44.52 ? 19  PHE B N   1 
ATOM   1150 C  CA  . PHE B 2 19  ? -2.009  6.316   -1.367  1.00 44.93 ? 19  PHE B CA  1 
ATOM   1151 C  C   . PHE B 2 19  ? -2.968  6.253   -2.566  1.00 45.39 ? 19  PHE B C   1 
ATOM   1152 O  O   . PHE B 2 19  ? -4.185  6.310   -2.373  1.00 45.97 ? 19  PHE B O   1 
ATOM   1153 C  CB  . PHE B 2 19  ? -1.740  7.795   -1.005  1.00 44.71 ? 19  PHE B CB  1 
ATOM   1154 C  CG  . PHE B 2 19  ? -1.166  8.009   0.375   1.00 44.23 ? 19  PHE B CG  1 
ATOM   1155 C  CD1 . PHE B 2 19  ? -1.988  8.000   1.497   1.00 43.58 ? 19  PHE B CD1 1 
ATOM   1156 C  CD2 . PHE B 2 19  ? 0.203   8.251   0.550   1.00 44.06 ? 19  PHE B CD2 1 
ATOM   1157 C  CE1 . PHE B 2 19  ? -1.462  8.209   2.771   1.00 41.60 ? 19  PHE B CE1 1 
ATOM   1158 C  CE2 . PHE B 2 19  ? 0.734   8.457   1.813   1.00 41.99 ? 19  PHE B CE2 1 
ATOM   1159 C  CZ  . PHE B 2 19  ? -0.109  8.433   2.932   1.00 42.12 ? 19  PHE B CZ  1 
ATOM   1160 N  N   . ILE B 2 20  ? -2.445  6.138   -3.785  1.00 46.17 ? 20  ILE B N   1 
ATOM   1161 C  CA  . ILE B 2 20  ? -3.253  6.369   -5.005  1.00 47.05 ? 20  ILE B CA  1 
ATOM   1162 C  C   . ILE B 2 20  ? -3.571  5.129   -5.872  1.00 47.40 ? 20  ILE B C   1 
ATOM   1163 O  O   . ILE B 2 20  ? -4.712  4.928   -6.292  1.00 47.51 ? 20  ILE B O   1 
ATOM   1164 C  CB  . ILE B 2 20  ? -2.594  7.460   -5.918  1.00 47.23 ? 20  ILE B CB  1 
ATOM   1165 C  CG1 . ILE B 2 20  ? -2.126  8.688   -5.103  1.00 47.80 ? 20  ILE B CG1 1 
ATOM   1166 C  CG2 . ILE B 2 20  ? -3.514  7.831   -7.098  1.00 47.41 ? 20  ILE B CG2 1 
ATOM   1167 C  CD1 . ILE B 2 20  ? -3.225  9.409   -4.288  1.00 50.01 ? 20  ILE B CD1 1 
ATOM   1168 N  N   . LEU B 2 21  ? -2.547  4.320   -6.128  1.00 48.03 ? 21  LEU B N   1 
ATOM   1169 C  CA  . LEU B 2 21  ? -2.566  3.203   -7.077  1.00 48.27 ? 21  LEU B CA  1 
ATOM   1170 C  C   . LEU B 2 21  ? -3.525  2.074   -6.751  1.00 48.17 ? 21  LEU B C   1 
ATOM   1171 O  O   . LEU B 2 21  ? -4.062  1.419   -7.663  1.00 48.19 ? 21  LEU B O   1 
ATOM   1172 C  CB  . LEU B 2 21  ? -1.164  2.571   -7.120  1.00 48.73 ? 21  LEU B CB  1 
ATOM   1173 C  CG  . LEU B 2 21  ? 0.012   3.032   -7.983  1.00 49.97 ? 21  LEU B CG  1 
ATOM   1174 C  CD1 . LEU B 2 21  ? 0.425   1.943   -8.935  1.00 50.44 ? 21  LEU B CD1 1 
ATOM   1175 C  CD2 . LEU B 2 21  ? -0.265  4.330   -8.709  1.00 51.80 ? 21  LEU B CD2 1 
ATOM   1176 N  N   . ASN B 2 22  ? -3.682  1.794   -5.461  1.00 47.40 ? 22  ASN B N   1 
ATOM   1177 C  CA  . ASN B 2 22  ? -4.307  0.541   -5.048  1.00 47.20 ? 22  ASN B CA  1 
ATOM   1178 C  C   . ASN B 2 22  ? -5.645  0.720   -4.342  1.00 47.22 ? 22  ASN B C   1 
ATOM   1179 O  O   . ASN B 2 22  ? -5.876  0.111   -3.291  1.00 47.18 ? 22  ASN B O   1 
ATOM   1180 C  CB  . ASN B 2 22  ? -3.332  -0.284  -4.185  1.00 46.85 ? 22  ASN B CB  1 
ATOM   1181 C  CG  . ASN B 2 22  ? -1.953  -0.419  -4.825  1.00 46.79 ? 22  ASN B CG  1 
ATOM   1182 O  OD1 . ASN B 2 22  ? -0.985  0.204   -4.378  1.00 46.71 ? 22  ASN B OD1 1 
ATOM   1183 N  ND2 . ASN B 2 22  ? -1.865  -1.211  -5.891  1.00 44.48 ? 22  ASN B ND2 1 
ATOM   1184 N  N   . LEU B 2 23  ? -6.523  1.542   -4.930  1.00 46.83 ? 23  LEU B N   1 
ATOM   1185 C  CA  . LEU B 2 23  ? -7.824  1.850   -4.335  1.00 46.84 ? 23  LEU B CA  1 
ATOM   1186 C  C   . LEU B 2 23  ? -8.807  0.725   -4.583  1.00 46.32 ? 23  LEU B C   1 
ATOM   1187 O  O   . LEU B 2 23  ? -8.820  0.158   -5.678  1.00 46.48 ? 23  LEU B O   1 
ATOM   1188 C  CB  . LEU B 2 23  ? -8.405  3.172   -4.868  1.00 47.10 ? 23  LEU B CB  1 
ATOM   1189 C  CG  . LEU B 2 23  ? -7.676  4.494   -4.585  1.00 48.95 ? 23  LEU B CG  1 
ATOM   1190 C  CD1 . LEU B 2 23  ? -8.490  5.696   -5.101  1.00 50.73 ? 23  LEU B CD1 1 
ATOM   1191 C  CD2 . LEU B 2 23  ? -7.334  4.673   -3.101  1.00 49.87 ? 23  LEU B CD2 1 
ATOM   1192 N  N   . PRO B 2 24  ? -9.635  0.393   -3.569  1.00 46.03 ? 24  PRO B N   1 
ATOM   1193 C  CA  . PRO B 2 24  ? -10.649 -0.650  -3.782  1.00 46.31 ? 24  PRO B CA  1 
ATOM   1194 C  C   . PRO B 2 24  ? -11.674 -0.201  -4.820  1.00 46.64 ? 24  PRO B C   1 
ATOM   1195 O  O   . PRO B 2 24  ? -11.940 0.993   -4.926  1.00 46.78 ? 24  PRO B O   1 
ATOM   1196 C  CB  . PRO B 2 24  ? -11.303 -0.812  -2.402  1.00 45.83 ? 24  PRO B CB  1 
ATOM   1197 C  CG  . PRO B 2 24  ? -10.962 0.402   -1.646  1.00 45.85 ? 24  PRO B CG  1 
ATOM   1198 C  CD  . PRO B 2 24  ? -9.678  0.948   -2.203  1.00 45.55 ? 24  PRO B CD  1 
ATOM   1199 N  N   . ALA B 2 25  ? -12.228 -1.147  -5.576  1.00 47.24 ? 25  ALA B N   1 
ATOM   1200 C  CA  . ALA B 2 25  ? -13.164 -0.839  -6.671  1.00 48.14 ? 25  ALA B CA  1 
ATOM   1201 C  C   . ALA B 2 25  ? -14.246 0.170   -6.285  1.00 48.52 ? 25  ALA B C   1 
ATOM   1202 O  O   . ALA B 2 25  ? -14.671 0.978   -7.112  1.00 48.60 ? 25  ALA B O   1 
ATOM   1203 C  CB  . ALA B 2 25  ? -13.798 -2.123  -7.226  1.00 47.90 ? 25  ALA B CB  1 
ATOM   1204 N  N   . GLU B 2 26  ? -14.655 0.125   -5.019  1.00 49.18 ? 26  GLU B N   1 
ATOM   1205 C  CA  . GLU B 2 26  ? -15.756 0.936   -4.496  1.00 50.05 ? 26  GLU B CA  1 
ATOM   1206 C  C   . GLU B 2 26  ? -15.361 2.407   -4.350  1.00 50.13 ? 26  GLU B C   1 
ATOM   1207 O  O   . GLU B 2 26  ? -16.216 3.298   -4.372  1.00 50.03 ? 26  GLU B O   1 
ATOM   1208 C  CB  . GLU B 2 26  ? -16.241 0.368   -3.153  1.00 50.37 ? 26  GLU B CB  1 
ATOM   1209 C  CG  . GLU B 2 26  ? -16.469 -1.167  -3.139  1.00 51.43 ? 26  GLU B CG  1 
ATOM   1210 C  CD  . GLU B 2 26  ? -15.172 -1.966  -2.916  1.00 52.62 ? 26  GLU B CD  1 
ATOM   1211 O  OE1 . GLU B 2 26  ? -14.407 -1.627  -1.987  1.00 52.63 ? 26  GLU B OE1 1 
ATOM   1212 O  OE2 . GLU B 2 26  ? -14.920 -2.941  -3.663  1.00 53.07 ? 26  GLU B OE2 1 
ATOM   1213 N  N   . GLU B 2 27  ? -14.059 2.644   -4.209  1.00 50.27 ? 27  GLU B N   1 
ATOM   1214 C  CA  . GLU B 2 27  ? -13.506 3.985   -4.079  1.00 50.36 ? 27  GLU B CA  1 
ATOM   1215 C  C   . GLU B 2 27  ? -12.947 4.532   -5.379  1.00 50.25 ? 27  GLU B C   1 
ATOM   1216 O  O   . GLU B 2 27  ? -12.289 5.571   -5.373  1.00 50.83 ? 27  GLU B O   1 
ATOM   1217 C  CB  . GLU B 2 27  ? -12.413 4.008   -3.017  1.00 50.48 ? 27  GLU B CB  1 
ATOM   1218 C  CG  . GLU B 2 27  ? -12.893 3.611   -1.645  1.00 51.18 ? 27  GLU B CG  1 
ATOM   1219 C  CD  . GLU B 2 27  ? -11.811 3.728   -0.611  1.00 52.29 ? 27  GLU B CD  1 
ATOM   1220 O  OE1 . GLU B 2 27  ? -12.089 3.410   0.567   1.00 54.27 ? 27  GLU B OE1 1 
ATOM   1221 O  OE2 . GLU B 2 27  ? -10.688 4.137   -0.973  1.00 53.10 ? 27  GLU B OE2 1 
ATOM   1222 N  N   . GLN B 2 28  ? -13.203 3.838   -6.485  1.00 50.02 ? 28  GLN B N   1 
ATOM   1223 C  CA  . GLN B 2 28  ? -12.790 4.311   -7.803  1.00 50.01 ? 28  GLN B CA  1 
ATOM   1224 C  C   . GLN B 2 28  ? -13.919 5.082   -8.486  1.00 49.76 ? 28  GLN B C   1 
ATOM   1225 O  O   . GLN B 2 28  ? -15.092 4.963   -8.091  1.00 50.06 ? 28  GLN B O   1 
ATOM   1226 C  CB  . GLN B 2 28  ? -12.313 3.150   -8.681  1.00 49.97 ? 28  GLN B CB  1 
ATOM   1227 C  CG  . GLN B 2 28  ? -10.980 2.536   -8.246  1.00 50.82 ? 28  GLN B CG  1 
ATOM   1228 C  CD  . GLN B 2 28  ? -10.622 1.289   -9.037  1.00 52.09 ? 28  GLN B CD  1 
ATOM   1229 O  OE1 . GLN B 2 28  ? -11.185 1.031   -10.098 1.00 53.68 ? 28  GLN B OE1 1 
ATOM   1230 N  NE2 . GLN B 2 28  ? -9.681  0.508   -8.521  1.00 53.31 ? 28  GLN B NE2 1 
ATOM   1231 N  N   . SER B 2 29  ? -13.556 5.870   -9.499  1.00 49.06 ? 29  SER B N   1 
ATOM   1232 C  CA  . SER B 2 29  ? -14.498 6.714   -10.245 1.00 48.77 ? 29  SER B CA  1 
ATOM   1233 C  C   . SER B 2 29  ? -15.017 7.876   -9.391  1.00 48.36 ? 29  SER B C   1 
ATOM   1234 O  O   . SER B 2 29  ? -16.045 8.480   -9.695  1.00 48.14 ? 29  SER B O   1 
ATOM   1235 C  CB  . SER B 2 29  ? -15.663 5.888   -10.833 1.00 49.01 ? 29  SER B CB  1 
ATOM   1236 O  OG  . SER B 2 29  ? -15.197 4.745   -11.542 1.00 49.21 ? 29  SER B OG  1 
ATOM   1237 N  N   . SER B 2 30  ? -14.280 8.197   -8.332  1.00 47.88 ? 30  SER B N   1 
ATOM   1238 C  CA  . SER B 2 30  ? -14.682 9.253   -7.421  1.00 47.38 ? 30  SER B CA  1 
ATOM   1239 C  C   . SER B 2 30  ? -13.639 10.367  -7.338  1.00 47.18 ? 30  SER B C   1 
ATOM   1240 O  O   . SER B 2 30  ? -12.510 10.145  -6.897  1.00 47.40 ? 30  SER B O   1 
ATOM   1241 C  CB  . SER B 2 30  ? -14.971 8.680   -6.041  1.00 46.92 ? 30  SER B CB  1 
ATOM   1242 O  OG  . SER B 2 30  ? -15.154 9.730   -5.118  1.00 47.24 ? 30  SER B OG  1 
ATOM   1243 N  N   . VAL B 2 31  ? -14.025 11.560  -7.769  1.00 46.65 ? 31  VAL B N   1 
ATOM   1244 C  CA  . VAL B 2 31  ? -13.130 12.714  -7.741  1.00 46.82 ? 31  VAL B CA  1 
ATOM   1245 C  C   . VAL B 2 31  ? -12.736 13.077  -6.312  1.00 46.59 ? 31  VAL B C   1 
ATOM   1246 O  O   . VAL B 2 31  ? -11.556 13.242  -6.024  1.00 46.15 ? 31  VAL B O   1 
ATOM   1247 C  CB  . VAL B 2 31  ? -13.743 13.953  -8.470  1.00 46.86 ? 31  VAL B CB  1 
ATOM   1248 C  CG1 . VAL B 2 31  ? -12.819 15.130  -8.368  1.00 46.88 ? 31  VAL B CG1 1 
ATOM   1249 C  CG2 . VAL B 2 31  ? -14.007 13.641  -9.940  1.00 47.30 ? 31  VAL B CG2 1 
ATOM   1250 N  N   . GLU B 2 32  ? -13.723 13.185  -5.423  1.00 47.08 ? 32  GLU B N   1 
ATOM   1251 C  CA  . GLU B 2 32  ? -13.477 13.563  -4.020  1.00 47.68 ? 32  GLU B CA  1 
ATOM   1252 C  C   . GLU B 2 32  ? -12.615 12.578  -3.225  1.00 47.59 ? 32  GLU B C   1 
ATOM   1253 O  O   . GLU B 2 32  ? -11.748 13.009  -2.469  1.00 47.89 ? 32  GLU B O   1 
ATOM   1254 C  CB  . GLU B 2 32  ? -14.780 13.884  -3.287  1.00 47.92 ? 32  GLU B CB  1 
ATOM   1255 C  CG  . GLU B 2 32  ? -15.740 12.727  -3.136  1.00 49.11 ? 32  GLU B CG  1 
ATOM   1256 C  CD  . GLU B 2 32  ? -17.156 13.184  -2.870  1.00 50.69 ? 32  GLU B CD  1 
ATOM   1257 O  OE1 . GLU B 2 32  ? -18.032 12.303  -2.741  1.00 51.59 ? 32  GLU B OE1 1 
ATOM   1258 O  OE2 . GLU B 2 32  ? -17.391 14.417  -2.800  1.00 51.02 ? 32  GLU B OE2 1 
ATOM   1259 N  N   . ARG B 2 33  ? -12.826 11.274  -3.413  1.00 47.74 ? 33  ARG B N   1 
ATOM   1260 C  CA  . ARG B 2 33  ? -11.926 10.252  -2.842  1.00 48.06 ? 33  ARG B CA  1 
ATOM   1261 C  C   . ARG B 2 33  ? -10.475 10.364  -3.332  1.00 47.77 ? 33  ARG B C   1 
ATOM   1262 O  O   . ARG B 2 33  ? -9.539  10.231  -2.541  1.00 47.36 ? 33  ARG B O   1 
ATOM   1263 C  CB  . ARG B 2 33  ? -12.457 8.833   -3.082  1.00 48.20 ? 33  ARG B CB  1 
ATOM   1264 C  CG  . ARG B 2 33  ? -13.807 8.557   -2.412  1.00 50.49 ? 33  ARG B CG  1 
ATOM   1265 C  CD  . ARG B 2 33  ? -14.327 7.175   -2.795  1.00 53.32 ? 33  ARG B CD  1 
ATOM   1266 N  NE  . ARG B 2 33  ? -15.630 6.823   -2.214  1.00 54.97 ? 33  ARG B NE  1 
ATOM   1267 C  CZ  . ARG B 2 33  ? -15.832 6.440   -0.950  1.00 55.43 ? 33  ARG B CZ  1 
ATOM   1268 N  NH1 . ARG B 2 33  ? -14.826 6.388   -0.080  1.00 54.36 ? 33  ARG B NH1 1 
ATOM   1269 N  NH2 . ARG B 2 33  ? -17.060 6.126   -0.548  1.00 55.88 ? 33  ARG B NH2 1 
ATOM   1270 N  N   . LEU B 2 34  ? -10.295 10.608  -4.629  1.00 47.76 ? 34  LEU B N   1 
ATOM   1271 C  CA  . LEU B 2 34  ? -8.964  10.765  -5.213  1.00 47.86 ? 34  LEU B CA  1 
ATOM   1272 C  C   . LEU B 2 34  ? -8.278  11.991  -4.643  1.00 48.25 ? 34  LEU B C   1 
ATOM   1273 O  O   . LEU B 2 34  ? -7.072  11.970  -4.352  1.00 48.64 ? 34  LEU B O   1 
ATOM   1274 C  CB  . LEU B 2 34  ? -9.033  10.863  -6.741  1.00 47.68 ? 34  LEU B CB  1 
ATOM   1275 C  CG  . LEU B 2 34  ? -7.734  11.149  -7.517  1.00 47.97 ? 34  LEU B CG  1 
ATOM   1276 C  CD1 . LEU B 2 34  ? -6.615  10.167  -7.169  1.00 47.14 ? 34  LEU B CD1 1 
ATOM   1277 C  CD2 . LEU B 2 34  ? -7.989  11.154  -9.020  1.00 47.86 ? 34  LEU B CD2 1 
ATOM   1278 N  N   . CYS B 2 35  ? -9.052  13.060  -4.497  1.00 48.21 ? 35  CYS B N   1 
ATOM   1279 C  CA  . CYS B 2 35  ? -8.578  14.292  -3.900  1.00 48.49 ? 35  CYS B CA  1 
ATOM   1280 C  C   . CYS B 2 35  ? -8.159  14.099  -2.433  1.00 47.58 ? 35  CYS B C   1 
ATOM   1281 O  O   . CYS B 2 35  ? -7.097  14.578  -2.012  1.00 47.26 ? 35  CYS B O   1 
ATOM   1282 C  CB  . CYS B 2 35  ? -9.653  15.366  -4.018  1.00 48.54 ? 35  CYS B CB  1 
ATOM   1283 S  SG  . CYS B 2 35  ? -8.946  16.999  -3.980  1.00 54.00 ? 35  CYS B SG  1 
ATOM   1284 N  N   . PHE B 2 36  ? -8.997  13.399  -1.671  1.00 46.79 ? 36  PHE B N   1 
ATOM   1285 C  CA  . PHE B 2 36  ? -8.670  12.999  -0.306  1.00 46.54 ? 36  PHE B CA  1 
ATOM   1286 C  C   . PHE B 2 36  ? -7.345  12.222  -0.239  1.00 46.41 ? 36  PHE B C   1 
ATOM   1287 O  O   . PHE B 2 36  ? -6.503  12.515  0.604   1.00 46.32 ? 36  PHE B O   1 
ATOM   1288 C  CB  . PHE B 2 36  ? -9.834  12.211  0.323   1.00 46.11 ? 36  PHE B CB  1 
ATOM   1289 C  CG  . PHE B 2 36  ? -9.495  11.558  1.643   1.00 46.90 ? 36  PHE B CG  1 
ATOM   1290 C  CD1 . PHE B 2 36  ? -9.284  12.326  2.790   1.00 46.64 ? 36  PHE B CD1 1 
ATOM   1291 C  CD2 . PHE B 2 36  ? -9.393  10.169  1.743   1.00 46.27 ? 36  PHE B CD2 1 
ATOM   1292 C  CE1 . PHE B 2 36  ? -8.967  11.718  4.002   1.00 45.62 ? 36  PHE B CE1 1 
ATOM   1293 C  CE2 . PHE B 2 36  ? -9.077  9.558   2.949   1.00 45.76 ? 36  PHE B CE2 1 
ATOM   1294 C  CZ  . PHE B 2 36  ? -8.869  10.334  4.081   1.00 45.92 ? 36  PHE B CZ  1 
ATOM   1295 N  N   . GLN B 2 37  ? -7.141  11.266  -1.143  1.00 46.39 ? 37  GLN B N   1 
ATOM   1296 C  CA  . GLN B 2 37  ? -5.899  10.476  -1.138  1.00 46.66 ? 37  GLN B CA  1 
ATOM   1297 C  C   . GLN B 2 37  ? -4.659  11.316  -1.471  1.00 46.81 ? 37  GLN B C   1 
ATOM   1298 O  O   . GLN B 2 37  ? -3.588  11.101  -0.886  1.00 46.54 ? 37  GLN B O   1 
ATOM   1299 C  CB  . GLN B 2 37  ? -5.994  9.254   -2.058  1.00 46.37 ? 37  GLN B CB  1 
ATOM   1300 C  CG  . GLN B 2 37  ? -7.088  8.246   -1.701  1.00 47.51 ? 37  GLN B CG  1 
ATOM   1301 C  CD  . GLN B 2 37  ? -6.946  7.650   -0.301  1.00 49.40 ? 37  GLN B CD  1 
ATOM   1302 O  OE1 . GLN B 2 37  ? -5.865  7.254   0.112   1.00 51.46 ? 37  GLN B OE1 1 
ATOM   1303 N  NE2 . GLN B 2 37  ? -8.051  7.578   0.424   1.00 51.13 ? 37  GLN B NE2 1 
ATOM   1304 N  N   . ILE B 2 38  ? -4.819  12.270  -2.397  1.00 46.77 ? 38  ILE B N   1 
ATOM   1305 C  CA  . ILE B 2 38  ? -3.737  13.175  -2.810  1.00 46.74 ? 38  ILE B CA  1 
ATOM   1306 C  C   . ILE B 2 38  ? -3.369  14.088  -1.635  1.00 46.71 ? 38  ILE B C   1 
ATOM   1307 O  O   . ILE B 2 38  ? -2.195  14.323  -1.370  1.00 46.83 ? 38  ILE B O   1 
ATOM   1308 C  CB  . ILE B 2 38  ? -4.135  14.018  -4.086  1.00 47.01 ? 38  ILE B CB  1 
ATOM   1309 C  CG1 . ILE B 2 38  ? -4.445  13.122  -5.304  1.00 46.74 ? 38  ILE B CG1 1 
ATOM   1310 C  CG2 . ILE B 2 38  ? -3.098  15.106  -4.409  1.00 46.36 ? 38  ILE B CG2 1 
ATOM   1311 C  CD1 . ILE B 2 38  ? -3.251  12.609  -6.068  1.00 48.72 ? 38  ILE B CD1 1 
ATOM   1312 N  N   . GLU B 2 39  ? -4.396  14.583  -0.943  1.00 46.47 ? 39  GLU B N   1 
ATOM   1313 C  CA  . GLU B 2 39  ? -4.270  15.378  0.272   1.00 46.13 ? 39  GLU B CA  1 
ATOM   1314 C  C   . GLU B 2 39  ? -3.537  14.612  1.383   1.00 45.92 ? 39  GLU B C   1 
ATOM   1315 O  O   . GLU B 2 39  ? -2.659  15.169  2.050   1.00 45.89 ? 39  GLU B O   1 
ATOM   1316 C  CB  . GLU B 2 39  ? -5.672  15.806  0.734   1.00 46.05 ? 39  GLU B CB  1 
ATOM   1317 C  CG  . GLU B 2 39  ? -5.727  16.837  1.838   1.00 46.17 ? 39  GLU B CG  1 
ATOM   1318 C  CD  . GLU B 2 39  ? -5.807  16.241  3.233   1.00 47.55 ? 39  GLU B CD  1 
ATOM   1319 O  OE1 . GLU B 2 39  ? -6.088  15.034  3.381   1.00 49.10 ? 39  GLU B OE1 1 
ATOM   1320 O  OE2 . GLU B 2 39  ? -5.604  16.989  4.202   1.00 47.91 ? 39  GLU B OE2 1 
ATOM   1321 N  N   . GLN B 2 40  ? -3.906  13.344  1.580   1.00 45.49 ? 40  GLN B N   1 
ATOM   1322 C  CA  . GLN B 2 40  ? -3.251  12.474  2.560   1.00 45.34 ? 40  GLN B CA  1 
ATOM   1323 C  C   . GLN B 2 40  ? -1.795  12.231  2.204   1.00 45.06 ? 40  GLN B C   1 
ATOM   1324 O  O   . GLN B 2 40  ? -0.941  12.105  3.079   1.00 44.83 ? 40  GLN B O   1 
ATOM   1325 C  CB  . GLN B 2 40  ? -3.980  11.135  2.680   1.00 45.25 ? 40  GLN B CB  1 
ATOM   1326 C  CG  . GLN B 2 40  ? -5.332  11.225  3.370   1.00 46.39 ? 40  GLN B CG  1 
ATOM   1327 C  CD  . GLN B 2 40  ? -5.223  11.597  4.848   1.00 47.70 ? 40  GLN B CD  1 
ATOM   1328 O  OE1 . GLN B 2 40  ? -5.452  12.744  5.231   1.00 48.00 ? 40  GLN B OE1 1 
ATOM   1329 N  NE2 . GLN B 2 40  ? -4.868  10.624  5.677   1.00 47.85 ? 40  GLN B NE2 1 
ATOM   1330 N  N   . ALA B 2 41  ? -1.524  12.167  0.907   1.00 44.99 ? 41  ALA B N   1 
ATOM   1331 C  CA  . ALA B 2 41  ? -0.184  11.931  0.403   1.00 44.90 ? 41  ALA B CA  1 
ATOM   1332 C  C   . ALA B 2 41  ? 0.643   13.194  0.605   1.00 45.13 ? 41  ALA B C   1 
ATOM   1333 O  O   . ALA B 2 41  ? 1.832   13.125  0.931   1.00 44.84 ? 41  ALA B O   1 
ATOM   1334 C  CB  . ALA B 2 41  ? -0.231  11.520  -1.086  1.00 44.33 ? 41  ALA B CB  1 
ATOM   1335 N  N   . HIS B 2 42  ? -0.013  14.342  0.429   1.00 45.51 ? 42  HIS B N   1 
ATOM   1336 C  CA  . HIS B 2 42  ? 0.607   15.663  0.586   1.00 45.73 ? 42  HIS B CA  1 
ATOM   1337 C  C   . HIS B 2 42  ? 1.048   15.900  2.021   1.00 45.84 ? 42  HIS B C   1 
ATOM   1338 O  O   . HIS B 2 42  ? 2.147   16.387  2.248   1.00 46.68 ? 42  HIS B O   1 
ATOM   1339 C  CB  . HIS B 2 42  ? -0.371  16.753  0.144   1.00 45.87 ? 42  HIS B CB  1 
ATOM   1340 C  CG  . HIS B 2 42  ? 0.207   18.135  0.130   1.00 45.57 ? 42  HIS B CG  1 
ATOM   1341 N  ND1 . HIS B 2 42  ? 1.418   18.433  -0.454  1.00 46.97 ? 42  HIS B ND1 1 
ATOM   1342 C  CD2 . HIS B 2 42  ? -0.285  19.308  0.585   1.00 45.79 ? 42  HIS B CD2 1 
ATOM   1343 C  CE1 . HIS B 2 42  ? 1.660   19.725  -0.338  1.00 45.68 ? 42  HIS B CE1 1 
ATOM   1344 N  NE2 . HIS B 2 42  ? 0.642   20.278  0.294   1.00 46.74 ? 42  HIS B NE2 1 
ATOM   1345 N  N   . TRP B 2 43  ? 0.181   15.567  2.976   1.00 45.60 ? 43  TRP B N   1 
ATOM   1346 C  CA  . TRP B 2 43  ? 0.501   15.622  4.397   1.00 45.72 ? 43  TRP B CA  1 
ATOM   1347 C  C   . TRP B 2 43  ? 1.683   14.701  4.772   1.00 45.46 ? 43  TRP B C   1 
ATOM   1348 O  O   . TRP B 2 43  ? 2.612   15.135  5.434   1.00 45.76 ? 43  TRP B O   1 
ATOM   1349 C  CB  . TRP B 2 43  ? -0.751  15.315  5.240   1.00 46.30 ? 43  TRP B CB  1 
ATOM   1350 C  CG  . TRP B 2 43  ? -0.439  14.814  6.623   1.00 47.54 ? 43  TRP B CG  1 
ATOM   1351 C  CD1 . TRP B 2 43  ? -0.038  15.560  7.704   1.00 48.19 ? 43  TRP B CD1 1 
ATOM   1352 C  CD2 . TRP B 2 43  ? -0.486  13.451  7.074   1.00 48.22 ? 43  TRP B CD2 1 
ATOM   1353 N  NE1 . TRP B 2 43  ? 0.173   14.742  8.788   1.00 48.19 ? 43  TRP B NE1 1 
ATOM   1354 C  CE2 . TRP B 2 43  ? -0.097  13.445  8.429   1.00 48.06 ? 43  TRP B CE2 1 
ATOM   1355 C  CE3 . TRP B 2 43  ? -0.813  12.233  6.455   1.00 48.92 ? 43  TRP B CE3 1 
ATOM   1356 C  CZ2 . TRP B 2 43  ? -0.034  12.267  9.189   1.00 48.88 ? 43  TRP B CZ2 1 
ATOM   1357 C  CZ3 . TRP B 2 43  ? -0.748  11.059  7.209   1.00 49.09 ? 43  TRP B CZ3 1 
ATOM   1358 C  CH2 . TRP B 2 43  ? -0.360  11.088  8.568   1.00 48.57 ? 43  TRP B CH2 1 
ATOM   1359 N  N   . PHE B 2 44  ? 1.630   13.441  4.344   1.00 45.01 ? 44  PHE B N   1 
ATOM   1360 C  CA  . PHE B 2 44  ? 2.695   12.449  4.541   1.00 44.54 ? 44  PHE B CA  1 
ATOM   1361 C  C   . PHE B 2 44  ? 4.040   12.966  4.028   1.00 44.92 ? 44  PHE B C   1 
ATOM   1362 O  O   . PHE B 2 44  ? 5.076   12.806  4.685   1.00 44.74 ? 44  PHE B O   1 
ATOM   1363 C  CB  . PHE B 2 44  ? 2.316   11.149  3.803   1.00 43.84 ? 44  PHE B CB  1 
ATOM   1364 C  CG  . PHE B 2 44  ? 3.098   9.931   4.236   1.00 42.82 ? 44  PHE B CG  1 
ATOM   1365 C  CD1 . PHE B 2 44  ? 2.587   9.071   5.208   1.00 41.16 ? 44  PHE B CD1 1 
ATOM   1366 C  CD2 . PHE B 2 44  ? 4.324   9.624   3.649   1.00 41.69 ? 44  PHE B CD2 1 
ATOM   1367 C  CE1 . PHE B 2 44  ? 3.289   7.940   5.608   1.00 40.31 ? 44  PHE B CE1 1 
ATOM   1368 C  CE2 . PHE B 2 44  ? 5.046   8.496   4.049   1.00 41.41 ? 44  PHE B CE2 1 
ATOM   1369 C  CZ  . PHE B 2 44  ? 4.525   7.650   5.033   1.00 41.08 ? 44  PHE B CZ  1 
ATOM   1370 N  N   . TYR B 2 45  ? 4.002   13.578  2.847   1.00 45.26 ? 45  TYR B N   1 
ATOM   1371 C  CA  . TYR B 2 45  ? 5.168   14.200  2.223   1.00 45.79 ? 45  TYR B CA  1 
ATOM   1372 C  C   . TYR B 2 45  ? 5.771   15.328  3.069   1.00 46.24 ? 45  TYR B C   1 
ATOM   1373 O  O   . TYR B 2 45  ? 6.964   15.313  3.386   1.00 46.30 ? 45  TYR B O   1 
ATOM   1374 C  CB  . TYR B 2 45  ? 4.792   14.742  0.840   1.00 45.44 ? 45  TYR B CB  1 
ATOM   1375 C  CG  . TYR B 2 45  ? 5.900   15.535  0.182   1.00 45.73 ? 45  TYR B CG  1 
ATOM   1376 C  CD1 . TYR B 2 45  ? 6.999   14.894  -0.384  1.00 45.82 ? 45  TYR B CD1 1 
ATOM   1377 C  CD2 . TYR B 2 45  ? 5.847   16.923  0.120   1.00 45.62 ? 45  TYR B CD2 1 
ATOM   1378 C  CE1 . TYR B 2 45  ? 8.020   15.614  -0.979  1.00 45.71 ? 45  TYR B CE1 1 
ATOM   1379 C  CE2 . TYR B 2 45  ? 6.859   17.654  -0.484  1.00 45.52 ? 45  TYR B CE2 1 
ATOM   1380 C  CZ  . TYR B 2 45  ? 7.940   16.991  -1.028  1.00 45.51 ? 45  TYR B CZ  1 
ATOM   1381 O  OH  . TYR B 2 45  ? 8.947   17.698  -1.626  1.00 45.58 ? 45  TYR B OH  1 
ATOM   1382 N  N   . GLU B 2 46  ? 4.929   16.297  3.415   1.00 46.77 ? 46  GLU B N   1 
ATOM   1383 C  CA  . GLU B 2 46  ? 5.328   17.497  4.138   1.00 47.13 ? 46  GLU B CA  1 
ATOM   1384 C  C   . GLU B 2 46  ? 5.745   17.175  5.561   1.00 47.70 ? 46  GLU B C   1 
ATOM   1385 O  O   . GLU B 2 46  ? 6.723   17.736  6.077   1.00 47.90 ? 46  GLU B O   1 
ATOM   1386 C  CB  . GLU B 2 46  ? 4.178   18.505  4.140   1.00 46.97 ? 46  GLU B CB  1 
ATOM   1387 C  CG  . GLU B 2 46  ? 3.884   19.107  2.769   1.00 47.17 ? 46  GLU B CG  1 
ATOM   1388 C  CD  . GLU B 2 46  ? 4.931   20.100  2.326   1.00 48.26 ? 46  GLU B CD  1 
ATOM   1389 O  OE1 . GLU B 2 46  ? 5.186   21.074  3.066   1.00 50.09 ? 46  GLU B OE1 1 
ATOM   1390 O  OE2 . GLU B 2 46  ? 5.504   19.922  1.232   1.00 49.70 ? 46  GLU B OE2 1 
ATOM   1391 N  N   . ASP B 2 47  ? 5.010   16.252  6.174   1.00 47.99 ? 47  ASP B N   1 
ATOM   1392 C  CA  . ASP B 2 47  ? 5.182   15.897  7.577   1.00 48.55 ? 47  ASP B CA  1 
ATOM   1393 C  C   . ASP B 2 47  ? 6.304   14.874  7.808   1.00 48.38 ? 47  ASP B C   1 
ATOM   1394 O  O   . ASP B 2 47  ? 7.132   15.044  8.712   1.00 48.84 ? 47  ASP B O   1 
ATOM   1395 C  CB  . ASP B 2 47  ? 3.843   15.384  8.133   1.00 48.95 ? 47  ASP B CB  1 
ATOM   1396 C  CG  . ASP B 2 47  ? 3.902   15.022  9.599   1.00 50.17 ? 47  ASP B CG  1 
ATOM   1397 O  OD1 . ASP B 2 47  ? 4.855   15.416  10.297  1.00 51.49 ? 47  ASP B OD1 1 
ATOM   1398 O  OD2 . ASP B 2 47  ? 2.967   14.337  10.058  1.00 52.65 ? 47  ASP B OD2 1 
ATOM   1399 N  N   . PHE B 2 48  ? 6.334   13.811  7.010   1.00 47.85 ? 48  PHE B N   1 
ATOM   1400 C  CA  . PHE B 2 48  ? 7.278   12.723  7.268   1.00 47.33 ? 48  PHE B CA  1 
ATOM   1401 C  C   . PHE B 2 48  ? 8.483   12.697  6.344   1.00 47.38 ? 48  PHE B C   1 
ATOM   1402 O  O   . PHE B 2 48  ? 9.595   12.453  6.803   1.00 47.46 ? 48  PHE B O   1 
ATOM   1403 C  CB  . PHE B 2 48  ? 6.571   11.359  7.279   1.00 46.60 ? 48  PHE B CB  1 
ATOM   1404 C  CG  . PHE B 2 48  ? 5.534   11.222  8.354   1.00 45.17 ? 48  PHE B CG  1 
ATOM   1405 C  CD1 . PHE B 2 48  ? 5.886   11.312  9.700   1.00 44.91 ? 48  PHE B CD1 1 
ATOM   1406 C  CD2 . PHE B 2 48  ? 4.203   10.993  8.022   1.00 44.80 ? 48  PHE B CD2 1 
ATOM   1407 C  CE1 . PHE B 2 48  ? 4.927   11.184  10.699  1.00 44.73 ? 48  PHE B CE1 1 
ATOM   1408 C  CE2 . PHE B 2 48  ? 3.233   10.865  9.002   1.00 44.32 ? 48  PHE B CE2 1 
ATOM   1409 C  CZ  . PHE B 2 48  ? 3.593   10.961  10.348  1.00 45.79 ? 48  PHE B CZ  1 
ATOM   1410 N  N   . ILE B 2 49  ? 8.262   12.943  5.055   1.00 47.79 ? 49  ILE B N   1 
ATOM   1411 C  CA  . ILE B 2 49  ? 9.312   12.763  4.048   1.00 48.25 ? 49  ILE B CA  1 
ATOM   1412 C  C   . ILE B 2 49  ? 10.315  13.900  4.098   1.00 48.07 ? 49  ILE B C   1 
ATOM   1413 O  O   . ILE B 2 49  ? 11.516  13.663  4.027   1.00 48.23 ? 49  ILE B O   1 
ATOM   1414 C  CB  . ILE B 2 49  ? 8.765   12.626  2.585   1.00 48.23 ? 49  ILE B CB  1 
ATOM   1415 C  CG1 . ILE B 2 49  ? 7.539   11.707  2.509   1.00 48.66 ? 49  ILE B CG1 1 
ATOM   1416 C  CG2 . ILE B 2 49  ? 9.874   12.170  1.627   1.00 47.90 ? 49  ILE B CG2 1 
ATOM   1417 C  CD1 . ILE B 2 49  ? 7.809   10.286  2.701   1.00 49.71 ? 49  ILE B CD1 1 
ATOM   1418 N  N   . ARG B 2 50  ? 9.811   15.124  4.206   1.00 48.22 ? 50  ARG B N   1 
ATOM   1419 C  CA  . ARG B 2 50  ? 10.662  16.312  4.284   1.00 48.52 ? 50  ARG B CA  1 
ATOM   1420 C  C   . ARG B 2 50  ? 11.472  16.376  5.578   1.00 48.87 ? 50  ARG B C   1 
ATOM   1421 O  O   . ARG B 2 50  ? 12.579  16.919  5.590   1.00 49.02 ? 50  ARG B O   1 
ATOM   1422 C  CB  . ARG B 2 50  ? 9.838   17.583  4.110   1.00 48.17 ? 50  ARG B CB  1 
ATOM   1423 C  CG  . ARG B 2 50  ? 9.284   17.758  2.715   1.00 47.64 ? 50  ARG B CG  1 
ATOM   1424 C  CD  . ARG B 2 50  ? 8.938   19.205  2.445   1.00 48.01 ? 50  ARG B CD  1 
ATOM   1425 N  NE  . ARG B 2 50  ? 10.135  20.043  2.303   1.00 46.76 ? 50  ARG B NE  1 
ATOM   1426 C  CZ  . ARG B 2 50  ? 10.566  20.907  3.215   1.00 46.62 ? 50  ARG B CZ  1 
ATOM   1427 N  NH1 . ARG B 2 50  ? 9.900   21.071  4.353   1.00 46.58 ? 50  ARG B NH1 1 
ATOM   1428 N  NH2 . ARG B 2 50  ? 11.667  21.611  2.989   1.00 45.42 ? 50  ARG B NH2 1 
ATOM   1429 N  N   . ALA B 2 51  ? 10.929  15.814  6.657   1.00 49.44 ? 51  ALA B N   1 
ATOM   1430 C  CA  . ALA B 2 51  ? 11.673  15.666  7.916   1.00 50.18 ? 51  ALA B CA  1 
ATOM   1431 C  C   . ALA B 2 51  ? 12.873  14.718  7.788   1.00 50.84 ? 51  ALA B C   1 
ATOM   1432 O  O   . ALA B 2 51  ? 13.800  14.781  8.604   1.00 50.97 ? 51  ALA B O   1 
ATOM   1433 C  CB  . ALA B 2 51  ? 10.751  15.198  9.037   1.00 50.22 ? 51  ALA B CB  1 
ATOM   1434 N  N   . GLN B 2 52  ? 12.848  13.848  6.773   1.00 51.33 ? 52  GLN B N   1 
ATOM   1435 C  CA  . GLN B 2 52  ? 13.927  12.882  6.520   1.00 52.02 ? 52  GLN B CA  1 
ATOM   1436 C  C   . GLN B 2 52  ? 14.914  13.332  5.436   1.00 52.46 ? 52  GLN B C   1 
ATOM   1437 O  O   . GLN B 2 52  ? 16.094  12.966  5.473   1.00 52.45 ? 52  GLN B O   1 
ATOM   1438 C  CB  . GLN B 2 52  ? 13.359  11.503  6.179   1.00 51.98 ? 52  GLN B CB  1 
ATOM   1439 C  CG  . GLN B 2 52  ? 12.499  10.918  7.286   1.00 53.18 ? 52  GLN B CG  1 
ATOM   1440 C  CD  . GLN B 2 52  ? 12.269  9.433   7.137   1.00 55.34 ? 52  GLN B CD  1 
ATOM   1441 O  OE1 . GLN B 2 52  ? 13.061  8.736   6.503   1.00 56.46 ? 52  GLN B OE1 1 
ATOM   1442 N  NE2 . GLN B 2 52  ? 11.185  8.933   7.733   1.00 55.78 ? 52  GLN B NE2 1 
ATOM   1443 N  N   . ASN B 2 53  ? 14.428  14.116  4.477   1.00 52.98 ? 53  ASN B N   1 
ATOM   1444 C  CA  . ASN B 2 53  ? 15.268  14.661  3.411   1.00 53.57 ? 53  ASN B CA  1 
ATOM   1445 C  C   . ASN B 2 53  ? 15.027  16.159  3.244   1.00 54.03 ? 53  ASN B C   1 
ATOM   1446 O  O   . ASN B 2 53  ? 14.046  16.586  2.636   1.00 54.17 ? 53  ASN B O   1 
ATOM   1447 C  CB  . ASN B 2 53  ? 15.023  13.908  2.095   1.00 53.73 ? 53  ASN B CB  1 
ATOM   1448 C  CG  . ASN B 2 53  ? 16.015  14.282  1.002   1.00 53.48 ? 53  ASN B CG  1 
ATOM   1449 O  OD1 . ASN B 2 53  ? 16.542  15.392  0.971   1.00 54.11 ? 53  ASN B OD1 1 
ATOM   1450 N  ND2 . ASN B 2 53  ? 16.262  13.347  0.088   1.00 53.57 ? 53  ASN B ND2 1 
ATOM   1451 N  N   . ASP B 2 54  ? 15.954  16.948  3.778   1.00 54.60 ? 54  ASP B N   1 
ATOM   1452 C  CA  . ASP B 2 54  ? 15.831  18.410  3.848   1.00 55.05 ? 54  ASP B CA  1 
ATOM   1453 C  C   . ASP B 2 54  ? 15.891  19.134  2.494   1.00 54.79 ? 54  ASP B C   1 
ATOM   1454 O  O   . ASP B 2 54  ? 15.513  20.304  2.397   1.00 54.67 ? 54  ASP B O   1 
ATOM   1455 C  CB  . ASP B 2 54  ? 16.902  18.966  4.799   1.00 55.31 ? 54  ASP B CB  1 
ATOM   1456 C  CG  . ASP B 2 54  ? 17.100  18.083  6.024   1.00 56.41 ? 54  ASP B CG  1 
ATOM   1457 O  OD1 . ASP B 2 54  ? 16.121  17.887  6.780   1.00 57.18 ? 54  ASP B OD1 1 
ATOM   1458 O  OD2 . ASP B 2 54  ? 18.227  17.571  6.220   1.00 58.16 ? 54  ASP B OD2 1 
ATOM   1459 N  N   . GLN B 2 55  ? 16.359  18.430  1.461   1.00 54.49 ? 55  GLN B N   1 
ATOM   1460 C  CA  . GLN B 2 55  ? 16.505  19.012  0.123   1.00 54.25 ? 55  GLN B CA  1 
ATOM   1461 C  C   . GLN B 2 55  ? 15.212  18.966  -0.704  1.00 53.56 ? 55  GLN B C   1 
ATOM   1462 O  O   . GLN B 2 55  ? 15.128  19.575  -1.773  1.00 53.32 ? 55  GLN B O   1 
ATOM   1463 C  CB  . GLN B 2 55  ? 17.651  18.334  -0.643  1.00 54.46 ? 55  GLN B CB  1 
ATOM   1464 C  CG  . GLN B 2 55  ? 19.018  18.380  0.052   1.00 55.69 ? 55  GLN B CG  1 
ATOM   1465 C  CD  . GLN B 2 55  ? 19.673  19.756  0.039   1.00 56.95 ? 55  GLN B CD  1 
ATOM   1466 O  OE1 . GLN B 2 55  ? 19.028  20.776  0.297   1.00 58.12 ? 55  GLN B OE1 1 
ATOM   1467 N  NE2 . GLN B 2 55  ? 20.968  19.786  -0.246  1.00 57.09 ? 55  GLN B NE2 1 
ATOM   1468 N  N   . LEU B 2 56  ? 14.210  18.251  -0.201  1.00 52.91 ? 56  LEU B N   1 
ATOM   1469 C  CA  . LEU B 2 56  ? 12.926  18.126  -0.891  1.00 52.41 ? 56  LEU B CA  1 
ATOM   1470 C  C   . LEU B 2 56  ? 12.101  19.413  -0.759  1.00 51.98 ? 56  LEU B C   1 
ATOM   1471 O  O   . LEU B 2 56  ? 11.998  19.971  0.337   1.00 52.05 ? 56  LEU B O   1 
ATOM   1472 C  CB  . LEU B 2 56  ? 12.140  16.914  -0.372  1.00 52.27 ? 56  LEU B CB  1 
ATOM   1473 C  CG  . LEU B 2 56  ? 12.717  15.505  -0.571  1.00 52.08 ? 56  LEU B CG  1 
ATOM   1474 C  CD1 . LEU B 2 56  ? 11.891  14.510  0.216   1.00 51.32 ? 56  LEU B CD1 1 
ATOM   1475 C  CD2 . LEU B 2 56  ? 12.798  15.080  -2.043  1.00 51.25 ? 56  LEU B CD2 1 
ATOM   1476 N  N   . PRO B 2 57  ? 11.497  19.877  -1.872  1.00 51.52 ? 57  PRO B N   1 
ATOM   1477 C  CA  . PRO B 2 57  ? 10.808  21.165  -1.854  1.00 51.08 ? 57  PRO B CA  1 
ATOM   1478 C  C   . PRO B 2 57  ? 9.523   21.107  -1.038  1.00 50.65 ? 57  PRO B C   1 
ATOM   1479 O  O   . PRO B 2 57  ? 8.786   20.129  -1.119  1.00 50.30 ? 57  PRO B O   1 
ATOM   1480 C  CB  . PRO B 2 57  ? 10.467  21.423  -3.329  1.00 51.05 ? 57  PRO B CB  1 
ATOM   1481 C  CG  . PRO B 2 57  ? 11.084  20.325  -4.112  1.00 51.59 ? 57  PRO B CG  1 
ATOM   1482 C  CD  . PRO B 2 57  ? 11.382  19.209  -3.180  1.00 51.66 ? 57  PRO B CD  1 
ATOM   1483 N  N   . SER B 2 58  ? 9.275   22.144  -0.247  1.00 50.24 ? 58  SER B N   1 
ATOM   1484 C  CA  . SER B 2 58  ? 7.994   22.312  0.413   1.00 49.88 ? 58  SER B CA  1 
ATOM   1485 C  C   . SER B 2 58  ? 7.036   22.838  -0.641  1.00 49.65 ? 58  SER B C   1 
ATOM   1486 O  O   . SER B 2 58  ? 7.330   23.831  -1.303  1.00 49.70 ? 58  SER B O   1 
ATOM   1487 C  CB  . SER B 2 58  ? 8.113   23.298  1.574   1.00 49.85 ? 58  SER B CB  1 
ATOM   1488 O  OG  . SER B 2 58  ? 6.901   23.367  2.298   1.00 50.14 ? 58  SER B OG  1 
ATOM   1489 N  N   . LEU B 2 59  ? 5.903   22.160  -0.803  1.00 49.39 ? 59  LEU B N   1 
ATOM   1490 C  CA  . LEU B 2 59  ? 4.957   22.465  -1.875  1.00 48.95 ? 59  LEU B CA  1 
ATOM   1491 C  C   . LEU B 2 59  ? 3.556   22.718  -1.321  1.00 48.92 ? 59  LEU B C   1 
ATOM   1492 O  O   . LEU B 2 59  ? 3.178   22.138  -0.302  1.00 49.12 ? 59  LEU B O   1 
ATOM   1493 C  CB  . LEU B 2 59  ? 4.913   21.309  -2.890  1.00 48.85 ? 59  LEU B CB  1 
ATOM   1494 C  CG  . LEU B 2 59  ? 6.188   20.859  -3.623  1.00 48.38 ? 59  LEU B CG  1 
ATOM   1495 C  CD1 . LEU B 2 59  ? 5.957   19.561  -4.374  1.00 47.57 ? 59  LEU B CD1 1 
ATOM   1496 C  CD2 . LEU B 2 59  ? 6.719   21.943  -4.576  1.00 48.53 ? 59  LEU B CD2 1 
ATOM   1497 N  N   . GLY B 2 60  ? 2.803   23.595  -1.987  1.00 48.66 ? 60  GLY B N   1 
ATOM   1498 C  CA  . GLY B 2 60  ? 1.366   23.764  -1.736  1.00 48.24 ? 60  GLY B CA  1 
ATOM   1499 C  C   . GLY B 2 60  ? 0.600   22.636  -2.415  1.00 48.16 ? 60  GLY B C   1 
ATOM   1500 O  O   . GLY B 2 60  ? 1.180   21.883  -3.194  1.00 47.88 ? 60  GLY B O   1 
ATOM   1501 N  N   . LEU B 2 61  ? -0.702  22.523  -2.130  1.00 48.05 ? 61  LEU B N   1 
ATOM   1502 C  CA  . LEU B 2 61  ? -1.513  21.396  -2.614  1.00 47.93 ? 61  LEU B CA  1 
ATOM   1503 C  C   . LEU B 2 61  ? -1.619  21.310  -4.133  1.00 48.13 ? 61  LEU B C   1 
ATOM   1504 O  O   . LEU B 2 61  ? -1.459  20.222  -4.685  1.00 48.26 ? 61  LEU B O   1 
ATOM   1505 C  CB  . LEU B 2 61  ? -2.920  21.382  -1.982  1.00 47.50 ? 61  LEU B CB  1 
ATOM   1506 C  CG  . LEU B 2 61  ? -3.833  20.180  -2.287  1.00 46.91 ? 61  LEU B CG  1 
ATOM   1507 C  CD1 . LEU B 2 61  ? -3.231  18.821  -1.824  1.00 44.93 ? 61  LEU B CD1 1 
ATOM   1508 C  CD2 . LEU B 2 61  ? -5.236  20.376  -1.729  1.00 44.42 ? 61  LEU B CD2 1 
ATOM   1509 N  N   . ARG B 2 62  ? -1.899  22.434  -4.794  1.00 48.36 ? 62  ARG B N   1 
ATOM   1510 C  CA  . ARG B 2 62  ? -2.045  22.456  -6.259  1.00 49.00 ? 62  ARG B CA  1 
ATOM   1511 C  C   . ARG B 2 62  ? -0.777  21.999  -6.988  1.00 49.21 ? 62  ARG B C   1 
ATOM   1512 O  O   . ARG B 2 62  ? -0.854  21.157  -7.891  1.00 49.21 ? 62  ARG B O   1 
ATOM   1513 C  CB  . ARG B 2 62  ? -2.535  23.822  -6.781  1.00 49.01 ? 62  ARG B CB  1 
ATOM   1514 C  CG  . ARG B 2 62  ? -2.117  24.128  -8.235  1.00 50.15 ? 62  ARG B CG  1 
ATOM   1515 C  CD  . ARG B 2 62  ? -3.230  24.727  -9.094  1.00 50.67 ? 62  ARG B CD  1 
ATOM   1516 N  NE  . ARG B 2 62  ? -3.454  26.142  -8.816  1.00 52.01 ? 62  ARG B NE  1 
ATOM   1517 C  CZ  . ARG B 2 62  ? -4.269  26.937  -9.513  1.00 52.17 ? 62  ARG B CZ  1 
ATOM   1518 N  NH1 . ARG B 2 62  ? -4.946  26.470  -10.558 1.00 51.99 ? 62  ARG B NH1 1 
ATOM   1519 N  NH2 . ARG B 2 62  ? -4.399  28.214  -9.167  1.00 52.04 ? 62  ARG B NH2 1 
ATOM   1520 N  N   . VAL B 2 63  ? 0.375   22.535  -6.582  1.00 49.56 ? 63  VAL B N   1 
ATOM   1521 C  CA  . VAL B 2 63  ? 1.654   22.200  -7.217  1.00 50.02 ? 63  VAL B CA  1 
ATOM   1522 C  C   . VAL B 2 63  ? 2.059   20.749  -6.929  1.00 49.91 ? 63  VAL B C   1 
ATOM   1523 O  O   . VAL B 2 63  ? 2.516   20.046  -7.830  1.00 49.88 ? 63  VAL B O   1 
ATOM   1524 C  CB  . VAL B 2 63  ? 2.785   23.258  -6.909  1.00 50.36 ? 63  VAL B CB  1 
ATOM   1525 C  CG1 . VAL B 2 63  ? 2.914   23.527  -5.423  1.00 51.84 ? 63  VAL B CG1 1 
ATOM   1526 C  CG2 . VAL B 2 63  ? 4.139   22.845  -7.499  1.00 50.77 ? 63  VAL B CG2 1 
ATOM   1527 N  N   . PHE B 2 64  ? 1.853   20.297  -5.691  1.00 49.82 ? 64  PHE B N   1 
ATOM   1528 C  CA  . PHE B 2 64  ? 2.067   18.896  -5.340  1.00 49.60 ? 64  PHE B CA  1 
ATOM   1529 C  C   . PHE B 2 64  ? 1.256   17.927  -6.233  1.00 49.84 ? 64  PHE B C   1 
ATOM   1530 O  O   . PHE B 2 64  ? 1.833   17.005  -6.819  1.00 49.94 ? 64  PHE B O   1 
ATOM   1531 C  CB  . PHE B 2 64  ? 1.798   18.650  -3.854  1.00 49.05 ? 64  PHE B CB  1 
ATOM   1532 C  CG  . PHE B 2 64  ? 1.835   17.190  -3.464  1.00 49.50 ? 64  PHE B CG  1 
ATOM   1533 C  CD1 . PHE B 2 64  ? 3.051   16.553  -3.187  1.00 48.99 ? 64  PHE B CD1 1 
ATOM   1534 C  CD2 . PHE B 2 64  ? 0.653   16.446  -3.375  1.00 49.51 ? 64  PHE B CD2 1 
ATOM   1535 C  CE1 . PHE B 2 64  ? 3.091   15.207  -2.833  1.00 47.26 ? 64  PHE B CE1 1 
ATOM   1536 C  CE2 . PHE B 2 64  ? 0.688   15.096  -3.023  1.00 48.34 ? 64  PHE B CE2 1 
ATOM   1537 C  CZ  . PHE B 2 64  ? 1.910   14.480  -2.752  1.00 47.55 ? 64  PHE B CZ  1 
ATOM   1538 N  N   . SER B 2 65  ? -0.063  18.142  -6.332  1.00 49.73 ? 65  SER B N   1 
ATOM   1539 C  CA  . SER B 2 65  ? -0.932  17.355  -7.228  1.00 50.00 ? 65  SER B CA  1 
ATOM   1540 C  C   . SER B 2 65  ? -0.458  17.366  -8.676  1.00 49.80 ? 65  SER B C   1 
ATOM   1541 O  O   . SER B 2 65  ? -0.455  16.320  -9.334  1.00 50.12 ? 65  SER B O   1 
ATOM   1542 C  CB  . SER B 2 65  ? -2.378  17.856  -7.197  1.00 49.82 ? 65  SER B CB  1 
ATOM   1543 O  OG  . SER B 2 65  ? -2.852  17.932  -5.876  1.00 51.95 ? 65  SER B OG  1 
ATOM   1544 N  N   . ALA B 2 66  ? -0.077  18.549  -9.159  1.00 49.59 ? 66  ALA B N   1 
ATOM   1545 C  CA  . ALA B 2 66  ? 0.441   18.726  -10.520 1.00 49.85 ? 66  ALA B CA  1 
ATOM   1546 C  C   . ALA B 2 66  ? 1.673   17.854  -10.792 1.00 50.12 ? 66  ALA B C   1 
ATOM   1547 O  O   . ALA B 2 66  ? 1.821   17.315  -11.886 1.00 50.26 ? 66  ALA B O   1 
ATOM   1548 C  CB  . ALA B 2 66  ? 0.751   20.208  -10.788 1.00 49.35 ? 66  ALA B CB  1 
ATOM   1549 N  N   . LYS B 2 67  ? 2.537   17.713  -9.787  1.00 50.55 ? 67  LYS B N   1 
ATOM   1550 C  CA  . LYS B 2 67  ? 3.768   16.919  -9.892  1.00 50.88 ? 67  LYS B CA  1 
ATOM   1551 C  C   . LYS B 2 67  ? 3.557   15.412  -9.741  1.00 51.16 ? 67  LYS B C   1 
ATOM   1552 O  O   . LYS B 2 67  ? 4.273   14.619  -10.356 1.00 51.33 ? 67  LYS B O   1 
ATOM   1553 C  CB  . LYS B 2 67  ? 4.828   17.427  -8.910  1.00 50.60 ? 67  LYS B CB  1 
ATOM   1554 C  CG  . LYS B 2 67  ? 5.751   18.429  -9.562  1.00 51.48 ? 67  LYS B CG  1 
ATOM   1555 C  CD  . LYS B 2 67  ? 6.418   19.371  -8.594  1.00 52.53 ? 67  LYS B CD  1 
ATOM   1556 C  CE  . LYS B 2 67  ? 7.285   20.374  -9.376  1.00 53.55 ? 67  LYS B CE  1 
ATOM   1557 N  NZ  . LYS B 2 67  ? 8.156   21.201  -8.496  1.00 53.64 ? 67  LYS B NZ  1 
ATOM   1558 N  N   . LEU B 2 68  ? 2.589   15.016  -8.916  1.00 51.20 ? 68  LEU B N   1 
ATOM   1559 C  CA  . LEU B 2 68  ? 2.209   13.607  -8.818  1.00 51.16 ? 68  LEU B CA  1 
ATOM   1560 C  C   . LEU B 2 68  ? 1.572   13.120  -10.144 1.00 51.18 ? 68  LEU B C   1 
ATOM   1561 O  O   . LEU B 2 68  ? 1.994   12.106  -10.698 1.00 51.68 ? 68  LEU B O   1 
ATOM   1562 C  CB  . LEU B 2 68  ? 1.309   13.370  -7.594  1.00 51.03 ? 68  LEU B CB  1 
ATOM   1563 C  CG  . LEU B 2 68  ? 1.285   12.010  -6.875  1.00 51.56 ? 68  LEU B CG  1 
ATOM   1564 C  CD1 . LEU B 2 68  ? 2.667   11.437  -6.587  1.00 49.99 ? 68  LEU B CD1 1 
ATOM   1565 C  CD2 . LEU B 2 68  ? 0.488   12.110  -5.579  1.00 52.04 ? 68  LEU B CD2 1 
ATOM   1566 N  N   . PHE B 2 69  ? 0.600   13.865  -10.670 1.00 50.72 ? 69  PHE B N   1 
ATOM   1567 C  CA  . PHE B 2 69  ? -0.017  13.541  -11.969 1.00 50.55 ? 69  PHE B CA  1 
ATOM   1568 C  C   . PHE B 2 69  ? 0.873   13.672  -13.228 1.00 50.16 ? 69  PHE B C   1 
ATOM   1569 O  O   . PHE B 2 69  ? 0.733   12.874  -14.167 1.00 50.25 ? 69  PHE B O   1 
ATOM   1570 C  CB  . PHE B 2 69  ? -1.340  14.302  -12.142 1.00 50.53 ? 69  PHE B CB  1 
ATOM   1571 C  CG  . PHE B 2 69  ? -2.407  13.867  -11.163 1.00 51.22 ? 69  PHE B CG  1 
ATOM   1572 C  CD1 . PHE B 2 69  ? -2.903  12.560  -11.191 1.00 50.79 ? 69  PHE B CD1 1 
ATOM   1573 C  CD2 . PHE B 2 69  ? -2.897  14.747  -10.204 1.00 51.14 ? 69  PHE B CD2 1 
ATOM   1574 C  CE1 . PHE B 2 69  ? -3.875  12.140  -10.283 1.00 50.33 ? 69  PHE B CE1 1 
ATOM   1575 C  CE2 . PHE B 2 69  ? -3.877  14.337  -9.292  1.00 51.21 ? 69  PHE B CE2 1 
ATOM   1576 C  CZ  . PHE B 2 69  ? -4.363  13.032  -9.336  1.00 50.96 ? 69  PHE B CZ  1 
ATOM   1577 N  N   . ALA B 2 70  ? 1.769   14.661  -13.261 1.00 49.38 ? 70  ALA B N   1 
ATOM   1578 C  CA  . ALA B 2 70  ? 2.763   14.754  -14.341 1.00 48.79 ? 70  ALA B CA  1 
ATOM   1579 C  C   . ALA B 2 70  ? 3.787   13.605  -14.294 1.00 48.24 ? 70  ALA B C   1 
ATOM   1580 O  O   . ALA B 2 70  ? 4.215   13.119  -15.331 1.00 48.36 ? 70  ALA B O   1 
ATOM   1581 C  CB  . ALA B 2 70  ? 3.467   16.116  -14.337 1.00 48.58 ? 70  ALA B CB  1 
ATOM   1582 N  N   . HIS B 2 71  ? 4.158   13.188  -13.086 1.00 47.92 ? 71  HIS B N   1 
ATOM   1583 C  CA  . HIS B 2 71  ? 5.028   12.036  -12.827 1.00 47.84 ? 71  HIS B CA  1 
ATOM   1584 C  C   . HIS B 2 71  ? 4.445   10.713  -13.347 1.00 47.63 ? 71  HIS B C   1 
ATOM   1585 O  O   . HIS B 2 71  ? 5.186   9.839   -13.792 1.00 47.34 ? 71  HIS B O   1 
ATOM   1586 C  CB  . HIS B 2 71  ? 5.315   11.939  -11.319 1.00 48.24 ? 71  HIS B CB  1 
ATOM   1587 C  CG  . HIS B 2 71  ? 6.196   10.790  -10.923 1.00 49.68 ? 71  HIS B CG  1 
ATOM   1588 N  ND1 . HIS B 2 71  ? 7.572   10.831  -11.032 1.00 50.55 ? 71  HIS B ND1 1 
ATOM   1589 C  CD2 . HIS B 2 71  ? 5.897   9.575   -10.403 1.00 49.92 ? 71  HIS B CD2 1 
ATOM   1590 C  CE1 . HIS B 2 71  ? 8.080   9.688   -10.606 1.00 49.90 ? 71  HIS B CE1 1 
ATOM   1591 N  NE2 . HIS B 2 71  ? 7.085   8.912   -10.215 1.00 50.55 ? 71  HIS B NE2 1 
ATOM   1592 N  N   . CYS B 2 72  ? 3.124   10.566  -13.273 1.00 47.63 ? 72  CYS B N   1 
ATOM   1593 C  CA  . CYS B 2 72  ? 2.452   9.380   -13.795 1.00 47.25 ? 72  CYS B CA  1 
ATOM   1594 C  C   . CYS B 2 72  ? 1.019   9.656   -14.254 1.00 46.79 ? 72  CYS B C   1 
ATOM   1595 O  O   . CYS B 2 72  ? 0.112   9.700   -13.433 1.00 46.67 ? 72  CYS B O   1 
ATOM   1596 C  CB  . CYS B 2 72  ? 2.454   8.261   -12.755 1.00 47.27 ? 72  CYS B CB  1 
ATOM   1597 S  SG  . CYS B 2 72  ? 1.851   6.697   -13.436 1.00 48.58 ? 72  CYS B SG  1 
ATOM   1598 N  N   . PRO B 2 73  ? 0.808   9.844   -15.573 1.00 46.58 ? 73  PRO B N   1 
ATOM   1599 C  CA  . PRO B 2 73  ? -0.551  10.032  -16.088 1.00 46.52 ? 73  PRO B CA  1 
ATOM   1600 C  C   . PRO B 2 73  ? -1.493  8.816   -15.957 1.00 46.53 ? 73  PRO B C   1 
ATOM   1601 O  O   . PRO B 2 73  ? -2.708  8.975   -16.082 1.00 46.89 ? 73  PRO B O   1 
ATOM   1602 C  CB  . PRO B 2 73  ? -0.316  10.418  -17.558 1.00 46.23 ? 73  PRO B CB  1 
ATOM   1603 C  CG  . PRO B 2 73  ? 1.095   10.906  -17.600 1.00 46.06 ? 73  PRO B CG  1 
ATOM   1604 C  CD  . PRO B 2 73  ? 1.799   9.979   -16.651 1.00 46.52 ? 73  PRO B CD  1 
ATOM   1605 N  N   . LEU B 2 74  ? -0.959  7.630   -15.679 1.00 46.31 ? 74  LEU B N   1 
ATOM   1606 C  CA  . LEU B 2 74  ? -1.812  6.456   -15.429 1.00 46.05 ? 74  LEU B CA  1 
ATOM   1607 C  C   . LEU B 2 74  ? -2.580  6.494   -14.098 1.00 46.35 ? 74  LEU B C   1 
ATOM   1608 O  O   . LEU B 2 74  ? -3.518  5.715   -13.903 1.00 47.00 ? 74  LEU B O   1 
ATOM   1609 C  CB  . LEU B 2 74  ? -1.014  5.152   -15.556 1.00 45.54 ? 74  LEU B CB  1 
ATOM   1610 C  CG  . LEU B 2 74  ? -0.536  4.728   -16.944 1.00 44.77 ? 74  LEU B CG  1 
ATOM   1611 C  CD1 . LEU B 2 74  ? 0.327   3.481   -16.843 1.00 43.89 ? 74  LEU B CD1 1 
ATOM   1612 C  CD2 . LEU B 2 74  ? -1.706  4.522   -17.914 1.00 42.87 ? 74  LEU B CD2 1 
ATOM   1613 N  N   . LEU B 2 75  ? -2.192  7.386   -13.188 1.00 46.37 ? 75  LEU B N   1 
ATOM   1614 C  CA  . LEU B 2 75  ? -2.951  7.609   -11.937 1.00 46.51 ? 75  LEU B CA  1 
ATOM   1615 C  C   . LEU B 2 75  ? -4.439  7.919   -12.173 1.00 46.77 ? 75  LEU B C   1 
ATOM   1616 O  O   . LEU B 2 75  ? -5.287  7.581   -11.327 1.00 46.79 ? 75  LEU B O   1 
ATOM   1617 C  CB  . LEU B 2 75  ? -2.325  8.725   -11.093 1.00 46.15 ? 75  LEU B CB  1 
ATOM   1618 C  CG  . LEU B 2 75  ? -0.941  8.489   -10.481 1.00 46.44 ? 75  LEU B CG  1 
ATOM   1619 C  CD1 . LEU B 2 75  ? -0.493  9.686   -9.658  1.00 46.42 ? 75  LEU B CD1 1 
ATOM   1620 C  CD2 . LEU B 2 75  ? -0.943  7.248   -9.630  1.00 45.82 ? 75  LEU B CD2 1 
ATOM   1621 N  N   . TRP B 2 76  ? -4.737  8.568   -13.306 1.00 46.62 ? 76  TRP B N   1 
ATOM   1622 C  CA  . TRP B 2 76  ? -6.113  8.847   -13.728 1.00 46.71 ? 76  TRP B CA  1 
ATOM   1623 C  C   . TRP B 2 76  ? -6.828  7.553   -14.080 1.00 46.92 ? 76  TRP B C   1 
ATOM   1624 O  O   . TRP B 2 76  ? -7.954  7.320   -13.642 1.00 46.79 ? 76  TRP B O   1 
ATOM   1625 C  CB  . TRP B 2 76  ? -6.155  9.786   -14.945 1.00 46.36 ? 76  TRP B CB  1 
ATOM   1626 C  CG  . TRP B 2 76  ? -5.475  11.108  -14.768 1.00 46.17 ? 76  TRP B CG  1 
ATOM   1627 C  CD1 . TRP B 2 76  ? -4.405  11.580  -15.478 1.00 45.37 ? 76  TRP B CD1 1 
ATOM   1628 C  CD2 . TRP B 2 76  ? -5.825  12.140  -13.835 1.00 46.25 ? 76  TRP B CD2 1 
ATOM   1629 N  NE1 . TRP B 2 76  ? -4.060  12.838  -15.037 1.00 45.13 ? 76  TRP B NE1 1 
ATOM   1630 C  CE2 . TRP B 2 76  ? -4.916  13.207  -14.030 1.00 46.11 ? 76  TRP B CE2 1 
ATOM   1631 C  CE3 . TRP B 2 76  ? -6.811  12.265  -12.846 1.00 45.63 ? 76  TRP B CE3 1 
ATOM   1632 C  CZ2 . TRP B 2 76  ? -4.967  14.385  -13.273 1.00 45.78 ? 76  TRP B CZ2 1 
ATOM   1633 C  CZ3 . TRP B 2 76  ? -6.858  13.428  -12.097 1.00 45.35 ? 76  TRP B CZ3 1 
ATOM   1634 C  CH2 . TRP B 2 76  ? -5.945  14.476  -12.317 1.00 45.81 ? 76  TRP B CH2 1 
ATOM   1635 N  N   . LYS B 2 77  ? -6.147  6.716   -14.865 1.00 47.71 ? 77  LYS B N   1 
ATOM   1636 C  CA  . LYS B 2 77  ? -6.664  5.410   -15.300 1.00 48.31 ? 77  LYS B CA  1 
ATOM   1637 C  C   . LYS B 2 77  ? -6.855  4.406   -14.156 1.00 48.24 ? 77  LYS B C   1 
ATOM   1638 O  O   . LYS B 2 77  ? -7.843  3.668   -14.133 1.00 48.44 ? 77  LYS B O   1 
ATOM   1639 C  CB  . LYS B 2 77  ? -5.760  4.802   -16.375 1.00 48.64 ? 77  LYS B CB  1 
ATOM   1640 C  CG  . LYS B 2 77  ? -5.458  5.720   -17.576 1.00 50.18 ? 77  LYS B CG  1 
ATOM   1641 C  CD  . LYS B 2 77  ? -6.719  6.273   -18.248 1.00 52.03 ? 77  LYS B CD  1 
ATOM   1642 C  CE  . LYS B 2 77  ? -7.180  5.420   -19.424 1.00 53.98 ? 77  LYS B CE  1 
ATOM   1643 N  NZ  . LYS B 2 77  ? -7.632  4.062   -18.997 1.00 55.66 ? 77  LYS B NZ  1 
ATOM   1644 N  N   . TRP B 2 78  ? -5.914  4.378   -13.219 1.00 48.05 ? 78  TRP B N   1 
ATOM   1645 C  CA  . TRP B 2 78  ? -5.969  3.431   -12.108 1.00 48.30 ? 78  TRP B CA  1 
ATOM   1646 C  C   . TRP B 2 78  ? -7.034  3.784   -11.063 1.00 48.44 ? 78  TRP B C   1 
ATOM   1647 O  O   . TRP B 2 78  ? -7.631  2.896   -10.460 1.00 48.21 ? 78  TRP B O   1 
ATOM   1648 C  CB  . TRP B 2 78  ? -4.594  3.265   -11.454 1.00 47.98 ? 78  TRP B CB  1 
ATOM   1649 C  CG  . TRP B 2 78  ? -3.620  2.492   -12.293 1.00 47.20 ? 78  TRP B CG  1 
ATOM   1650 C  CD1 . TRP B 2 78  ? -3.870  1.355   -13.016 1.00 47.26 ? 78  TRP B CD1 1 
ATOM   1651 C  CD2 . TRP B 2 78  ? -2.225  2.780   -12.470 1.00 47.39 ? 78  TRP B CD2 1 
ATOM   1652 N  NE1 . TRP B 2 78  ? -2.719  0.927   -13.647 1.00 46.97 ? 78  TRP B NE1 1 
ATOM   1653 C  CE2 . TRP B 2 78  ? -1.694  1.781   -13.321 1.00 47.33 ? 78  TRP B CE2 1 
ATOM   1654 C  CE3 . TRP B 2 78  ? -1.368  3.783   -11.991 1.00 47.17 ? 78  TRP B CE3 1 
ATOM   1655 C  CZ2 . TRP B 2 78  ? -0.347  1.768   -13.713 1.00 47.74 ? 78  TRP B CZ2 1 
ATOM   1656 C  CZ3 . TRP B 2 78  ? -0.025  3.756   -12.378 1.00 47.10 ? 78  TRP B CZ3 1 
ATOM   1657 C  CH2 . TRP B 2 78  ? 0.468   2.752   -13.218 1.00 46.98 ? 78  TRP B CH2 1 
ATOM   1658 N  N   . SER B 2 79  ? -7.279  5.078   -10.869 1.00 48.92 ? 79  SER B N   1 
ATOM   1659 C  CA  . SER B 2 79  ? -8.363  5.533   -9.996  1.00 49.39 ? 79  SER B CA  1 
ATOM   1660 C  C   . SER B 2 79  ? -9.708  5.740   -10.719 1.00 49.52 ? 79  SER B C   1 
ATOM   1661 O  O   . SER B 2 79  ? -10.727 5.948   -10.070 1.00 49.56 ? 79  SER B O   1 
ATOM   1662 C  CB  . SER B 2 79  ? -7.949  6.790   -9.224  1.00 49.42 ? 79  SER B CB  1 
ATOM   1663 O  OG  . SER B 2 79  ? -7.627  7.863   -10.091 1.00 50.02 ? 79  SER B OG  1 
ATOM   1664 N  N   . LYS B 2 80  ? -9.693  5.655   -12.052 1.00 50.14 ? 80  LYS B N   1 
ATOM   1665 C  CA  . LYS B 2 80  ? -10.887 5.806   -12.910 1.00 50.48 ? 80  LYS B CA  1 
ATOM   1666 C  C   . LYS B 2 80  ? -11.550 7.190   -12.840 1.00 50.57 ? 80  LYS B C   1 
ATOM   1667 O  O   . LYS B 2 80  ? -12.778 7.315   -12.890 1.00 50.32 ? 80  LYS B O   1 
ATOM   1668 C  CB  . LYS B 2 80  ? -11.899 4.680   -12.656 1.00 50.77 ? 80  LYS B CB  1 
ATOM   1669 C  CG  . LYS B 2 80  ? -11.645 3.430   -13.483 1.00 51.61 ? 80  LYS B CG  1 
ATOM   1670 C  CD  . LYS B 2 80  ? -12.383 2.236   -12.917 1.00 53.35 ? 80  LYS B CD  1 
ATOM   1671 C  CE  . LYS B 2 80  ? -11.955 0.960   -13.620 1.00 55.04 ? 80  LYS B CE  1 
ATOM   1672 N  NZ  . LYS B 2 80  ? -12.968 -0.135  -13.460 1.00 56.30 ? 80  LYS B NZ  1 
ATOM   1673 N  N   . VAL B 2 81  ? -10.707 8.218   -12.745 1.00 50.83 ? 81  VAL B N   1 
ATOM   1674 C  CA  . VAL B 2 81  ? -11.126 9.619   -12.673 1.00 50.34 ? 81  VAL B CA  1 
ATOM   1675 C  C   . VAL B 2 81  ? -10.483 10.395  -13.828 1.00 50.74 ? 81  VAL B C   1 
ATOM   1676 O  O   . VAL B 2 81  ? -9.275  10.293  -14.057 1.00 50.48 ? 81  VAL B O   1 
ATOM   1677 C  CB  . VAL B 2 81  ? -10.699 10.259  -11.322 1.00 50.01 ? 81  VAL B CB  1 
ATOM   1678 C  CG1 . VAL B 2 81  ? -11.027 11.750  -11.282 1.00 48.83 ? 81  VAL B CG1 1 
ATOM   1679 C  CG2 . VAL B 2 81  ? -11.331 9.529   -10.152 1.00 49.21 ? 81  VAL B CG2 1 
ATOM   1680 N  N   . HIS B 2 82  ? -11.300 11.166  -14.542 1.00 51.22 ? 82  HIS B N   1 
ATOM   1681 C  CA  . HIS B 2 82  ? -10.831 12.066  -15.593 1.00 52.04 ? 82  HIS B CA  1 
ATOM   1682 C  C   . HIS B 2 82  ? -10.235 13.339  -15.014 1.00 52.04 ? 82  HIS B C   1 
ATOM   1683 O  O   . HIS B 2 82  ? -10.775 13.905  -14.066 1.00 52.30 ? 82  HIS B O   1 
ATOM   1684 C  CB  . HIS B 2 82  ? -11.979 12.426  -16.533 1.00 52.36 ? 82  HIS B CB  1 
ATOM   1685 C  CG  . HIS B 2 82  ? -12.580 11.245  -17.224 1.00 54.06 ? 82  HIS B CG  1 
ATOM   1686 N  ND1 . HIS B 2 82  ? -12.080 10.742  -18.405 1.00 55.55 ? 82  HIS B ND1 1 
ATOM   1687 C  CD2 . HIS B 2 82  ? -13.630 10.457  -16.891 1.00 55.65 ? 82  HIS B CD2 1 
ATOM   1688 C  CE1 . HIS B 2 82  ? -12.803 9.699   -18.776 1.00 56.95 ? 82  HIS B CE1 1 
ATOM   1689 N  NE2 . HIS B 2 82  ? -13.752 9.508   -17.876 1.00 57.19 ? 82  HIS B NE2 1 
ATOM   1690 N  N   . GLU B 2 83  ? -9.129  13.787  -15.599 1.00 52.35 ? 83  GLU B N   1 
ATOM   1691 C  CA  . GLU B 2 83  ? -8.419  14.985  -15.148 1.00 52.69 ? 83  GLU B CA  1 
ATOM   1692 C  C   . GLU B 2 83  ? -9.310  16.219  -15.200 1.00 52.88 ? 83  GLU B C   1 
ATOM   1693 O  O   . GLU B 2 83  ? -9.215  17.090  -14.340 1.00 53.23 ? 83  GLU B O   1 
ATOM   1694 C  CB  . GLU B 2 83  ? -7.162  15.188  -15.995 1.00 52.73 ? 83  GLU B CB  1 
ATOM   1695 C  CG  . GLU B 2 83  ? -6.395  16.479  -15.741 1.00 53.72 ? 83  GLU B CG  1 
ATOM   1696 C  CD  . GLU B 2 83  ? -5.043  16.503  -16.442 1.00 55.64 ? 83  GLU B CD  1 
ATOM   1697 O  OE1 . GLU B 2 83  ? -4.998  16.275  -17.676 1.00 55.38 ? 83  GLU B OE1 1 
ATOM   1698 O  OE2 . GLU B 2 83  ? -4.028  16.754  -15.753 1.00 55.91 ? 83  GLU B OE2 1 
ATOM   1699 N  N   . GLU B 2 84  ? -10.171 16.268  -16.218 1.00 53.09 ? 84  GLU B N   1 
ATOM   1700 C  CA  . GLU B 2 84  ? -11.148 17.335  -16.424 1.00 53.19 ? 84  GLU B CA  1 
ATOM   1701 C  C   . GLU B 2 84  ? -12.070 17.507  -15.218 1.00 52.86 ? 84  GLU B C   1 
ATOM   1702 O  O   . GLU B 2 84  ? -12.386 18.632  -14.820 1.00 52.80 ? 84  GLU B O   1 
ATOM   1703 C  CB  . GLU B 2 84  ? -12.003 17.041  -17.672 1.00 53.41 ? 84  GLU B CB  1 
ATOM   1704 C  CG  . GLU B 2 84  ? -11.274 17.125  -19.033 1.00 54.73 ? 84  GLU B CG  1 
ATOM   1705 C  CD  . GLU B 2 84  ? -10.155 16.084  -19.211 1.00 57.04 ? 84  GLU B CD  1 
ATOM   1706 O  OE1 . GLU B 2 84  ? -10.329 14.904  -18.818 1.00 57.11 ? 84  GLU B OE1 1 
ATOM   1707 O  OE2 . GLU B 2 84  ? -9.090  16.457  -19.756 1.00 57.97 ? 84  GLU B OE2 1 
ATOM   1708 N  N   . ALA B 2 85  ? -12.506 16.382  -14.658 1.00 52.47 ? 85  ALA B N   1 
ATOM   1709 C  CA  . ALA B 2 85  ? -13.440 16.370  -13.541 1.00 52.25 ? 85  ALA B CA  1 
ATOM   1710 C  C   . ALA B 2 85  ? -12.743 16.770  -12.247 1.00 51.88 ? 85  ALA B C   1 
ATOM   1711 O  O   . ALA B 2 85  ? -13.292 17.524  -11.447 1.00 51.92 ? 85  ALA B O   1 
ATOM   1712 C  CB  . ALA B 2 85  ? -14.092 15.006  -13.407 1.00 52.35 ? 85  ALA B CB  1 
ATOM   1713 N  N   . PHE B 2 86  ? -11.528 16.261  -12.065 1.00 51.58 ? 86  PHE B N   1 
ATOM   1714 C  CA  . PHE B 2 86  ? -10.674 16.607  -10.936 1.00 51.39 ? 86  PHE B CA  1 
ATOM   1715 C  C   . PHE B 2 86  ? -10.397 18.113  -10.869 1.00 51.27 ? 86  PHE B C   1 
ATOM   1716 O  O   . PHE B 2 86  ? -10.483 18.715  -9.800  1.00 50.92 ? 86  PHE B O   1 
ATOM   1717 C  CB  . PHE B 2 86  ? -9.367  15.815  -11.028 1.00 51.27 ? 86  PHE B CB  1 
ATOM   1718 C  CG  . PHE B 2 86  ? -8.427  16.039  -9.876  1.00 51.25 ? 86  PHE B CG  1 
ATOM   1719 C  CD1 . PHE B 2 86  ? -8.495  15.237  -8.742  1.00 51.48 ? 86  PHE B CD1 1 
ATOM   1720 C  CD2 . PHE B 2 86  ? -7.462  17.032  -9.933  1.00 50.66 ? 86  PHE B CD2 1 
ATOM   1721 C  CE1 . PHE B 2 86  ? -7.624  15.434  -7.674  1.00 51.70 ? 86  PHE B CE1 1 
ATOM   1722 C  CE2 . PHE B 2 86  ? -6.593  17.241  -8.874  1.00 50.92 ? 86  PHE B CE2 1 
ATOM   1723 C  CZ  . PHE B 2 86  ? -6.670  16.434  -7.744  1.00 51.02 ? 86  PHE B CZ  1 
ATOM   1724 N  N   . ASP B 2 87  ? -10.072 18.704  -12.020 1.00 51.34 ? 87  ASP B N   1 
ATOM   1725 C  CA  . ASP B 2 87  ? -9.791  20.139  -12.137 1.00 51.37 ? 87  ASP B CA  1 
ATOM   1726 C  C   . ASP B 2 87  ? -10.994 21.014  -11.860 1.00 51.07 ? 87  ASP B C   1 
ATOM   1727 O  O   . ASP B 2 87  ? -10.851 22.074  -11.264 1.00 50.93 ? 87  ASP B O   1 
ATOM   1728 C  CB  . ASP B 2 87  ? -9.261  20.474  -13.530 1.00 51.69 ? 87  ASP B CB  1 
ATOM   1729 C  CG  . ASP B 2 87  ? -7.854  19.970  -13.751 1.00 52.38 ? 87  ASP B CG  1 
ATOM   1730 O  OD1 . ASP B 2 87  ? -7.038  20.053  -12.806 1.00 53.02 ? 87  ASP B OD1 1 
ATOM   1731 O  OD2 . ASP B 2 87  ? -7.572  19.496  -14.873 1.00 53.55 ? 87  ASP B OD2 1 
ATOM   1732 N  N   . ASP B 2 88  ? -12.164 20.568  -12.310 1.00 50.90 ? 88  ASP B N   1 
ATOM   1733 C  CA  . ASP B 2 88  ? -13.418 21.275  -12.082 1.00 51.00 ? 88  ASP B CA  1 
ATOM   1734 C  C   . ASP B 2 88  ? -13.841 21.245  -10.611 1.00 50.90 ? 88  ASP B C   1 
ATOM   1735 O  O   . ASP B 2 88  ? -14.514 22.162  -10.144 1.00 50.73 ? 88  ASP B O   1 
ATOM   1736 C  CB  . ASP B 2 88  ? -14.528 20.707  -12.977 1.00 51.04 ? 88  ASP B CB  1 
ATOM   1737 C  CG  . ASP B 2 88  ? -14.307 20.999  -14.465 1.00 51.57 ? 88  ASP B CG  1 
ATOM   1738 O  OD1 . ASP B 2 88  ? -13.432 21.829  -14.820 1.00 51.24 ? 88  ASP B OD1 1 
ATOM   1739 O  OD2 . ASP B 2 88  ? -15.021 20.388  -15.288 1.00 51.94 ? 88  ASP B OD2 1 
ATOM   1740 N  N   . PHE B 2 89  ? -13.433 20.192  -9.901  1.00 51.19 ? 89  PHE B N   1 
ATOM   1741 C  CA  . PHE B 2 89  ? -13.707 20.016  -8.465  1.00 51.53 ? 89  PHE B CA  1 
ATOM   1742 C  C   . PHE B 2 89  ? -12.868 20.963  -7.599  1.00 52.29 ? 89  PHE B C   1 
ATOM   1743 O  O   . PHE B 2 89  ? -13.395 21.620  -6.698  1.00 52.11 ? 89  PHE B O   1 
ATOM   1744 C  CB  . PHE B 2 89  ? -13.483 18.547  -8.066  1.00 50.94 ? 89  PHE B CB  1 
ATOM   1745 C  CG  . PHE B 2 89  ? -13.715 18.245  -6.595  1.00 49.67 ? 89  PHE B CG  1 
ATOM   1746 C  CD1 . PHE B 2 89  ? -14.999 18.240  -6.057  1.00 48.88 ? 89  PHE B CD1 1 
ATOM   1747 C  CD2 . PHE B 2 89  ? -12.646 17.910  -5.769  1.00 48.32 ? 89  PHE B CD2 1 
ATOM   1748 C  CE1 . PHE B 2 89  ? -15.211 17.939  -4.702  1.00 48.55 ? 89  PHE B CE1 1 
ATOM   1749 C  CE2 . PHE B 2 89  ? -12.842 17.610  -4.416  1.00 48.25 ? 89  PHE B CE2 1 
ATOM   1750 C  CZ  . PHE B 2 89  ? -14.126 17.619  -3.883  1.00 48.95 ? 89  PHE B CZ  1 
ATOM   1751 N  N   . LEU B 2 90  ? -11.570 21.029  -7.888  1.00 53.41 ? 90  LEU B N   1 
ATOM   1752 C  CA  . LEU B 2 90  ? -10.638 21.909  -7.180  1.00 54.60 ? 90  LEU B CA  1 
ATOM   1753 C  C   . LEU B 2 90  ? -10.554 23.325  -7.770  1.00 55.46 ? 90  LEU B C   1 
ATOM   1754 O  O   . LEU B 2 90  ? -9.936  24.211  -7.174  1.00 55.63 ? 90  LEU B O   1 
ATOM   1755 C  CB  . LEU B 2 90  ? -9.245  21.267  -7.146  1.00 54.54 ? 90  LEU B CB  1 
ATOM   1756 C  CG  . LEU B 2 90  ? -8.684  20.670  -5.843  1.00 54.93 ? 90  LEU B CG  1 
ATOM   1757 C  CD1 . LEU B 2 90  ? -9.755  20.073  -4.914  1.00 54.28 ? 90  LEU B CD1 1 
ATOM   1758 C  CD2 . LEU B 2 90  ? -7.589  19.648  -6.163  1.00 54.89 ? 90  LEU B CD2 1 
ATOM   1759 N  N   . ARG B 2 91  ? -11.216 23.530  -8.912  1.00 56.55 ? 91  ARG B N   1 
ATOM   1760 C  CA  . ARG B 2 91  ? -11.075 24.735  -9.757  1.00 57.42 ? 91  ARG B CA  1 
ATOM   1761 C  C   . ARG B 2 91  ? -9.632  25.272  -9.838  1.00 57.49 ? 91  ARG B C   1 
ATOM   1762 O  O   . ARG B 2 91  ? -9.278  26.347  -9.349  1.00 57.67 ? 91  ARG B O   1 
ATOM   1763 C  CB  . ARG B 2 91  ? -12.126 25.821  -9.420  1.00 57.78 ? 91  ARG B CB  1 
ATOM   1764 C  CG  . ARG B 2 91  ? -12.165 26.322  -7.975  1.00 59.81 ? 91  ARG B CG  1 
ATOM   1765 C  CD  . ARG B 2 91  ? -11.257 27.540  -7.768  1.00 63.10 ? 91  ARG B CD  1 
ATOM   1766 N  NE  . ARG B 2 91  ? -10.952 27.786  -6.356  1.00 64.56 ? 91  ARG B NE  1 
ATOM   1767 C  CZ  . ARG B 2 91  ? -11.170 28.936  -5.725  1.00 65.29 ? 91  ARG B CZ  1 
ATOM   1768 N  NH1 . ARG B 2 91  ? -11.692 29.975  -6.375  1.00 65.07 ? 91  ARG B NH1 1 
ATOM   1769 N  NH2 . ARG B 2 91  ? -10.854 29.050  -4.439  1.00 65.44 ? 91  ARG B NH2 1 
HETATM 1770 PB PB  . PB  C 3 .   ? -14.184 13.540  1.109   1.00 62.31 ? 96  PB  B PB  1 
HETATM 1771 O  O   . HOH D 4 .   ? -0.517  1.919   1.552   1.00 29.29 ? 128 HOH A O   1 
HETATM 1772 O  O   . HOH D 4 .   ? 5.237   -9.400  -9.031  1.00 32.26 ? 129 HOH A O   1 
HETATM 1773 O  O   . HOH D 4 .   ? -4.856  -3.759  -17.410 1.00 40.76 ? 130 HOH A O   1 
HETATM 1774 O  O   . HOH D 4 .   ? 4.111   -17.112 10.650  1.00 32.77 ? 131 HOH A O   1 
HETATM 1775 O  O   . HOH D 4 .   ? 13.491  -0.164  -6.068  1.00 41.18 ? 132 HOH A O   1 
HETATM 1776 O  O   . HOH D 4 .   ? 2.501   -13.651 14.114  1.00 32.12 ? 133 HOH A O   1 
HETATM 1777 O  O   . HOH D 4 .   ? 14.658  -6.933  2.357   1.00 44.78 ? 134 HOH A O   1 
HETATM 1778 O  O   . HOH D 4 .   ? 4.812   -19.362 -3.317  1.00 54.14 ? 135 HOH A O   1 
HETATM 1779 O  O   . HOH D 4 .   ? -4.570  -1.792  -20.142 1.00 42.65 ? 136 HOH A O   1 
HETATM 1780 O  O   . HOH D 4 .   ? -10.023 -9.274  8.657   1.00 55.49 ? 137 HOH A O   1 
HETATM 1781 O  O   . HOH D 4 .   ? -8.767  -5.322  -1.852  1.00 38.46 ? 138 HOH A O   1 
HETATM 1782 O  O   . HOH D 4 .   ? 4.905   -10.564 20.406  1.00 42.91 ? 139 HOH A O   1 
HETATM 1783 O  O   . HOH D 4 .   ? -9.555  -5.439  2.585   1.00 35.02 ? 140 HOH A O   1 
HETATM 1784 O  O   . HOH D 4 .   ? 12.435  -9.170  -8.742  1.00 38.95 ? 141 HOH A O   1 
HETATM 1785 O  O   . HOH D 4 .   ? 7.086   -18.673 3.995   1.00 34.23 ? 142 HOH A O   1 
HETATM 1786 O  O   . HOH D 4 .   ? 5.944   -19.741 13.078  1.00 38.52 ? 143 HOH A O   1 
HETATM 1787 O  O   . HOH D 4 .   ? 1.642   -25.818 8.382   1.00 49.38 ? 144 HOH A O   1 
HETATM 1788 O  O   . HOH D 4 .   ? -5.584  4.830   6.208   1.00 49.52 ? 145 HOH A O   1 
HETATM 1789 O  O   . HOH D 4 .   ? -6.890  -22.769 8.868   1.00 51.56 ? 146 HOH A O   1 
HETATM 1790 O  O   . HOH D 4 .   ? 1.628   -9.808  -9.128  1.00 40.99 ? 147 HOH A O   1 
HETATM 1791 O  O   . HOH D 4 .   ? 13.612  -11.025 3.252   1.00 44.95 ? 148 HOH A O   1 
HETATM 1792 O  O   . HOH D 4 .   ? 0.638   -12.367 20.808  1.00 46.75 ? 149 HOH A O   1 
HETATM 1793 O  O   . HOH D 4 .   ? 9.136   -18.032 5.945   1.00 40.46 ? 150 HOH A O   1 
HETATM 1794 O  O   . HOH E 4 .   ? -7.801  12.197  -17.874 1.00 45.29 ? 97  HOH B O   1 
HETATM 1795 O  O   . HOH E 4 .   ? -11.395 7.715   -6.948  1.00 33.89 ? 98  HOH B O   1 
HETATM 1796 O  O   . HOH E 4 .   ? -4.951  8.112   4.459   1.00 49.42 ? 99  HOH B O   1 
HETATM 1797 O  O   . HOH E 4 .   ? 15.192  7.671   -9.267  1.00 43.61 ? 100 HOH B O   1 
HETATM 1798 O  O   . HOH E 4 .   ? -12.377 7.155   1.390   1.00 40.06 ? 101 HOH B O   1 
HETATM 1799 O  O   . HOH E 4 .   ? -6.528  1.802   -1.031  1.00 45.81 ? 102 HOH B O   1 
HETATM 1800 O  O   . HOH E 4 .   ? 3.234   9.623   -9.522  1.00 37.94 ? 103 HOH B O   1 
HETATM 1801 O  O   . HOH E 4 .   ? -16.078 21.690  -6.052  1.00 31.27 ? 104 HOH B O   1 
HETATM 1802 O  O   . HOH E 4 .   ? -2.460  24.961  -3.140  1.00 46.46 ? 105 HOH B O   1 
HETATM 1803 O  O   . HOH E 4 .   ? 18.009  6.649   -4.175  1.00 51.72 ? 106 HOH B O   1 
HETATM 1804 O  O   . HOH E 4 .   ? 16.679  17.231  9.241   1.00 53.68 ? 107 HOH B O   1 
HETATM 1805 O  O   . HOH E 4 .   ? -16.234 17.159  -11.181 1.00 49.67 ? 108 HOH B O   1 
HETATM 1806 O  O   . HOH E 4 .   ? 11.305  24.546  -0.178  1.00 49.89 ? 109 HOH B O   1 
HETATM 1807 O  O   . HOH E 4 .   ? -19.762 6.109   -0.944  1.00 57.71 ? 110 HOH B O   1 
HETATM 1808 O  O   . HOH E 4 .   ? -4.582  18.326  -13.374 1.00 61.15 ? 111 HOH B O   1 
HETATM 1809 O  O   . HOH E 4 .   ? -5.155  13.670  7.823   1.00 48.98 ? 112 HOH B O   1 
HETATM 1810 O  O   . HOH E 4 .   ? 8.008   8.993   -13.543 1.00 64.12 ? 113 HOH B O   1 
HETATM 1811 O  O   . HOH E 4 .   ? -14.801 24.856  -11.727 1.00 49.26 ? 114 HOH B O   1 
HETATM 1812 O  O   . HOH E 4 .   ? -8.058  2.838   0.586   1.00 55.71 ? 115 HOH B O   1 
# 
